data_8EED
#
_entry.id   8EED
#
_cell.length_a   92.030
_cell.length_b   105.630
_cell.length_c   132.380
_cell.angle_alpha   82.520
_cell.angle_beta   70.480
_cell.angle_gamma   81.040
#
_symmetry.space_group_name_H-M   'P 1'
#
loop_
_entity.id
_entity.type
_entity.pdbx_description
1 polymer 'Envelope protein E'
2 polymer 'rhMZ107-B antibody heavy chain'
3 polymer 'rhMZ107-B antibody light chain'
#
loop_
_entity_poly.entity_id
_entity_poly.type
_entity_poly.pdbx_seq_one_letter_code
_entity_poly.pdbx_strand_id
1 'polypeptide(L)'
;IRCIGVSNRDFVEGMSGGTWVDVVLEHGGCVTVMAQDKPTVDIELVTTTVSNMAEVRSYCYEASISDMASDSRCPTQGEA
YLDKQSDTQYVCKRTLVDRGWGNGCGLFGKGSLVTCAKFACSKKMTGKSIQPENLEYRIMLSVHGSQHSGMIVNDTGHET
DENRAKVEITPNSPRAEATLGGFGSLGLDCEPRTGLDFSDLYYLTMNNKHWLVHKEWFHDIPLPWHAGADTGTPHWNNKE
ALVEFKDAHAKRQTVVVLGSQEGAVHTALAGALEAEMDGAKGRLSSGHLKCRLKMDKLRLKGVSYSLCTAAFTFTKIPAE
TLHGTVTVEVQYAGTDGPCKVPAQMAVDMQTLTPVGRLITANPVITESTENSKMMLELDPPFGDSYIVIGVGEKKITHHW
HRSGS
;
A,C,D,B
2 'polypeptide(L)'
;QVQLQESGPGLVKPSETLSLTCAVSGYSISSGYYWGWIRQPPGKGLEYIGYISGSSGSTYYNPSLKSRVTISKDTSKNQF
SLKLSSVTAADTAVYYCARRDRVGSYPYYYGLDSWGQGVLVTVSSASTKGPSVFPLAPSSRSTSESTAALGCLVKDYFPE
PVTVSWNSGSLTSGVHTFPAVLQSSGLYSLSSVVTVPSSSLGTQTYVCNVNHKPSNTKVDKRVEIK
;
H,M,E,I
3 'polypeptide(L)'
;QSVLTQPPSLSASPGASARLPCTLSSDLSVGSKNMYWYQQKPGSAPRLFLYYYSDSDKQLGPGVPNRVSGSKETSSNTAF
LLISGLQPEDEADYYCQVYDGSANDVFGSGTKLTVLGQPKAAPSVTLFPPSSEELQANKATLVCLISDFYPGAVEVAWKA
DGSAVNAGVETTKPSKQSNNKYAASSYLSLTSDQWKSHKSYSCQVTHEGSTVEKTVAPAE
;
L,N,F,J
#
# COMPACT_ATOMS: atom_id res chain seq x y z
N ILE A 1 27.81 -18.34 31.12
CA ILE A 1 27.31 -17.04 30.74
C ILE A 1 26.68 -17.09 29.34
N ARG A 2 26.40 -18.30 28.87
CA ARG A 2 25.71 -18.50 27.60
C ARG A 2 24.20 -18.57 27.75
N CYS A 3 23.68 -18.51 28.97
CA CYS A 3 22.26 -18.58 29.23
C CYS A 3 21.66 -17.26 29.68
N ILE A 4 22.47 -16.19 29.77
CA ILE A 4 22.00 -14.95 30.37
C ILE A 4 20.92 -14.31 29.51
N GLY A 5 21.25 -13.99 28.26
CA GLY A 5 20.31 -13.35 27.38
C GLY A 5 19.19 -14.21 26.83
N VAL A 6 19.06 -15.44 27.32
CA VAL A 6 18.05 -16.36 26.82
C VAL A 6 16.74 -16.12 27.57
N SER A 7 15.63 -16.08 26.83
CA SER A 7 14.32 -15.92 27.47
C SER A 7 13.81 -17.24 28.04
N ASN A 8 14.09 -18.35 27.37
CA ASN A 8 13.72 -19.68 27.87
C ASN A 8 14.81 -20.20 28.82
N ARG A 9 15.05 -19.41 29.86
CA ARG A 9 16.07 -19.71 30.86
C ARG A 9 15.46 -20.54 31.98
N ASP A 10 16.12 -21.64 32.33
CA ASP A 10 15.65 -22.55 33.36
C ASP A 10 16.74 -22.73 34.41
N PHE A 11 16.50 -22.23 35.62
CA PHE A 11 17.40 -22.43 36.74
C PHE A 11 17.11 -23.76 37.41
N VAL A 12 18.15 -24.40 37.92
CA VAL A 12 18.05 -25.70 38.59
C VAL A 12 19.01 -25.72 39.77
N GLU A 13 18.50 -26.11 40.93
CA GLU A 13 19.31 -26.23 42.15
C GLU A 13 19.08 -27.62 42.73
N GLY A 14 20.11 -28.45 42.73
CA GLY A 14 20.04 -29.78 43.29
C GLY A 14 20.42 -29.80 44.76
N MET A 15 20.58 -31.00 45.28
CA MET A 15 20.96 -31.17 46.68
C MET A 15 22.43 -30.77 46.87
N SER A 16 22.67 -29.90 47.84
CA SER A 16 24.03 -29.42 48.08
C SER A 16 24.90 -30.53 48.66
N GLY A 17 26.14 -30.60 48.17
CA GLY A 17 27.09 -31.60 48.61
C GLY A 17 27.08 -32.89 47.81
N GLY A 18 25.90 -33.30 47.33
CA GLY A 18 25.81 -34.52 46.55
C GLY A 18 25.98 -34.28 45.06
N THR A 19 26.26 -35.37 44.35
CA THR A 19 26.46 -35.34 42.90
C THR A 19 25.19 -35.64 42.13
N TRP A 20 24.03 -35.59 42.79
CA TRP A 20 22.75 -35.86 42.15
C TRP A 20 22.29 -34.62 41.40
N VAL A 21 22.44 -34.62 40.08
CA VAL A 21 22.03 -33.50 39.24
C VAL A 21 21.50 -34.05 37.92
N ASP A 22 20.19 -33.94 37.71
CA ASP A 22 19.55 -34.32 36.46
C ASP A 22 19.02 -33.07 35.77
N VAL A 23 19.30 -32.94 34.48
CA VAL A 23 18.99 -31.74 33.72
C VAL A 23 18.24 -32.12 32.45
N VAL A 24 17.20 -31.35 32.13
CA VAL A 24 16.45 -31.50 30.89
C VAL A 24 16.86 -30.36 29.96
N LEU A 25 17.48 -30.70 28.84
CA LEU A 25 17.90 -29.71 27.86
C LEU A 25 16.89 -29.61 26.73
N GLU A 26 16.75 -28.40 26.19
CA GLU A 26 15.81 -28.13 25.12
C GLU A 26 16.53 -27.36 24.01
N HIS A 27 16.05 -27.54 22.78
CA HIS A 27 16.62 -26.82 21.64
C HIS A 27 16.24 -25.35 21.74
N GLY A 28 17.25 -24.47 21.80
CA GLY A 28 17.04 -23.07 22.05
C GLY A 28 16.77 -22.73 23.51
N GLY A 29 16.46 -23.72 24.34
CA GLY A 29 16.27 -23.48 25.76
C GLY A 29 17.56 -23.71 26.51
N CYS A 30 17.93 -22.72 27.32
CA CYS A 30 19.19 -22.74 28.05
C CYS A 30 18.93 -23.14 29.50
N VAL A 31 19.88 -23.88 30.08
CA VAL A 31 19.77 -24.38 31.45
C VAL A 31 20.92 -23.81 32.27
N THR A 32 20.60 -23.19 33.39
CA THR A 32 21.58 -22.67 34.33
C THR A 32 21.48 -23.51 35.60
N VAL A 33 22.51 -24.32 35.86
CA VAL A 33 22.55 -25.20 37.02
C VAL A 33 23.67 -24.71 37.94
N MET A 34 23.33 -24.46 39.20
CA MET A 34 24.26 -23.96 40.20
C MET A 34 24.29 -24.91 41.39
N ALA A 35 25.46 -25.01 42.01
CA ALA A 35 25.66 -25.87 43.17
C ALA A 35 26.23 -25.04 44.32
N GLN A 36 26.34 -25.69 45.49
CA GLN A 36 26.85 -25.00 46.66
C GLN A 36 28.37 -24.86 46.62
N ASP A 37 29.08 -25.99 46.56
CA ASP A 37 30.53 -26.00 46.53
C ASP A 37 31.10 -26.13 45.13
N LYS A 38 30.29 -25.92 44.10
CA LYS A 38 30.73 -25.98 42.72
C LYS A 38 30.41 -24.67 42.01
N PRO A 39 31.22 -24.28 41.03
CA PRO A 39 30.93 -23.06 40.27
C PRO A 39 29.68 -23.23 39.42
N THR A 40 28.91 -22.16 39.28
CA THR A 40 27.70 -22.19 38.48
C THR A 40 28.05 -22.46 37.02
N VAL A 41 27.32 -23.39 36.41
CA VAL A 41 27.59 -23.83 35.05
C VAL A 41 26.33 -23.64 34.20
N ASP A 42 26.53 -23.26 32.94
CA ASP A 42 25.45 -23.11 31.97
C ASP A 42 25.62 -24.16 30.88
N ILE A 43 24.53 -24.84 30.53
CA ILE A 43 24.53 -25.87 29.51
C ILE A 43 23.36 -25.64 28.56
N GLU A 44 23.58 -25.90 27.28
CA GLU A 44 22.56 -25.71 26.26
C GLU A 44 22.80 -26.68 25.11
N LEU A 45 21.70 -27.16 24.54
CA LEU A 45 21.75 -28.00 23.35
C LEU A 45 21.63 -27.10 22.12
N VAL A 46 22.72 -26.95 21.38
CA VAL A 46 22.81 -25.95 20.33
C VAL A 46 22.48 -26.56 18.96
N THR A 47 22.80 -27.83 18.76
CA THR A 47 22.64 -28.44 17.46
C THR A 47 22.24 -29.90 17.62
N THR A 48 21.37 -30.37 16.72
CA THR A 48 20.97 -31.77 16.62
C THR A 48 21.13 -32.17 15.15
N THR A 49 22.34 -32.60 14.78
CA THR A 49 22.66 -32.88 13.40
C THR A 49 22.24 -34.28 13.00
N VAL A 50 21.82 -34.42 11.75
CA VAL A 50 21.36 -35.69 11.20
C VAL A 50 22.04 -35.86 9.84
N SER A 51 22.92 -36.86 9.73
CA SER A 51 23.75 -37.03 8.55
C SER A 51 23.69 -38.47 8.05
N ASN A 52 23.90 -38.63 6.74
CA ASN A 52 24.01 -39.94 6.09
C ASN A 52 22.83 -40.84 6.41
N MET A 53 21.63 -40.31 6.22
CA MET A 53 20.43 -41.11 6.30
C MET A 53 20.04 -41.64 4.91
N ALA A 54 19.24 -42.69 4.91
CA ALA A 54 18.87 -43.38 3.69
C ALA A 54 17.38 -43.25 3.43
N GLU A 55 17.01 -43.41 2.16
CA GLU A 55 15.63 -43.23 1.75
C GLU A 55 14.78 -44.44 2.11
N VAL A 56 13.48 -44.17 2.35
CA VAL A 56 12.52 -45.22 2.67
C VAL A 56 11.37 -45.26 1.67
N ARG A 57 10.86 -44.09 1.28
CA ARG A 57 9.75 -44.01 0.33
C ARG A 57 9.72 -42.60 -0.25
N SER A 58 9.73 -42.51 -1.58
CA SER A 58 9.78 -41.24 -2.29
C SER A 58 8.48 -41.02 -3.03
N TYR A 59 7.80 -39.92 -2.74
CA TYR A 59 6.54 -39.57 -3.39
C TYR A 59 6.77 -38.57 -4.51
N CYS A 60 5.90 -38.61 -5.50
CA CYS A 60 5.95 -37.69 -6.64
C CYS A 60 4.76 -36.73 -6.56
N TYR A 61 5.06 -35.44 -6.43
CA TYR A 61 4.01 -34.43 -6.34
C TYR A 61 3.83 -33.62 -7.61
N GLU A 62 4.70 -33.80 -8.61
CA GLU A 62 4.52 -33.16 -9.91
C GLU A 62 4.89 -34.17 -10.99
N ALA A 63 3.92 -34.54 -11.82
CA ALA A 63 4.12 -35.50 -12.87
C ALA A 63 3.52 -34.98 -14.18
N SER A 64 4.05 -35.47 -15.29
CA SER A 64 3.59 -35.08 -16.61
C SER A 64 3.50 -36.32 -17.49
N ILE A 65 2.41 -36.43 -18.25
CA ILE A 65 2.16 -37.59 -19.08
C ILE A 65 2.47 -37.25 -20.53
N SER A 66 2.68 -38.29 -21.34
CA SER A 66 2.95 -38.13 -22.75
C SER A 66 2.56 -39.42 -23.46
N ASP A 67 2.69 -39.43 -24.79
CA ASP A 67 2.40 -40.59 -25.62
C ASP A 67 0.97 -41.09 -25.40
N MET A 68 0.02 -40.15 -25.31
CA MET A 68 -1.37 -40.50 -25.10
C MET A 68 -1.94 -41.18 -26.35
N ALA A 69 -2.49 -42.38 -26.16
CA ALA A 69 -3.01 -43.18 -27.25
C ALA A 69 -4.25 -43.93 -26.78
N SER A 70 -5.16 -44.19 -27.73
CA SER A 70 -6.39 -44.90 -27.44
C SER A 70 -6.67 -45.91 -28.55
N ASP A 71 -7.43 -46.95 -28.19
CA ASP A 71 -7.88 -47.96 -29.14
C ASP A 71 -9.34 -48.27 -28.84
N SER A 72 -10.15 -48.34 -29.89
CA SER A 72 -11.59 -48.54 -29.73
C SER A 72 -12.10 -49.48 -30.81
N ARG A 73 -12.98 -50.40 -30.41
CA ARG A 73 -13.65 -51.31 -31.32
C ARG A 73 -15.15 -51.28 -31.07
N CYS A 74 -15.92 -51.43 -32.15
CA CYS A 74 -17.37 -51.42 -32.04
C CYS A 74 -17.83 -52.65 -31.26
N PRO A 75 -19.04 -52.61 -30.71
CA PRO A 75 -19.54 -53.78 -29.95
C PRO A 75 -19.53 -55.04 -30.78
N THR A 76 -19.59 -56.17 -30.06
CA THR A 76 -19.48 -57.54 -30.56
C THR A 76 -18.08 -57.86 -31.06
N GLN A 77 -17.16 -56.90 -31.06
CA GLN A 77 -15.78 -57.13 -31.45
C GLN A 77 -14.86 -57.33 -30.25
N GLY A 78 -15.40 -57.80 -29.12
CA GLY A 78 -14.61 -58.04 -27.94
C GLY A 78 -14.24 -56.78 -27.17
N GLU A 79 -12.97 -56.69 -26.75
CA GLU A 79 -12.48 -55.57 -25.97
C GLU A 79 -11.24 -55.00 -26.62
N ALA A 80 -11.05 -53.69 -26.47
CA ALA A 80 -9.90 -53.01 -27.05
C ALA A 80 -8.62 -53.42 -26.34
N TYR A 81 -7.50 -53.07 -26.96
CA TYR A 81 -6.18 -53.42 -26.41
C TYR A 81 -5.14 -52.50 -27.02
N LEU A 82 -4.15 -52.11 -26.21
CA LEU A 82 -3.04 -51.30 -26.66
C LEU A 82 -1.72 -52.00 -26.32
N ASP A 83 -0.71 -51.76 -27.15
CA ASP A 83 0.59 -52.40 -26.95
C ASP A 83 1.26 -51.91 -25.67
N LYS A 84 1.21 -50.60 -25.43
CA LYS A 84 1.85 -50.00 -24.25
C LYS A 84 0.98 -50.09 -23.00
N GLN A 85 -0.16 -50.79 -23.04
CA GLN A 85 -1.02 -50.86 -21.88
C GLN A 85 -0.43 -51.78 -20.81
N SER A 86 0.40 -52.74 -21.21
CA SER A 86 1.08 -53.60 -20.25
C SER A 86 2.40 -53.01 -19.77
N ASP A 87 2.93 -52.02 -20.48
CA ASP A 87 4.18 -51.39 -20.08
C ASP A 87 4.01 -50.61 -18.79
N THR A 88 5.00 -50.71 -17.91
CA THR A 88 5.02 -49.90 -16.70
C THR A 88 5.19 -48.42 -17.07
N GLN A 89 5.03 -47.56 -16.05
CA GLN A 89 5.09 -46.12 -16.23
C GLN A 89 4.02 -45.63 -17.21
N TYR A 90 2.91 -46.36 -17.28
CA TYR A 90 1.76 -46.00 -18.11
C TYR A 90 0.51 -46.05 -17.27
N VAL A 91 -0.44 -45.18 -17.60
CA VAL A 91 -1.75 -45.12 -16.96
C VAL A 91 -2.80 -45.44 -18.00
N CYS A 92 -3.66 -46.43 -17.70
CA CYS A 92 -4.66 -46.88 -18.66
C CYS A 92 -6.01 -47.03 -17.99
N LYS A 93 -7.05 -46.97 -18.81
CA LYS A 93 -8.42 -47.15 -18.35
C LYS A 93 -9.28 -47.64 -19.51
N ARG A 94 -10.09 -48.66 -19.26
CA ARG A 94 -10.98 -49.25 -20.24
C ARG A 94 -12.43 -48.93 -19.87
N THR A 95 -13.17 -48.37 -20.81
CA THR A 95 -14.58 -48.05 -20.58
C THR A 95 -15.33 -48.16 -21.90
N LEU A 96 -16.62 -47.83 -21.86
CA LEU A 96 -17.51 -47.99 -22.99
C LEU A 96 -18.00 -46.62 -23.48
N VAL A 97 -18.21 -46.53 -24.79
CA VAL A 97 -18.72 -45.31 -25.42
C VAL A 97 -19.87 -45.69 -26.34
N ASP A 98 -20.70 -44.71 -26.64
CA ASP A 98 -21.82 -44.92 -27.56
C ASP A 98 -21.30 -45.15 -28.98
N ARG A 99 -21.81 -46.19 -29.63
CA ARG A 99 -21.37 -46.56 -30.97
C ARG A 99 -22.56 -46.99 -31.80
N GLY A 100 -22.55 -46.61 -33.08
CA GLY A 100 -23.62 -46.98 -33.98
C GLY A 100 -23.20 -46.79 -35.42
N TRP A 101 -24.20 -46.80 -36.31
CA TRP A 101 -23.93 -46.65 -37.73
C TRP A 101 -23.31 -45.30 -38.06
N GLY A 102 -23.66 -44.26 -37.31
CA GLY A 102 -23.12 -42.93 -37.56
C GLY A 102 -21.62 -42.84 -37.37
N ASN A 103 -21.03 -43.74 -36.58
CA ASN A 103 -19.60 -43.76 -36.35
C ASN A 103 -18.85 -44.70 -37.28
N GLY A 104 -19.57 -45.57 -37.99
CA GLY A 104 -18.95 -46.60 -38.81
C GLY A 104 -18.97 -47.92 -38.09
N CYS A 105 -19.97 -48.75 -38.41
CA CYS A 105 -20.25 -49.95 -37.63
C CYS A 105 -21.34 -50.74 -38.34
N GLY A 106 -21.73 -51.86 -37.74
CA GLY A 106 -22.84 -52.64 -38.22
C GLY A 106 -23.92 -52.84 -37.17
N LEU A 107 -23.54 -52.66 -35.90
CA LEU A 107 -24.45 -52.82 -34.78
C LEU A 107 -24.43 -51.57 -33.92
N PHE A 108 -25.36 -51.49 -32.98
CA PHE A 108 -25.47 -50.38 -32.05
C PHE A 108 -25.17 -50.85 -30.63
N GLY A 109 -24.96 -49.89 -29.74
CA GLY A 109 -24.68 -50.18 -28.35
C GLY A 109 -23.38 -49.58 -27.88
N LYS A 110 -22.84 -50.16 -26.80
CA LYS A 110 -21.62 -49.65 -26.19
C LYS A 110 -20.40 -50.33 -26.80
N GLY A 111 -19.47 -49.53 -27.29
CA GLY A 111 -18.20 -50.03 -27.78
C GLY A 111 -17.26 -50.41 -26.66
N SER A 112 -15.97 -50.42 -26.97
CA SER A 112 -14.95 -50.75 -25.99
C SER A 112 -13.68 -49.99 -26.35
N LEU A 113 -13.23 -49.11 -25.46
CA LEU A 113 -12.03 -48.34 -25.72
C LEU A 113 -11.15 -48.30 -24.47
N VAL A 114 -9.84 -48.29 -24.71
CA VAL A 114 -8.84 -48.16 -23.65
C VAL A 114 -7.90 -47.03 -24.04
N THR A 115 -7.59 -46.15 -23.08
CA THR A 115 -6.68 -45.05 -23.30
C THR A 115 -5.47 -45.21 -22.39
N CYS A 116 -4.31 -44.74 -22.86
CA CYS A 116 -3.08 -44.86 -22.08
C CYS A 116 -2.21 -43.65 -22.31
N ALA A 117 -1.42 -43.31 -21.29
CA ALA A 117 -0.47 -42.21 -21.35
C ALA A 117 0.78 -42.58 -20.57
N LYS A 118 1.93 -42.10 -21.06
CA LYS A 118 3.22 -42.48 -20.49
C LYS A 118 3.50 -41.61 -19.27
N PHE A 119 3.52 -42.24 -18.09
CA PHE A 119 3.75 -41.51 -16.85
C PHE A 119 5.19 -41.06 -16.75
N ALA A 120 5.40 -39.87 -16.19
CA ALA A 120 6.73 -39.33 -15.98
C ALA A 120 6.66 -38.27 -14.90
N CYS A 121 7.49 -38.40 -13.87
CA CYS A 121 7.49 -37.47 -12.75
C CYS A 121 8.41 -36.29 -13.03
N SER A 122 7.97 -35.10 -12.63
CA SER A 122 8.75 -33.87 -12.79
C SER A 122 9.43 -33.42 -11.51
N LYS A 123 8.76 -33.56 -10.37
CA LYS A 123 9.32 -33.17 -9.07
C LYS A 123 8.94 -34.21 -8.04
N LYS A 124 9.92 -34.64 -7.25
CA LYS A 124 9.74 -35.70 -6.27
C LYS A 124 9.98 -35.17 -4.86
N MET A 125 9.38 -35.87 -3.89
CA MET A 125 9.65 -35.64 -2.47
C MET A 125 10.08 -36.96 -1.85
N THR A 126 11.12 -36.90 -1.02
CA THR A 126 11.78 -38.09 -0.48
C THR A 126 11.66 -38.11 1.03
N GLY A 127 11.31 -39.27 1.57
CA GLY A 127 11.24 -39.46 3.01
C GLY A 127 12.34 -40.36 3.53
N LYS A 128 13.26 -39.80 4.30
CA LYS A 128 14.40 -40.54 4.82
C LYS A 128 14.10 -41.07 6.22
N SER A 129 14.98 -41.94 6.70
CA SER A 129 14.84 -42.57 8.01
C SER A 129 15.91 -41.98 8.92
N ILE A 130 15.50 -41.66 10.15
CA ILE A 130 16.42 -41.16 11.17
C ILE A 130 16.84 -42.37 11.99
N GLN A 131 18.08 -42.82 11.80
CA GLN A 131 18.61 -44.00 12.47
C GLN A 131 19.58 -43.51 13.52
N PRO A 132 19.71 -44.20 14.67
CA PRO A 132 20.63 -43.72 15.72
C PRO A 132 22.10 -43.71 15.32
N GLU A 133 22.41 -44.09 14.08
CA GLU A 133 23.80 -44.12 13.65
C GLU A 133 24.42 -42.73 13.57
N ASN A 134 23.61 -41.68 13.42
CA ASN A 134 24.13 -40.31 13.30
C ASN A 134 23.13 -39.36 13.93
N LEU A 135 23.43 -38.87 15.12
CA LEU A 135 22.59 -37.85 15.76
C LEU A 135 23.41 -36.68 16.30
N GLU A 136 24.65 -36.97 16.72
CA GLU A 136 25.68 -35.96 16.98
C GLU A 136 25.16 -34.71 17.68
N TYR A 137 24.57 -34.90 18.86
CA TYR A 137 24.15 -33.74 19.64
C TYR A 137 25.36 -32.96 20.13
N ARG A 138 25.24 -31.63 20.12
CA ARG A 138 26.29 -30.74 20.62
C ARG A 138 25.75 -29.93 21.78
N ILE A 139 26.43 -29.99 22.91
CA ILE A 139 26.02 -29.31 24.13
C ILE A 139 27.10 -28.31 24.50
N MET A 140 26.77 -27.02 24.43
CA MET A 140 27.72 -25.97 24.76
C MET A 140 27.69 -25.67 26.26
N LEU A 141 28.87 -25.43 26.82
CA LEU A 141 29.04 -25.19 28.25
C LEU A 141 29.72 -23.84 28.47
N SER A 142 29.23 -23.11 29.47
CA SER A 142 29.81 -21.82 29.85
C SER A 142 29.72 -21.67 31.35
N VAL A 143 30.88 -21.56 32.00
CA VAL A 143 30.94 -21.43 33.45
C VAL A 143 31.01 -19.96 33.83
N HIS A 144 30.63 -19.66 35.07
CA HIS A 144 30.56 -18.30 35.57
C HIS A 144 31.78 -17.95 36.42
N GLY A 145 32.06 -16.65 36.53
CA GLY A 145 33.16 -16.16 37.33
C GLY A 145 34.08 -15.21 36.57
N SER A 146 33.87 -15.13 35.26
CA SER A 146 34.72 -14.35 34.35
C SER A 146 33.85 -13.90 33.18
N GLN A 147 34.50 -13.60 32.04
CA GLN A 147 33.78 -13.42 30.77
C GLN A 147 32.84 -12.22 30.75
N HIS A 148 33.45 -11.03 30.72
CA HIS A 148 32.75 -9.74 30.71
C HIS A 148 31.42 -9.70 29.94
N SER A 149 31.41 -10.10 28.67
CA SER A 149 30.20 -9.89 27.89
C SER A 149 30.07 -10.89 26.75
N GLY A 150 28.82 -11.15 26.35
CA GLY A 150 28.51 -12.04 25.25
C GLY A 150 28.05 -13.40 25.73
N MET A 151 27.72 -14.25 24.76
CA MET A 151 27.48 -15.66 25.05
C MET A 151 28.78 -16.44 24.91
N ILE A 152 29.33 -16.49 23.70
CA ILE A 152 30.71 -16.87 23.44
C ILE A 152 31.05 -16.39 22.04
N VAL A 153 32.16 -15.66 21.90
CA VAL A 153 32.57 -15.14 20.59
C VAL A 153 34.09 -15.24 20.47
N HIS A 158 34.78 -19.81 20.79
CA HIS A 158 35.49 -19.49 19.56
C HIS A 158 36.99 -19.36 19.81
N GLU A 159 37.51 -20.24 20.66
CA GLU A 159 38.94 -20.37 20.92
C GLU A 159 39.17 -21.66 21.71
N THR A 160 40.43 -21.91 22.04
CA THR A 160 40.83 -23.15 22.70
C THR A 160 40.76 -23.16 24.22
N ASP A 161 40.83 -22.00 24.85
CA ASP A 161 41.01 -21.94 26.30
C ASP A 161 39.72 -22.33 27.01
N GLU A 162 39.75 -22.22 28.34
CA GLU A 162 38.64 -22.62 29.19
C GLU A 162 37.48 -21.63 29.19
N ASN A 163 36.57 -21.80 30.16
CA ASN A 163 35.39 -20.97 30.38
C ASN A 163 34.32 -21.25 29.32
N ARG A 164 34.66 -22.05 28.31
CA ARG A 164 33.73 -22.42 27.25
C ARG A 164 34.10 -23.81 26.78
N ALA A 165 33.15 -24.74 26.86
CA ALA A 165 33.39 -26.13 26.46
C ALA A 165 32.29 -26.60 25.54
N LYS A 166 32.58 -27.68 24.82
CA LYS A 166 31.62 -28.31 23.92
C LYS A 166 31.57 -29.81 24.19
N VAL A 167 30.40 -30.40 24.00
CA VAL A 167 30.16 -31.81 24.29
C VAL A 167 29.54 -32.46 23.06
N GLU A 168 30.07 -33.61 22.67
CA GLU A 168 29.54 -34.39 21.56
C GLU A 168 28.81 -35.61 22.12
N ILE A 169 27.61 -35.87 21.59
CA ILE A 169 26.76 -36.96 22.08
C ILE A 169 26.27 -37.76 20.88
N THR A 170 26.26 -39.09 21.02
CA THR A 170 25.74 -39.99 19.99
C THR A 170 25.10 -41.17 20.71
N PRO A 171 23.98 -41.69 20.21
CA PRO A 171 23.34 -42.84 20.91
C PRO A 171 24.24 -44.03 21.09
N ASN A 172 25.26 -44.21 20.26
CA ASN A 172 26.23 -45.27 20.47
C ASN A 172 27.47 -44.80 21.22
N SER A 173 27.56 -43.49 21.53
CA SER A 173 28.66 -42.95 22.30
C SER A 173 28.14 -41.84 23.23
N PRO A 174 27.24 -42.19 24.16
CA PRO A 174 26.63 -41.15 25.00
C PRO A 174 27.52 -40.65 26.13
N ARG A 175 28.56 -41.38 26.49
CA ARG A 175 29.44 -40.99 27.58
C ARG A 175 30.43 -39.95 27.09
N ALA A 176 30.46 -38.80 27.74
CA ALA A 176 31.37 -37.72 27.37
C ALA A 176 31.63 -36.85 28.59
N GLU A 177 32.89 -36.50 28.81
CA GLU A 177 33.30 -35.66 29.95
C GLU A 177 34.01 -34.44 29.39
N ALA A 178 33.37 -33.28 29.51
CA ALA A 178 33.97 -32.02 29.06
C ALA A 178 34.95 -31.53 30.12
N THR A 179 36.22 -31.39 29.73
CA THR A 179 37.25 -30.95 30.65
C THR A 179 37.27 -29.44 30.74
N LEU A 180 37.46 -28.93 31.97
CA LEU A 180 37.62 -27.51 32.24
C LEU A 180 38.91 -27.34 33.02
N GLY A 181 39.97 -26.97 32.32
CA GLY A 181 41.33 -26.94 32.86
C GLY A 181 41.48 -26.42 34.28
N GLY A 182 40.82 -25.31 34.59
CA GLY A 182 40.90 -24.73 35.91
C GLY A 182 39.80 -25.20 36.84
N PHE A 183 38.60 -25.37 36.31
CA PHE A 183 37.44 -25.75 37.11
C PHE A 183 37.27 -27.25 37.24
N GLY A 184 38.17 -28.04 36.66
CA GLY A 184 38.04 -29.48 36.70
C GLY A 184 37.05 -30.00 35.69
N SER A 185 37.19 -31.28 35.36
CA SER A 185 36.35 -31.89 34.33
C SER A 185 34.90 -32.02 34.81
N LEU A 186 33.98 -31.78 33.89
CA LEU A 186 32.56 -32.03 34.12
C LEU A 186 32.11 -33.14 33.17
N GLY A 187 31.50 -34.18 33.71
CA GLY A 187 31.10 -35.32 32.94
C GLY A 187 29.59 -35.48 32.92
N LEU A 188 29.06 -35.97 31.80
CA LEU A 188 27.65 -36.27 31.69
C LEU A 188 27.46 -37.45 30.75
N ASP A 189 26.44 -38.25 31.03
CA ASP A 189 26.01 -39.32 30.14
C ASP A 189 24.54 -39.07 29.84
N CYS A 190 24.31 -38.21 28.85
CA CYS A 190 22.95 -37.88 28.45
C CYS A 190 22.29 -39.09 27.82
N GLU A 191 21.05 -39.37 28.23
CA GLU A 191 20.25 -40.31 27.47
C GLU A 191 20.06 -39.73 26.09
N PRO A 192 20.67 -40.30 25.05
CA PRO A 192 20.48 -39.73 23.70
C PRO A 192 19.04 -39.78 23.25
N ARG A 193 18.26 -40.70 23.80
CA ARG A 193 16.85 -40.79 23.48
C ARG A 193 16.04 -40.04 24.55
N THR A 194 14.72 -40.04 24.34
CA THR A 194 13.71 -39.20 25.02
C THR A 194 13.84 -37.78 24.50
N GLY A 195 14.91 -37.51 23.76
CA GLY A 195 14.87 -36.47 22.78
C GLY A 195 14.06 -36.94 21.59
N LEU A 196 13.35 -35.99 20.97
CA LEU A 196 12.18 -36.25 20.13
C LEU A 196 12.21 -37.56 19.35
N ASP A 197 13.36 -37.90 18.77
CA ASP A 197 13.48 -39.06 17.89
C ASP A 197 12.99 -40.35 18.55
N PHE A 198 12.28 -41.15 17.77
CA PHE A 198 12.05 -42.58 18.04
C PHE A 198 11.47 -43.18 16.76
N SER A 199 10.99 -44.42 16.86
CA SER A 199 10.62 -45.21 15.68
C SER A 199 9.61 -44.52 14.78
N ASP A 200 8.89 -43.52 15.29
CA ASP A 200 7.71 -43.00 14.60
C ASP A 200 8.00 -41.91 13.58
N LEU A 201 9.18 -41.30 13.62
CA LEU A 201 9.42 -40.10 12.81
C LEU A 201 10.29 -40.39 11.59
N TYR A 202 10.05 -39.62 10.54
CA TYR A 202 10.83 -39.65 9.30
C TYR A 202 11.34 -38.24 9.00
N TYR A 203 12.31 -38.16 8.08
CA TYR A 203 12.90 -36.89 7.66
C TYR A 203 12.48 -36.61 6.22
N LEU A 204 11.50 -35.73 6.06
CA LEU A 204 10.89 -35.46 4.76
C LEU A 204 11.50 -34.21 4.13
N THR A 205 11.86 -34.31 2.85
CA THR A 205 12.35 -33.19 2.05
C THR A 205 11.61 -33.19 0.73
N MET A 206 11.02 -32.05 0.36
CA MET A 206 10.20 -31.99 -0.85
C MET A 206 10.78 -31.09 -1.94
N ASN A 207 10.92 -29.79 -1.69
CA ASN A 207 11.49 -28.93 -2.72
C ASN A 207 12.94 -28.59 -2.41
N ASN A 208 13.16 -27.84 -1.33
CA ASN A 208 14.45 -27.72 -0.69
C ASN A 208 14.31 -27.56 0.81
N LYS A 209 13.08 -27.45 1.32
CA LYS A 209 12.81 -27.32 2.74
C LYS A 209 12.48 -28.69 3.31
N HIS A 210 12.74 -28.84 4.61
CA HIS A 210 12.75 -30.15 5.24
C HIS A 210 11.94 -30.11 6.54
N TRP A 211 11.29 -31.24 6.84
CA TRP A 211 10.44 -31.36 8.01
C TRP A 211 10.63 -32.74 8.63
N LEU A 212 10.11 -32.89 9.84
CA LEU A 212 9.96 -34.18 10.48
C LEU A 212 8.49 -34.59 10.44
N VAL A 213 8.24 -35.88 10.30
CA VAL A 213 6.90 -36.37 10.02
C VAL A 213 6.70 -37.71 10.73
N HIS A 214 5.54 -37.86 11.38
CA HIS A 214 5.14 -39.14 11.92
C HIS A 214 4.98 -40.15 10.79
N LYS A 215 5.66 -41.29 10.91
CA LYS A 215 5.72 -42.24 9.80
C LYS A 215 4.34 -42.82 9.48
N GLU A 216 3.49 -42.99 10.49
CA GLU A 216 2.15 -43.49 10.23
C GLU A 216 1.35 -42.52 9.37
N TRP A 217 1.67 -41.22 9.46
CA TRP A 217 1.05 -40.24 8.57
C TRP A 217 1.74 -40.23 7.20
N PHE A 218 3.05 -40.48 7.16
CA PHE A 218 3.77 -40.42 5.90
C PHE A 218 3.47 -41.63 5.01
N HIS A 219 3.14 -42.77 5.62
CA HIS A 219 2.93 -43.99 4.85
C HIS A 219 1.65 -43.97 4.03
N ASP A 220 0.70 -43.10 4.37
CA ASP A 220 -0.58 -43.09 3.68
C ASP A 220 -0.86 -41.75 3.01
N ILE A 221 0.12 -41.22 2.29
CA ILE A 221 -0.06 -40.01 1.49
C ILE A 221 -0.57 -40.43 0.13
N PRO A 222 -1.76 -40.00 -0.29
CA PRO A 222 -2.30 -40.44 -1.58
C PRO A 222 -1.61 -39.77 -2.76
N LEU A 223 -0.43 -40.26 -3.13
CA LEU A 223 0.36 -39.72 -4.22
C LEU A 223 1.15 -40.86 -4.84
N PRO A 224 1.65 -40.69 -6.07
CA PRO A 224 2.56 -41.69 -6.65
C PRO A 224 3.82 -41.82 -5.81
N TRP A 225 4.42 -43.00 -5.85
CA TRP A 225 5.57 -43.26 -4.97
C TRP A 225 6.32 -44.48 -5.46
N HIS A 226 7.59 -44.56 -5.04
CA HIS A 226 8.40 -45.76 -5.20
C HIS A 226 9.20 -45.96 -3.92
N ALA A 227 9.67 -47.19 -3.72
CA ALA A 227 10.23 -47.58 -2.42
C ALA A 227 11.63 -47.04 -2.21
N GLY A 228 12.58 -47.45 -3.05
CA GLY A 228 13.97 -47.18 -2.76
C GLY A 228 14.49 -45.83 -3.22
N ALA A 229 15.58 -45.83 -3.98
CA ALA A 229 16.26 -44.62 -4.43
C ALA A 229 16.59 -44.71 -5.91
N ASP A 230 15.61 -45.12 -6.72
CA ASP A 230 15.81 -45.19 -8.16
C ASP A 230 16.04 -43.80 -8.71
N THR A 231 17.21 -43.59 -9.32
CA THR A 231 17.63 -42.25 -9.75
C THR A 231 17.14 -41.93 -11.16
N GLY A 232 17.47 -42.77 -12.14
CA GLY A 232 17.17 -42.48 -13.53
C GLY A 232 15.74 -42.71 -13.92
N THR A 233 15.28 -43.97 -13.87
CA THR A 233 13.95 -44.36 -14.31
C THR A 233 13.27 -45.15 -13.19
N PRO A 234 12.50 -44.49 -12.34
CA PRO A 234 11.82 -45.19 -11.25
C PRO A 234 10.58 -45.91 -11.73
N HIS A 235 10.23 -46.98 -11.02
CA HIS A 235 8.99 -47.71 -11.24
C HIS A 235 7.98 -47.19 -10.22
N TRP A 236 7.09 -46.31 -10.67
CA TRP A 236 6.16 -45.65 -9.77
C TRP A 236 5.00 -46.58 -9.41
N ASN A 237 4.51 -46.43 -8.19
CA ASN A 237 3.34 -47.15 -7.70
C ASN A 237 2.16 -46.20 -7.60
N ASN A 238 0.99 -46.69 -8.01
CA ASN A 238 -0.25 -45.91 -8.00
C ASN A 238 -0.08 -44.61 -8.81
N LYS A 239 0.28 -44.80 -10.09
CA LYS A 239 0.38 -43.66 -10.99
C LYS A 239 -0.98 -43.01 -11.22
N GLU A 240 -2.06 -43.74 -10.95
CA GLU A 240 -3.42 -43.22 -11.11
C GLU A 240 -3.76 -42.14 -10.11
N ALA A 241 -2.90 -41.87 -9.12
CA ALA A 241 -3.20 -40.84 -8.13
C ALA A 241 -3.26 -39.46 -8.74
N LEU A 242 -2.48 -39.21 -9.80
CA LEU A 242 -2.44 -37.90 -10.43
C LEU A 242 -3.14 -37.84 -11.78
N VAL A 243 -3.37 -38.99 -12.43
CA VAL A 243 -3.95 -39.02 -13.77
C VAL A 243 -5.42 -39.34 -13.63
N GLU A 244 -6.25 -38.29 -13.67
CA GLU A 244 -7.70 -38.43 -13.62
C GLU A 244 -8.25 -38.68 -15.02
N PHE A 245 -9.24 -39.57 -15.11
CA PHE A 245 -9.84 -39.97 -16.39
C PHE A 245 -11.34 -39.64 -16.38
N LYS A 246 -11.68 -38.45 -16.86
CA LYS A 246 -13.08 -38.08 -17.11
C LYS A 246 -13.52 -38.69 -18.43
N ASP A 247 -14.64 -39.40 -18.42
CA ASP A 247 -14.94 -40.33 -19.50
C ASP A 247 -16.39 -40.39 -19.94
N ALA A 248 -17.22 -39.41 -19.58
CA ALA A 248 -18.68 -39.55 -19.64
C ALA A 248 -19.15 -40.23 -20.93
N HIS A 249 -20.20 -41.06 -20.79
CA HIS A 249 -20.55 -42.14 -21.71
C HIS A 249 -20.60 -41.75 -23.18
N ALA A 250 -20.59 -40.44 -23.48
CA ALA A 250 -20.74 -39.99 -24.85
C ALA A 250 -19.61 -40.52 -25.73
N LYS A 251 -18.39 -40.02 -25.53
CA LYS A 251 -17.26 -40.37 -26.40
C LYS A 251 -16.01 -39.73 -25.83
N ARG A 252 -14.85 -40.24 -26.25
CA ARG A 252 -13.57 -39.55 -26.16
C ARG A 252 -13.21 -39.23 -24.70
N GLN A 253 -12.97 -40.29 -23.93
CA GLN A 253 -12.56 -40.14 -22.55
C GLN A 253 -11.28 -39.32 -22.47
N THR A 254 -11.24 -38.37 -21.52
CA THR A 254 -10.13 -37.46 -21.37
C THR A 254 -9.29 -37.82 -20.16
N VAL A 255 -8.02 -37.41 -20.19
CA VAL A 255 -7.08 -37.64 -19.11
C VAL A 255 -6.58 -36.29 -18.63
N VAL A 256 -6.51 -36.12 -17.31
CA VAL A 256 -6.10 -34.86 -16.69
C VAL A 256 -5.10 -35.15 -15.58
N VAL A 257 -4.03 -34.36 -15.53
CA VAL A 257 -3.05 -34.43 -14.45
C VAL A 257 -3.38 -33.37 -13.42
N LEU A 258 -3.30 -33.74 -12.15
CA LEU A 258 -3.75 -32.86 -11.06
C LEU A 258 -2.66 -31.89 -10.61
N GLY A 259 -2.06 -31.19 -11.57
CA GLY A 259 -1.12 -30.10 -11.27
C GLY A 259 0.01 -30.54 -10.38
N SER A 260 0.44 -29.64 -9.51
CA SER A 260 1.51 -29.90 -8.55
C SER A 260 0.93 -29.93 -7.14
N GLN A 261 1.45 -30.82 -6.31
CA GLN A 261 0.97 -31.01 -4.95
C GLN A 261 1.98 -30.54 -3.92
N GLU A 262 2.70 -29.46 -4.23
CA GLU A 262 3.70 -28.93 -3.31
C GLU A 262 3.04 -28.18 -2.15
N GLY A 263 2.31 -27.11 -2.46
CA GLY A 263 1.62 -26.36 -1.42
C GLY A 263 0.39 -27.06 -0.89
N ALA A 264 -0.16 -28.02 -1.64
CA ALA A 264 -1.29 -28.79 -1.14
C ALA A 264 -0.89 -29.60 0.10
N VAL A 265 0.34 -30.10 0.12
CA VAL A 265 0.83 -30.79 1.32
C VAL A 265 1.53 -29.83 2.28
N HIS A 266 1.88 -28.62 1.83
CA HIS A 266 2.34 -27.59 2.74
C HIS A 266 1.30 -27.31 3.82
N THR A 267 0.04 -27.15 3.41
CA THR A 267 -1.02 -26.85 4.35
C THR A 267 -1.43 -28.08 5.15
N ALA A 268 -1.35 -29.27 4.55
CA ALA A 268 -1.67 -30.50 5.27
C ALA A 268 -0.62 -30.82 6.32
N LEU A 269 0.63 -30.42 6.08
CA LEU A 269 1.71 -30.60 7.04
C LEU A 269 1.92 -29.28 7.78
N ALA A 270 1.02 -29.03 8.73
CA ALA A 270 0.99 -27.74 9.42
C ALA A 270 1.81 -27.73 10.69
N GLY A 271 1.48 -28.59 11.64
CA GLY A 271 2.11 -28.61 12.94
C GLY A 271 3.38 -29.43 13.05
N ALA A 272 3.78 -30.10 11.98
CA ALA A 272 4.98 -30.94 12.02
C ALA A 272 6.23 -30.09 12.19
N LEU A 273 7.23 -30.68 12.85
CA LEU A 273 8.47 -29.98 13.11
C LEU A 273 9.24 -29.75 11.81
N GLU A 274 10.08 -28.72 11.81
CA GLU A 274 10.87 -28.34 10.65
C GLU A 274 12.35 -28.58 10.92
N ALA A 275 13.15 -28.38 9.87
CA ALA A 275 14.59 -28.55 9.96
C ALA A 275 15.24 -27.85 8.77
N GLU A 276 16.30 -27.11 9.02
CA GLU A 276 17.04 -26.40 7.98
C GLU A 276 18.27 -27.21 7.61
N MET A 277 18.30 -27.73 6.39
CA MET A 277 19.39 -28.56 5.90
C MET A 277 20.38 -27.74 5.09
N ASP A 278 21.65 -28.08 5.21
CA ASP A 278 22.75 -27.33 4.60
C ASP A 278 23.63 -28.26 3.77
N GLY A 279 23.01 -29.00 2.84
CA GLY A 279 23.72 -29.88 1.91
C GLY A 279 24.46 -30.99 2.64
N ALA A 280 23.67 -31.91 3.21
CA ALA A 280 24.06 -33.15 3.89
C ALA A 280 24.53 -33.18 5.34
N LYS A 281 24.33 -32.11 6.10
CA LYS A 281 24.32 -32.18 7.56
C LYS A 281 22.92 -32.08 8.26
N GLY A 282 22.02 -31.37 7.56
CA GLY A 282 20.59 -31.39 7.85
C GLY A 282 20.39 -31.04 9.32
N ARG A 283 20.75 -29.81 9.68
CA ARG A 283 20.50 -29.37 11.05
C ARG A 283 19.05 -29.42 11.52
N LEU A 284 18.84 -29.67 12.80
CA LEU A 284 17.51 -29.89 13.35
C LEU A 284 17.17 -28.58 14.03
N SER A 285 15.91 -28.47 14.48
CA SER A 285 15.43 -27.29 15.20
C SER A 285 14.54 -27.69 16.38
N SER A 286 14.81 -28.86 16.98
CA SER A 286 14.03 -29.34 18.11
C SER A 286 14.89 -30.27 18.94
N GLY A 287 14.53 -30.40 20.22
CA GLY A 287 15.27 -31.25 21.12
C GLY A 287 14.71 -31.32 22.54
N HIS A 288 14.69 -32.51 23.11
CA HIS A 288 14.24 -32.74 24.48
C HIS A 288 15.24 -33.64 25.20
N LEU A 289 16.52 -33.29 25.08
CA LEU A 289 17.62 -34.15 25.53
C LEU A 289 17.72 -34.11 27.05
N LYS A 290 17.60 -35.27 27.68
CA LYS A 290 17.64 -35.42 29.14
C LYS A 290 19.03 -35.87 29.56
N CYS A 291 19.73 -35.04 30.34
CA CYS A 291 21.11 -35.28 30.73
C CYS A 291 21.21 -35.63 32.21
N ARG A 292 22.21 -36.46 32.52
CA ARG A 292 22.62 -36.72 33.89
C ARG A 292 24.12 -36.44 33.95
N LEU A 293 24.51 -35.42 34.71
CA LEU A 293 25.89 -34.95 34.75
C LEU A 293 26.56 -35.33 36.06
N LYS A 294 27.87 -35.54 35.99
CA LYS A 294 28.69 -35.94 37.13
C LYS A 294 29.57 -34.77 37.55
N MET A 295 29.51 -34.42 38.84
CA MET A 295 30.24 -33.28 39.38
C MET A 295 31.25 -33.70 40.44
N ASP A 296 31.85 -34.89 40.29
CA ASP A 296 32.84 -35.34 41.25
C ASP A 296 34.15 -34.59 41.10
N LYS A 297 34.47 -34.12 39.89
CA LYS A 297 35.70 -33.38 39.64
C LYS A 297 35.45 -31.92 39.34
N LEU A 298 34.25 -31.41 39.62
CA LEU A 298 33.93 -30.01 39.42
C LEU A 298 34.24 -29.24 40.71
N ARG A 299 35.07 -28.22 40.60
CA ARG A 299 35.42 -27.41 41.75
C ARG A 299 35.84 -26.02 41.29
N LEU A 300 35.60 -25.03 42.15
CA LEU A 300 35.88 -23.64 41.80
C LEU A 300 37.38 -23.41 41.68
N LYS A 301 37.77 -22.66 40.65
CA LYS A 301 39.18 -22.35 40.43
C LYS A 301 39.73 -21.40 41.48
N GLY A 302 38.87 -20.63 42.15
CA GLY A 302 39.36 -19.50 42.92
C GLY A 302 39.27 -19.52 44.43
N VAL A 303 38.67 -20.56 45.02
CA VAL A 303 38.33 -20.56 46.44
C VAL A 303 39.55 -20.29 47.32
N SER A 304 40.74 -20.54 46.78
CA SER A 304 41.98 -20.27 47.51
C SER A 304 42.57 -18.90 47.19
N TYR A 305 41.82 -18.04 46.52
CA TYR A 305 42.34 -16.71 46.18
C TYR A 305 42.27 -15.78 47.37
N SER A 306 43.07 -14.72 47.31
CA SER A 306 43.07 -13.67 48.31
C SER A 306 42.15 -12.54 47.87
N LEU A 307 41.55 -11.87 48.85
CA LEU A 307 40.67 -10.75 48.56
C LEU A 307 41.47 -9.60 47.94
N CYS A 308 40.86 -8.91 46.99
CA CYS A 308 41.54 -7.84 46.27
C CYS A 308 41.42 -6.52 47.00
N THR A 309 42.47 -5.70 46.88
CA THR A 309 42.56 -4.43 47.61
C THR A 309 42.08 -3.26 46.78
N ALA A 310 42.52 -3.16 45.53
CA ALA A 310 42.17 -2.02 44.69
C ALA A 310 40.68 -2.04 44.35
N ALA A 311 40.21 -0.90 43.84
CA ALA A 311 38.79 -0.69 43.57
C ALA A 311 38.48 -0.83 42.09
N PHE A 312 37.19 -0.91 41.79
CA PHE A 312 36.69 -1.08 40.43
C PHE A 312 35.80 0.10 40.05
N THR A 313 35.31 0.07 38.82
CA THR A 313 34.31 1.00 38.33
C THR A 313 33.24 0.20 37.58
N PHE A 314 32.13 0.86 37.27
CA PHE A 314 31.03 0.24 36.54
C PHE A 314 31.18 0.55 35.06
N THR A 315 31.36 -0.50 34.24
CA THR A 315 31.47 -0.30 32.80
C THR A 315 30.16 0.21 32.21
N LYS A 316 29.08 -0.54 32.41
CA LYS A 316 27.74 -0.11 32.07
C LYS A 316 26.84 -0.22 33.30
N ILE A 317 25.67 0.39 33.22
CA ILE A 317 24.71 0.34 34.32
C ILE A 317 24.16 -1.08 34.41
N PRO A 318 23.81 -1.55 35.60
CA PRO A 318 23.24 -2.90 35.73
C PRO A 318 21.88 -2.99 35.07
N ALA A 319 21.61 -4.15 34.47
CA ALA A 319 20.35 -4.42 33.78
C ALA A 319 19.62 -5.58 34.46
N GLU A 320 18.34 -5.72 34.12
CA GLU A 320 17.48 -6.73 34.71
C GLU A 320 17.10 -7.77 33.66
N THR A 321 17.13 -9.03 34.06
CA THR A 321 16.76 -10.13 33.18
C THR A 321 15.25 -10.28 33.15
N LEU A 322 14.76 -11.34 32.50
CA LEU A 322 13.35 -11.67 32.48
C LEU A 322 12.93 -12.53 33.68
N HIS A 323 13.87 -12.91 34.54
CA HIS A 323 13.59 -13.74 35.70
C HIS A 323 13.87 -13.05 37.02
N GLY A 324 14.22 -11.76 37.00
CA GLY A 324 14.44 -11.00 38.21
C GLY A 324 15.87 -10.91 38.67
N THR A 325 16.82 -11.38 37.89
CA THR A 325 18.24 -11.31 38.24
C THR A 325 18.90 -10.12 37.54
N VAL A 326 20.04 -9.70 38.09
CA VAL A 326 20.71 -8.48 37.65
C VAL A 326 22.11 -8.83 37.17
N THR A 327 22.50 -8.23 36.05
CA THR A 327 23.86 -8.36 35.52
C THR A 327 24.71 -7.19 35.99
N VAL A 328 25.97 -7.46 36.26
CA VAL A 328 26.91 -6.45 36.75
C VAL A 328 28.25 -6.66 36.05
N GLU A 329 28.71 -5.64 35.32
CA GLU A 329 30.02 -5.67 34.70
C GLU A 329 30.87 -4.56 35.31
N VAL A 330 32.01 -4.93 35.89
CA VAL A 330 32.90 -3.98 36.53
C VAL A 330 34.28 -4.11 35.89
N GLN A 331 35.08 -3.06 36.08
CA GLN A 331 36.44 -3.00 35.53
C GLN A 331 37.41 -2.73 36.67
N TYR A 332 38.37 -3.64 36.86
CA TYR A 332 39.32 -3.53 37.95
C TYR A 332 40.40 -2.52 37.61
N ALA A 333 40.76 -1.70 38.60
CA ALA A 333 41.83 -0.71 38.46
C ALA A 333 42.97 -1.12 39.39
N GLY A 334 43.85 -1.97 38.89
CA GLY A 334 44.97 -2.46 39.68
C GLY A 334 45.59 -3.72 39.09
N THR A 335 46.86 -3.96 39.39
CA THR A 335 47.63 -5.05 38.79
C THR A 335 47.74 -6.26 39.71
N ASP A 336 46.71 -6.54 40.50
CA ASP A 336 46.69 -7.77 41.29
C ASP A 336 46.57 -8.98 40.36
N GLY A 337 47.00 -10.13 40.88
CA GLY A 337 46.91 -11.37 40.14
C GLY A 337 45.49 -11.88 40.06
N PRO A 338 45.32 -13.19 39.91
CA PRO A 338 43.98 -13.77 39.92
C PRO A 338 43.37 -13.72 41.31
N CYS A 339 42.85 -12.57 41.70
CA CYS A 339 42.30 -12.34 43.02
C CYS A 339 40.78 -12.55 43.00
N LYS A 340 40.14 -12.21 44.11
CA LYS A 340 38.69 -12.31 44.25
C LYS A 340 38.10 -10.91 44.38
N VAL A 341 37.01 -10.67 43.65
CA VAL A 341 36.35 -9.38 43.65
C VAL A 341 35.25 -9.40 44.71
N PRO A 342 35.30 -8.51 45.70
CA PRO A 342 34.23 -8.46 46.71
C PRO A 342 32.96 -7.86 46.11
N ALA A 343 31.87 -8.62 46.18
CA ALA A 343 30.58 -8.17 45.67
C ALA A 343 29.47 -8.86 46.44
N GLN A 344 28.44 -8.10 46.79
CA GLN A 344 27.33 -8.65 47.56
C GLN A 344 26.14 -7.71 47.47
N MET A 345 24.97 -8.24 47.86
CA MET A 345 23.75 -7.46 48.00
C MET A 345 23.56 -7.07 49.45
N ALA A 346 23.11 -5.84 49.70
CA ALA A 346 22.91 -5.38 51.06
C ALA A 346 21.99 -4.17 51.04
N VAL A 347 20.96 -4.19 51.89
CA VAL A 347 20.09 -3.03 52.08
C VAL A 347 20.49 -2.23 53.32
N ASP A 348 21.30 -2.81 54.21
CA ASP A 348 21.77 -2.14 55.42
C ASP A 348 23.18 -1.63 55.18
N MET A 349 23.29 -0.34 54.86
CA MET A 349 24.60 0.25 54.64
C MET A 349 25.33 0.44 55.96
N GLN A 350 26.64 0.67 55.87
CA GLN A 350 27.57 0.82 56.98
C GLN A 350 27.75 -0.47 57.78
N THR A 351 27.07 -1.55 57.41
CA THR A 351 27.25 -2.82 58.11
C THR A 351 27.59 -3.92 57.10
N LEU A 352 27.06 -3.80 55.89
CA LEU A 352 27.34 -4.70 54.78
C LEU A 352 26.93 -6.14 55.12
N THR A 353 25.71 -6.30 55.65
CA THR A 353 25.24 -7.65 55.91
C THR A 353 24.56 -8.22 54.66
N PRO A 354 24.81 -9.48 54.32
CA PRO A 354 24.24 -10.04 53.09
C PRO A 354 22.75 -10.29 53.22
N VAL A 355 22.01 -9.92 52.18
CA VAL A 355 20.56 -10.09 52.16
C VAL A 355 20.14 -10.88 50.92
N GLY A 356 20.97 -10.81 49.87
CA GLY A 356 20.63 -11.44 48.61
C GLY A 356 21.40 -12.74 48.37
N ARG A 357 21.08 -13.37 47.25
CA ARG A 357 21.73 -14.60 46.82
C ARG A 357 22.81 -14.31 45.79
N LEU A 358 23.67 -15.30 45.57
CA LEU A 358 24.77 -15.22 44.62
C LEU A 358 24.58 -16.30 43.57
N ILE A 359 24.47 -15.88 42.29
CA ILE A 359 24.25 -16.83 41.21
C ILE A 359 25.58 -17.33 40.66
N THR A 360 26.45 -16.41 40.26
CA THR A 360 27.78 -16.77 39.77
C THR A 360 28.66 -17.12 40.96
N ALA A 361 29.05 -18.38 41.06
CA ALA A 361 29.85 -18.83 42.19
C ALA A 361 31.30 -18.38 42.01
N ASN A 362 31.85 -17.78 43.05
CA ASN A 362 33.24 -17.35 43.12
C ASN A 362 33.58 -16.39 41.99
N PRO A 363 33.04 -15.17 42.00
CA PRO A 363 33.42 -14.19 40.97
C PRO A 363 34.85 -13.70 41.20
N VAL A 364 35.65 -13.69 40.14
CA VAL A 364 37.06 -13.34 40.20
C VAL A 364 37.44 -12.59 38.94
N ILE A 365 38.62 -11.98 38.97
CA ILE A 365 39.25 -11.41 37.78
C ILE A 365 40.46 -12.30 37.47
N THR A 366 40.41 -12.98 36.33
CA THR A 366 41.42 -13.98 36.00
C THR A 366 42.71 -13.33 35.50
N GLU A 367 42.60 -12.52 34.45
CA GLU A 367 43.79 -11.90 33.86
C GLU A 367 44.39 -10.89 34.82
N SER A 368 45.72 -10.95 34.98
CA SER A 368 46.44 -10.10 35.92
C SER A 368 47.05 -8.87 35.25
N THR A 369 46.43 -8.37 34.19
CA THR A 369 46.89 -7.16 33.53
C THR A 369 46.42 -5.93 34.32
N GLU A 370 46.55 -4.75 33.71
CA GLU A 370 46.31 -3.51 34.45
C GLU A 370 44.82 -3.31 34.73
N ASN A 371 44.00 -3.17 33.68
CA ASN A 371 42.58 -2.87 33.83
C ASN A 371 41.78 -3.79 32.93
N SER A 372 41.23 -4.86 33.52
CA SER A 372 40.41 -5.84 32.81
C SER A 372 38.94 -5.68 33.19
N LYS A 373 38.09 -6.30 32.39
CA LYS A 373 36.64 -6.24 32.58
C LYS A 373 36.12 -7.61 33.00
N MET A 374 35.11 -7.60 33.87
CA MET A 374 34.57 -8.84 34.43
C MET A 374 33.08 -8.66 34.66
N MET A 375 32.33 -9.76 34.52
CA MET A 375 30.89 -9.74 34.66
C MET A 375 30.44 -10.78 35.68
N LEU A 376 29.37 -10.46 36.40
CA LEU A 376 28.80 -11.36 37.40
C LEU A 376 27.30 -11.10 37.49
N GLU A 377 26.54 -12.18 37.67
CA GLU A 377 25.09 -12.11 37.76
C GLU A 377 24.65 -12.40 39.19
N LEU A 378 23.75 -11.57 39.72
CA LEU A 378 23.31 -11.67 41.10
C LEU A 378 21.80 -11.89 41.16
N ASP A 379 21.36 -12.61 42.19
CA ASP A 379 19.95 -12.83 42.47
C ASP A 379 19.54 -11.92 43.62
N PRO A 380 18.94 -10.76 43.37
CA PRO A 380 18.65 -9.82 44.45
C PRO A 380 17.36 -10.20 45.16
N PRO A 381 17.21 -9.75 46.42
CA PRO A 381 15.95 -9.98 47.12
C PRO A 381 14.87 -9.01 46.64
N PHE A 382 13.62 -9.35 46.98
CA PHE A 382 12.48 -8.57 46.52
C PHE A 382 12.40 -7.25 47.28
N GLY A 383 12.36 -6.15 46.54
CA GLY A 383 12.24 -4.82 47.11
C GLY A 383 13.47 -3.98 46.83
N ASP A 384 13.54 -2.85 47.51
CA ASP A 384 14.68 -1.95 47.36
C ASP A 384 15.91 -2.55 48.06
N SER A 385 17.06 -2.44 47.39
CA SER A 385 18.31 -2.96 47.93
C SER A 385 19.45 -2.22 47.24
N TYR A 386 20.67 -2.51 47.71
CA TYR A 386 21.88 -1.98 47.11
C TYR A 386 22.78 -3.11 46.67
N ILE A 387 23.56 -2.86 45.63
CA ILE A 387 24.64 -3.75 45.21
C ILE A 387 25.95 -3.05 45.54
N VAL A 388 26.91 -3.82 46.05
CA VAL A 388 28.19 -3.28 46.49
C VAL A 388 29.30 -4.12 45.86
N ILE A 389 30.09 -3.51 44.99
CA ILE A 389 31.27 -4.15 44.42
C ILE A 389 32.46 -3.27 44.80
N GLY A 390 33.08 -3.60 45.93
CA GLY A 390 34.17 -2.79 46.44
C GLY A 390 34.66 -3.34 47.76
N VAL A 391 35.70 -2.71 48.28
CA VAL A 391 36.35 -3.12 49.52
C VAL A 391 36.41 -1.89 50.42
N GLY A 392 35.41 -1.73 51.29
CA GLY A 392 35.40 -0.65 52.25
C GLY A 392 35.41 0.74 51.62
N GLU A 393 36.53 1.43 51.74
CA GLU A 393 36.66 2.76 51.16
C GLU A 393 36.86 2.66 49.65
N LYS A 394 36.38 3.69 48.94
CA LYS A 394 36.47 3.78 47.48
C LYS A 394 35.71 2.65 46.80
N LYS A 395 34.68 2.12 47.46
CA LYS A 395 33.84 1.09 46.87
C LYS A 395 32.81 1.72 45.93
N ILE A 396 32.05 0.87 45.26
CA ILE A 396 31.00 1.30 44.34
C ILE A 396 29.68 0.73 44.82
N THR A 397 28.63 1.55 44.75
CA THR A 397 27.30 1.19 45.21
C THR A 397 26.26 1.57 44.18
N HIS A 398 25.32 0.67 43.92
CA HIS A 398 24.20 0.92 43.02
C HIS A 398 22.91 0.47 43.67
N HIS A 399 21.86 1.27 43.50
CA HIS A 399 20.55 0.98 44.08
C HIS A 399 19.72 0.14 43.10
N TRP A 400 18.98 -0.82 43.64
CA TRP A 400 18.22 -1.75 42.82
C TRP A 400 16.80 -1.88 43.36
N HIS A 401 15.86 -2.12 42.44
CA HIS A 401 14.44 -2.27 42.75
C HIS A 401 13.95 -3.57 42.16
N ARG A 402 13.27 -4.39 42.98
CA ARG A 402 12.89 -5.74 42.58
C ARG A 402 11.40 -5.95 42.80
N SER A 403 10.66 -6.14 41.69
CA SER A 403 9.30 -6.67 41.68
C SER A 403 8.26 -5.69 42.23
N GLY A 404 8.71 -4.55 42.76
CA GLY A 404 7.80 -3.55 43.29
C GLY A 404 6.85 -4.06 44.36
N ILE B 1 21.85 32.56 48.88
CA ILE B 1 20.53 32.45 49.50
C ILE B 1 19.57 31.81 48.51
N ARG B 2 18.99 32.63 47.64
CA ARG B 2 18.15 32.24 46.50
C ARG B 2 16.85 31.56 46.92
N CYS B 3 16.66 31.23 48.20
CA CYS B 3 15.33 30.85 48.70
C CYS B 3 15.06 31.72 49.92
N ILE B 4 14.54 32.92 49.66
CA ILE B 4 14.19 33.88 50.71
C ILE B 4 12.84 34.55 50.49
N GLY B 5 12.27 34.53 49.27
CA GLY B 5 10.92 35.04 49.05
C GLY B 5 10.06 34.08 48.28
N VAL B 6 10.23 32.80 48.56
CA VAL B 6 9.48 31.73 47.92
C VAL B 6 8.32 31.37 48.84
N SER B 7 7.11 31.34 48.26
CA SER B 7 5.93 30.99 49.04
C SER B 7 5.87 29.50 49.33
N ASN B 8 6.24 28.67 48.35
CA ASN B 8 6.30 27.23 48.52
C ASN B 8 7.74 26.85 48.85
N ARG B 9 8.10 27.02 50.12
CA ARG B 9 9.45 26.80 50.59
C ARG B 9 9.39 26.05 51.92
N ASP B 10 10.15 24.95 52.01
CA ASP B 10 10.10 24.06 53.15
C ASP B 10 11.45 24.03 53.86
N PHE B 11 11.40 24.02 55.19
CA PHE B 11 12.60 23.95 56.02
C PHE B 11 12.78 22.53 56.55
N VAL B 12 14.00 22.01 56.43
CA VAL B 12 14.34 20.68 56.92
C VAL B 12 15.42 20.83 57.98
N GLU B 13 15.70 19.73 58.68
CA GLU B 13 16.59 19.79 59.83
C GLU B 13 17.28 18.44 60.03
N GLY B 14 18.48 18.50 60.61
CA GLY B 14 19.17 17.33 61.10
C GLY B 14 19.41 17.47 62.58
N MET B 15 19.13 16.43 63.37
CA MET B 15 19.16 16.56 64.82
C MET B 15 20.56 16.89 65.32
N SER B 16 21.57 16.21 64.80
CA SER B 16 22.95 16.43 65.24
C SER B 16 23.88 16.20 64.05
N GLY B 17 25.17 16.11 64.33
CA GLY B 17 26.16 15.87 63.29
C GLY B 17 26.00 14.53 62.62
N GLY B 18 25.70 14.55 61.32
CA GLY B 18 25.50 13.32 60.57
C GLY B 18 25.76 13.55 59.10
N THR B 19 25.88 12.44 58.37
CA THR B 19 26.12 12.50 56.94
C THR B 19 24.84 12.57 56.13
N TRP B 20 23.76 11.98 56.61
CA TRP B 20 22.53 11.82 55.84
C TRP B 20 21.51 12.87 56.25
N VAL B 21 21.09 13.69 55.28
CA VAL B 21 19.85 14.45 55.38
C VAL B 21 19.08 14.21 54.08
N ASP B 22 17.76 14.05 54.21
CA ASP B 22 16.91 13.77 53.07
C ASP B 22 16.05 14.99 52.74
N VAL B 23 15.74 15.15 51.46
CA VAL B 23 15.08 16.35 50.96
C VAL B 23 14.33 16.00 49.68
N VAL B 24 13.19 16.64 49.49
CA VAL B 24 12.39 16.52 48.27
C VAL B 24 12.23 17.90 47.67
N LEU B 25 12.61 18.04 46.40
CA LEU B 25 12.58 19.32 45.70
C LEU B 25 11.64 19.21 44.51
N GLU B 26 10.76 20.21 44.36
CA GLU B 26 9.80 20.25 43.27
C GLU B 26 10.12 21.40 42.33
N HIS B 27 9.49 21.36 41.15
CA HIS B 27 9.59 22.47 40.21
C HIS B 27 8.76 23.64 40.71
N GLY B 28 9.41 24.78 40.92
CA GLY B 28 8.76 25.92 41.52
C GLY B 28 8.86 26.00 43.03
N GLY B 29 9.44 25.00 43.67
CA GLY B 29 9.60 25.01 45.11
C GLY B 29 11.02 24.71 45.51
N CYS B 30 11.48 25.39 46.55
CA CYS B 30 12.82 25.22 47.09
C CYS B 30 12.76 24.70 48.51
N VAL B 31 13.90 24.21 48.99
CA VAL B 31 14.03 23.67 50.34
C VAL B 31 15.26 24.30 50.98
N THR B 32 15.07 24.92 52.14
CA THR B 32 16.15 25.50 52.93
C THR B 32 16.49 24.52 54.05
N VAL B 33 17.71 23.98 54.00
CA VAL B 33 18.15 22.95 54.95
C VAL B 33 19.27 23.52 55.81
N MET B 34 19.12 23.39 57.13
CA MET B 34 20.17 23.72 58.08
C MET B 34 20.24 22.62 59.12
N ALA B 35 21.42 22.43 59.68
CA ALA B 35 21.68 21.36 60.64
C ALA B 35 22.04 21.96 62.00
N GLN B 36 22.42 21.08 62.93
CA GLN B 36 22.79 21.54 64.27
C GLN B 36 24.16 22.20 64.29
N ASP B 37 25.06 21.84 63.38
CA ASP B 37 26.38 22.45 63.33
C ASP B 37 26.86 22.69 61.91
N LYS B 38 25.95 22.81 60.94
CA LYS B 38 26.33 22.99 59.54
C LYS B 38 25.82 24.33 59.01
N PRO B 39 26.48 24.88 57.99
CA PRO B 39 25.96 26.09 57.35
C PRO B 39 24.61 25.84 56.70
N THR B 40 23.77 26.87 56.70
CA THR B 40 22.45 26.79 56.09
C THR B 40 22.59 26.86 54.58
N VAL B 41 22.13 25.83 53.89
CA VAL B 41 22.19 25.75 52.43
C VAL B 41 20.77 25.74 51.89
N ASP B 42 20.55 26.43 50.78
CA ASP B 42 19.27 26.45 50.08
C ASP B 42 19.44 25.76 48.74
N ILE B 43 18.56 24.81 48.45
CA ILE B 43 18.67 23.96 47.27
C ILE B 43 17.37 24.05 46.48
N GLU B 44 17.48 24.33 45.18
CA GLU B 44 16.34 24.44 44.29
C GLU B 44 16.48 23.45 43.14
N LEU B 45 15.33 23.02 42.62
CA LEU B 45 15.28 22.21 41.40
C LEU B 45 14.75 23.15 40.31
N VAL B 46 15.68 23.74 39.56
CA VAL B 46 15.32 24.84 38.67
C VAL B 46 14.95 24.36 37.26
N THR B 47 15.51 23.24 36.81
CA THR B 47 15.28 22.80 35.45
C THR B 47 15.29 21.28 35.40
N THR B 48 14.49 20.73 34.49
CA THR B 48 14.39 19.30 34.22
C THR B 48 14.55 19.05 32.72
N THR B 49 15.61 19.61 32.16
CA THR B 49 15.86 19.53 30.72
C THR B 49 15.90 18.08 30.25
N VAL B 50 15.45 17.89 29.01
CA VAL B 50 15.54 16.61 28.31
C VAL B 50 16.47 16.70 27.10
N SER B 51 16.15 17.59 26.16
CA SER B 51 17.13 18.16 25.25
C SER B 51 17.58 17.29 24.08
N ASN B 52 17.32 15.99 24.09
CA ASN B 52 17.73 15.14 22.97
C ASN B 52 16.93 13.84 23.00
N MET B 53 16.06 13.65 22.01
CA MET B 53 15.26 12.44 21.90
C MET B 53 15.16 12.04 20.44
N ALA B 54 14.88 10.75 20.23
CA ALA B 54 14.55 10.26 18.91
C ALA B 54 13.10 10.62 18.57
N GLU B 55 12.75 10.48 17.30
CA GLU B 55 11.41 10.78 16.82
C GLU B 55 10.63 9.47 16.66
N VAL B 56 9.53 9.35 17.37
CA VAL B 56 8.76 8.10 17.36
C VAL B 56 7.69 8.10 16.27
N ARG B 57 6.91 9.18 16.17
CA ARG B 57 5.80 9.21 15.23
C ARG B 57 5.31 10.65 15.06
N SER B 58 5.04 11.03 13.82
CA SER B 58 4.51 12.34 13.49
C SER B 58 3.10 12.19 12.95
N TYR B 59 2.14 12.85 13.59
CA TYR B 59 0.76 12.88 13.13
C TYR B 59 0.49 14.15 12.32
N CYS B 60 -0.51 14.06 11.44
CA CYS B 60 -0.93 15.19 10.62
C CYS B 60 -2.30 15.65 11.08
N TYR B 61 -2.43 16.94 11.39
CA TYR B 61 -3.71 17.50 11.83
C TYR B 61 -4.31 18.49 10.84
N GLU B 62 -3.58 18.91 9.82
CA GLU B 62 -4.13 19.75 8.75
C GLU B 62 -3.65 19.22 7.42
N ALA B 63 -4.59 18.77 6.59
CA ALA B 63 -4.25 18.16 5.30
C ALA B 63 -5.19 18.68 4.23
N SER B 64 -4.72 18.64 2.99
CA SER B 64 -5.48 19.08 1.83
C SER B 64 -5.33 18.05 0.72
N ILE B 65 -6.45 17.75 0.05
CA ILE B 65 -6.47 16.74 -0.99
C ILE B 65 -6.45 17.42 -2.35
N SER B 66 -6.16 16.63 -3.38
CA SER B 66 -6.17 17.10 -4.76
C SER B 66 -6.37 15.88 -5.65
N ASP B 67 -6.63 16.17 -6.94
CA ASP B 67 -6.79 15.13 -7.96
C ASP B 67 -7.91 14.16 -7.61
N MET B 68 -9.11 14.71 -7.44
CA MET B 68 -10.30 13.92 -7.16
C MET B 68 -10.73 13.24 -8.46
N ALA B 69 -10.32 11.99 -8.64
CA ALA B 69 -10.65 11.21 -9.84
C ALA B 69 -11.47 10.01 -9.41
N SER B 70 -12.56 9.76 -10.12
CA SER B 70 -13.47 8.67 -9.80
C SER B 70 -13.73 7.83 -11.03
N ASP B 71 -14.46 6.72 -10.85
CA ASP B 71 -14.74 5.78 -11.92
C ASP B 71 -15.97 4.97 -11.54
N SER B 72 -16.80 4.67 -12.54
CA SER B 72 -18.05 3.97 -12.30
C SER B 72 -18.34 2.96 -13.39
N ARG B 73 -18.81 1.78 -12.97
CA ARG B 73 -19.34 0.77 -13.89
C ARG B 73 -20.81 0.53 -13.57
N CYS B 74 -21.57 0.17 -14.60
CA CYS B 74 -23.00 0.01 -14.46
C CYS B 74 -23.35 -1.31 -13.77
N PRO B 75 -24.54 -1.41 -13.18
CA PRO B 75 -24.90 -2.62 -12.43
C PRO B 75 -24.90 -3.85 -13.32
N THR B 76 -24.88 -5.02 -12.67
CA THR B 76 -24.72 -6.36 -13.23
C THR B 76 -23.34 -6.57 -13.86
N GLN B 77 -22.50 -5.54 -13.94
CA GLN B 77 -21.17 -5.63 -14.54
C GLN B 77 -20.08 -5.45 -13.49
N GLY B 78 -20.27 -5.99 -12.30
CA GLY B 78 -19.22 -6.05 -11.30
C GLY B 78 -18.91 -4.71 -10.65
N GLU B 79 -17.72 -4.65 -10.08
CA GLU B 79 -17.26 -3.48 -9.35
C GLU B 79 -16.47 -2.54 -10.27
N ALA B 80 -16.13 -1.38 -9.73
CA ALA B 80 -15.30 -0.41 -10.42
C ALA B 80 -13.86 -0.49 -9.91
N TYR B 81 -12.96 0.20 -10.62
CA TYR B 81 -11.55 0.18 -10.26
C TYR B 81 -10.88 1.45 -10.76
N LEU B 82 -9.86 1.88 -10.03
CA LEU B 82 -8.98 2.96 -10.46
C LEU B 82 -7.55 2.61 -10.07
N ASP B 83 -6.61 3.05 -10.91
CA ASP B 83 -5.20 2.75 -10.68
C ASP B 83 -4.64 3.44 -9.44
N LYS B 84 -5.38 4.37 -8.85
CA LYS B 84 -4.92 5.08 -7.67
C LYS B 84 -5.31 4.39 -6.37
N GLN B 85 -6.27 3.46 -6.40
CA GLN B 85 -6.65 2.77 -5.18
C GLN B 85 -5.55 1.82 -4.70
N SER B 86 -4.69 1.37 -5.59
CA SER B 86 -3.48 0.65 -5.20
C SER B 86 -2.29 1.57 -4.99
N ASP B 87 -2.39 2.84 -5.43
CA ASP B 87 -1.32 3.79 -5.26
C ASP B 87 -1.28 4.31 -3.83
N THR B 88 -0.07 4.53 -3.32
CA THR B 88 0.10 5.09 -1.99
C THR B 88 -0.34 6.56 -1.98
N GLN B 89 -0.31 7.15 -0.78
CA GLN B 89 -0.65 8.56 -0.55
C GLN B 89 -1.98 8.96 -1.22
N TYR B 90 -2.87 8.00 -1.39
CA TYR B 90 -4.21 8.24 -1.92
C TYR B 90 -5.24 7.59 -1.00
N VAL B 91 -6.48 8.06 -1.12
CA VAL B 91 -7.60 7.50 -0.37
C VAL B 91 -8.77 7.31 -1.32
N CYS B 92 -9.41 6.14 -1.25
CA CYS B 92 -10.49 5.82 -2.16
C CYS B 92 -11.63 5.15 -1.40
N LYS B 93 -12.82 5.19 -2.00
CA LYS B 93 -13.98 4.53 -1.44
C LYS B 93 -14.88 4.05 -2.57
N ARG B 94 -15.28 2.78 -2.49
CA ARG B 94 -16.16 2.16 -3.48
C ARG B 94 -17.58 2.10 -2.92
N THR B 95 -18.55 2.52 -3.73
CA THR B 95 -19.94 2.60 -3.27
C THR B 95 -20.86 2.24 -4.43
N LEU B 96 -22.16 2.37 -4.20
CA LEU B 96 -23.18 2.09 -5.21
C LEU B 96 -23.99 3.34 -5.50
N VAL B 97 -24.55 3.40 -6.72
CA VAL B 97 -25.27 4.57 -7.20
C VAL B 97 -26.46 4.12 -8.04
N ASP B 98 -27.49 4.97 -8.08
CA ASP B 98 -28.67 4.68 -8.88
C ASP B 98 -28.33 4.77 -10.37
N ARG B 99 -28.55 3.68 -11.10
CA ARG B 99 -28.23 3.62 -12.52
C ARG B 99 -29.43 3.05 -13.28
N GLY B 100 -29.47 3.35 -14.58
CA GLY B 100 -30.55 2.87 -15.43
C GLY B 100 -30.42 3.29 -16.88
N TRP B 101 -31.55 3.49 -17.55
CA TRP B 101 -31.52 3.89 -18.95
C TRP B 101 -31.10 5.34 -19.11
N GLY B 102 -31.60 6.22 -18.25
CA GLY B 102 -31.26 7.63 -18.37
C GLY B 102 -29.80 7.93 -18.10
N ASN B 103 -29.16 7.10 -17.28
CA ASN B 103 -27.75 7.31 -16.94
C ASN B 103 -26.80 6.89 -18.06
N GLY B 104 -27.29 6.08 -19.01
CA GLY B 104 -26.46 5.68 -20.13
C GLY B 104 -26.15 4.20 -20.19
N CYS B 105 -27.08 3.36 -19.72
CA CYS B 105 -26.88 1.92 -19.71
C CYS B 105 -28.20 1.25 -20.05
N GLY B 106 -28.23 -0.07 -19.90
CA GLY B 106 -29.38 -0.85 -20.30
C GLY B 106 -30.08 -1.58 -19.17
N LEU B 107 -29.46 -1.61 -17.99
CA LEU B 107 -30.03 -2.28 -16.83
C LEU B 107 -30.17 -1.31 -15.67
N PHE B 108 -31.27 -1.43 -14.93
CA PHE B 108 -31.51 -0.60 -13.76
C PHE B 108 -31.02 -1.31 -12.51
N GLY B 109 -30.45 -0.54 -11.60
CA GLY B 109 -29.96 -1.10 -10.35
C GLY B 109 -28.93 -0.18 -9.71
N LYS B 110 -27.98 -0.80 -9.03
CA LYS B 110 -26.93 -0.08 -8.29
C LYS B 110 -25.59 -0.37 -8.96
N GLY B 111 -25.02 0.65 -9.61
CA GLY B 111 -23.70 0.53 -10.19
C GLY B 111 -22.61 0.87 -9.21
N SER B 112 -21.40 0.42 -9.51
CA SER B 112 -20.26 0.62 -8.63
C SER B 112 -19.57 1.94 -8.94
N LEU B 113 -18.97 2.54 -7.92
CA LEU B 113 -18.33 3.84 -8.05
C LEU B 113 -17.22 3.97 -7.02
N VAL B 114 -15.98 4.12 -7.49
CA VAL B 114 -14.82 4.34 -6.62
C VAL B 114 -14.29 5.74 -6.89
N THR B 115 -14.04 6.49 -5.82
CA THR B 115 -13.55 7.86 -5.90
C THR B 115 -12.25 7.98 -5.13
N CYS B 116 -11.24 8.57 -5.76
CA CYS B 116 -9.91 8.68 -5.16
C CYS B 116 -9.48 10.14 -5.07
N ALA B 117 -8.68 10.44 -4.04
CA ALA B 117 -8.12 11.76 -3.82
C ALA B 117 -6.68 11.62 -3.34
N LYS B 118 -5.84 12.56 -3.71
CA LYS B 118 -4.42 12.53 -3.37
C LYS B 118 -4.21 13.23 -2.04
N PHE B 119 -3.76 12.47 -1.04
CA PHE B 119 -3.54 13.00 0.29
C PHE B 119 -2.23 13.77 0.36
N ALA B 120 -2.23 14.86 1.13
CA ALA B 120 -1.05 15.67 1.35
C ALA B 120 -1.24 16.47 2.62
N CYS B 121 -0.19 16.53 3.44
CA CYS B 121 -0.27 17.17 4.75
C CYS B 121 0.27 18.59 4.70
N SER B 122 -0.41 19.50 5.40
CA SER B 122 -0.02 20.90 5.48
C SER B 122 0.59 21.27 6.83
N LYS B 123 -0.02 20.83 7.93
CA LYS B 123 0.52 21.04 9.27
C LYS B 123 0.50 19.73 10.04
N LYS B 124 1.58 19.45 10.76
CA LYS B 124 1.74 18.18 11.44
C LYS B 124 2.38 18.39 12.80
N MET B 125 2.21 17.41 13.68
CA MET B 125 2.84 17.38 14.99
C MET B 125 3.78 16.18 15.05
N THR B 126 4.68 16.19 16.04
CA THR B 126 5.69 15.16 16.17
C THR B 126 5.76 14.69 17.61
N GLY B 127 6.00 13.39 17.80
CA GLY B 127 6.15 12.81 19.12
C GLY B 127 7.48 12.12 19.30
N LYS B 128 8.20 12.45 20.36
CA LYS B 128 9.57 12.00 20.56
C LYS B 128 9.66 10.96 21.66
N SER B 129 10.59 10.02 21.49
CA SER B 129 10.80 8.95 22.47
C SER B 129 11.67 9.56 23.57
N ILE B 130 11.01 10.12 24.58
CA ILE B 130 11.71 10.56 25.79
C ILE B 130 11.93 9.30 26.61
N GLN B 131 13.05 8.60 26.42
CA GLN B 131 13.28 7.44 27.33
C GLN B 131 14.02 8.07 28.49
N PRO B 132 13.84 7.68 29.93
CA PRO B 132 14.38 8.19 31.18
C PRO B 132 15.86 7.84 31.28
N GLU B 133 16.59 8.12 30.22
CA GLU B 133 17.99 7.78 30.07
C GLU B 133 18.85 9.00 29.84
N ASN B 134 18.35 9.95 29.04
CA ASN B 134 19.01 11.24 28.83
C ASN B 134 18.00 12.34 29.12
N LEU B 135 18.06 12.89 30.34
CA LEU B 135 17.28 14.07 30.70
C LEU B 135 18.03 14.75 31.84
N GLU B 136 18.38 16.02 31.66
CA GLU B 136 19.33 16.69 32.52
C GLU B 136 18.60 17.47 33.62
N TYR B 137 18.94 17.17 34.87
CA TYR B 137 18.44 17.94 36.00
C TYR B 137 19.42 19.06 36.32
N ARG B 138 18.87 20.18 36.81
CA ARG B 138 19.69 21.33 37.19
C ARG B 138 19.27 21.76 38.60
N ILE B 139 20.16 21.55 39.56
CA ILE B 139 19.90 21.86 40.96
C ILE B 139 20.84 22.98 41.39
N MET B 140 20.27 24.04 41.96
CA MET B 140 21.04 25.21 42.38
C MET B 140 21.28 25.16 43.88
N LEU B 141 22.52 25.40 44.29
CA LEU B 141 22.93 25.42 45.68
C LEU B 141 23.44 26.81 46.04
N SER B 142 22.94 27.34 47.16
CA SER B 142 23.36 28.66 47.64
C SER B 142 23.43 28.59 49.16
N VAL B 143 24.63 28.74 49.70
CA VAL B 143 24.85 28.64 51.13
C VAL B 143 24.62 30.00 51.78
N HIS B 144 24.31 29.97 53.07
CA HIS B 144 24.03 31.19 53.84
C HIS B 144 25.30 31.63 54.55
N GLY B 145 25.98 32.60 53.96
CA GLY B 145 27.17 33.19 54.54
C GLY B 145 27.08 34.71 54.46
N SER B 146 28.07 35.34 53.83
CA SER B 146 28.04 36.78 53.58
C SER B 146 27.50 37.00 52.18
N GLN B 147 26.19 37.23 52.09
CA GLN B 147 25.51 37.53 50.84
C GLN B 147 24.65 38.76 51.07
N HIS B 148 24.84 39.79 50.24
CA HIS B 148 24.12 41.04 50.47
C HIS B 148 22.71 41.01 49.88
N SER B 149 22.60 40.94 48.55
CA SER B 149 21.32 40.80 47.87
C SER B 149 21.45 39.88 46.66
N GLY B 150 22.26 38.83 46.79
CA GLY B 150 22.49 37.91 45.69
C GLY B 150 23.71 38.28 44.86
N ASN B 163 29.06 32.03 48.59
CA ASN B 163 29.32 31.26 47.38
C ASN B 163 28.07 30.48 46.96
N ARG B 164 28.06 30.01 45.72
CA ARG B 164 26.91 29.28 45.19
C ARG B 164 27.35 28.49 43.97
N ALA B 165 26.80 27.30 43.81
CA ALA B 165 27.21 26.38 42.76
C ALA B 165 25.98 25.69 42.16
N LYS B 166 26.23 24.84 41.17
CA LYS B 166 25.19 24.12 40.44
C LYS B 166 25.54 22.65 40.36
N VAL B 167 24.51 21.80 40.41
CA VAL B 167 24.68 20.35 40.30
C VAL B 167 23.75 19.86 39.21
N GLU B 168 24.32 19.20 38.20
CA GLU B 168 23.58 18.66 37.08
C GLU B 168 23.56 17.14 37.18
N ILE B 169 22.38 16.55 37.01
CA ILE B 169 22.15 15.15 37.34
C ILE B 169 21.50 14.45 36.16
N THR B 170 22.00 13.27 35.82
CA THR B 170 21.46 12.39 34.79
C THR B 170 21.04 11.06 35.43
N PRO B 171 20.11 10.33 34.82
CA PRO B 171 19.70 9.04 35.41
C PRO B 171 20.81 8.03 35.52
N ASN B 172 21.75 7.99 34.57
CA ASN B 172 22.80 7.00 34.59
C ASN B 172 23.72 7.19 35.79
N SER B 173 24.18 8.42 36.00
CA SER B 173 25.04 8.76 37.13
C SER B 173 24.34 9.88 37.92
N PRO B 174 23.37 9.54 38.76
CA PRO B 174 22.65 10.59 39.51
C PRO B 174 23.47 11.21 40.63
N ARG B 175 24.45 10.49 41.15
CA ARG B 175 25.27 11.04 42.24
C ARG B 175 26.21 12.11 41.70
N ALA B 176 26.48 13.11 42.53
CA ALA B 176 27.35 14.21 42.16
C ALA B 176 27.82 14.92 43.41
N GLU B 177 29.00 15.53 43.33
CA GLU B 177 29.60 16.25 44.44
C GLU B 177 29.80 17.70 44.02
N ALA B 178 29.31 18.62 44.86
CA ALA B 178 29.38 20.06 44.58
C ALA B 178 30.53 20.67 45.37
N THR B 179 31.42 21.36 44.66
CA THR B 179 32.55 22.04 45.30
C THR B 179 32.15 23.50 45.54
N LEU B 180 31.92 23.84 46.81
CA LEU B 180 31.49 25.20 47.16
C LEU B 180 32.67 26.15 47.30
N GLY B 181 33.88 25.64 47.49
CA GLY B 181 35.04 26.49 47.67
C GLY B 181 35.58 26.45 49.08
N GLY B 182 35.52 27.58 49.79
CA GLY B 182 35.95 27.62 51.16
C GLY B 182 35.00 26.96 52.14
N PHE B 183 33.72 26.85 51.79
CA PHE B 183 32.74 26.25 52.68
C PHE B 183 32.88 24.73 52.73
N GLY B 184 33.31 24.12 51.63
CA GLY B 184 33.51 22.68 51.60
C GLY B 184 32.88 22.03 50.39
N SER B 185 32.23 20.90 50.59
CA SER B 185 31.59 20.16 49.51
C SER B 185 30.28 19.55 50.00
N LEU B 186 29.27 19.62 49.14
CA LEU B 186 27.95 19.05 49.43
C LEU B 186 27.67 17.95 48.42
N GLY B 187 27.44 16.73 48.92
CA GLY B 187 27.16 15.61 48.05
C GLY B 187 25.67 15.39 47.81
N LEU B 188 25.38 14.70 46.71
CA LEU B 188 24.01 14.38 46.33
C LEU B 188 23.97 12.97 45.77
N ASP B 189 22.99 12.19 46.20
CA ASP B 189 22.74 10.84 45.70
C ASP B 189 21.27 10.68 45.35
N CYS B 190 20.75 11.65 44.61
CA CYS B 190 19.34 11.67 44.24
C CYS B 190 18.96 10.42 43.46
N GLU B 191 17.68 10.07 43.52
CA GLU B 191 17.11 8.98 42.74
C GLU B 191 16.06 9.54 41.79
N PRO B 192 16.22 9.39 40.47
CA PRO B 192 15.19 9.82 39.53
C PRO B 192 13.97 8.93 39.48
N ARG B 193 13.81 8.01 40.41
CA ARG B 193 12.71 7.05 40.36
C ARG B 193 11.40 7.68 40.81
N THR B 194 11.42 8.46 41.89
CA THR B 194 10.22 9.15 42.33
C THR B 194 9.81 10.25 41.35
N GLY B 195 10.76 10.78 40.59
CA GLY B 195 10.52 11.95 39.76
C GLY B 195 9.91 11.73 38.39
N LEU B 196 8.60 11.49 38.32
CA LEU B 196 7.85 11.57 37.07
C LEU B 196 8.45 10.63 36.01
N ASP B 197 8.33 9.33 36.28
CA ASP B 197 9.03 8.32 35.48
C ASP B 197 8.84 8.59 33.99
N PHE B 198 9.94 8.94 33.31
CA PHE B 198 9.92 9.33 31.91
C PHE B 198 10.11 8.13 30.99
N SER B 199 9.71 6.95 31.45
CA SER B 199 9.80 5.73 30.64
C SER B 199 8.53 5.46 29.86
N ASP B 200 7.40 5.99 30.32
CA ASP B 200 6.11 5.67 29.75
C ASP B 200 5.51 6.78 28.90
N LEU B 201 5.88 8.03 29.13
CA LEU B 201 5.28 9.16 28.42
C LEU B 201 6.27 9.73 27.41
N TYR B 202 5.82 9.86 26.17
CA TYR B 202 6.60 10.51 25.12
C TYR B 202 6.53 12.03 25.27
N TYR B 203 7.38 12.72 24.52
CA TYR B 203 7.41 14.18 24.50
C TYR B 203 6.75 14.64 23.20
N LEU B 204 5.58 15.25 23.32
CA LEU B 204 4.78 15.66 22.18
C LEU B 204 4.98 17.14 21.89
N THR B 205 5.05 17.48 20.60
CA THR B 205 5.19 18.86 20.16
C THR B 205 4.21 19.13 19.01
N MET B 206 3.50 20.24 19.12
CA MET B 206 2.51 20.66 18.14
C MET B 206 2.90 22.08 17.74
N ASN B 207 1.95 22.85 17.22
CA ASN B 207 2.26 24.13 16.58
C ASN B 207 2.83 25.09 17.62
N ASN B 208 4.12 24.92 17.90
CA ASN B 208 4.87 25.72 18.86
C ASN B 208 4.29 25.61 20.27
N LYS B 209 3.88 24.39 20.63
CA LYS B 209 3.35 24.13 21.96
C LYS B 209 3.67 22.68 22.32
N HIS B 210 4.29 22.48 23.47
CA HIS B 210 4.87 21.20 23.84
C HIS B 210 4.20 20.64 25.09
N TRP B 211 4.04 19.32 25.12
CA TRP B 211 3.49 18.61 26.27
C TRP B 211 4.24 17.30 26.44
N LEU B 212 3.80 16.52 27.44
CA LEU B 212 4.35 15.19 27.71
C LEU B 212 3.16 14.25 27.91
N VAL B 213 2.98 13.31 26.98
CA VAL B 213 1.81 12.43 27.00
C VAL B 213 2.27 10.98 26.98
N HIS B 214 1.39 10.11 27.47
CA HIS B 214 1.72 8.73 27.76
C HIS B 214 1.89 7.91 26.47
N LYS B 215 2.23 6.64 26.65
CA LYS B 215 2.38 5.71 25.52
C LYS B 215 1.03 5.28 24.97
N GLU B 216 0.10 4.90 25.87
CA GLU B 216 -1.23 4.49 25.42
C GLU B 216 -1.97 5.61 24.72
N TRP B 217 -1.78 6.85 25.17
CA TRP B 217 -2.49 7.98 24.59
C TRP B 217 -1.92 8.37 23.23
N PHE B 218 -0.59 8.32 23.08
CA PHE B 218 0.04 8.80 21.86
C PHE B 218 -0.14 7.81 20.71
N HIS B 219 0.11 6.52 20.95
CA HIS B 219 -0.01 5.53 19.88
C HIS B 219 -1.45 5.38 19.40
N ASP B 220 -2.44 5.84 20.17
CA ASP B 220 -3.85 5.67 19.84
C ASP B 220 -4.50 6.99 19.41
N ILE B 221 -3.73 7.89 18.81
CA ILE B 221 -4.27 9.17 18.36
C ILE B 221 -5.02 8.95 17.04
N PRO B 222 -6.30 9.32 16.96
CA PRO B 222 -7.08 9.13 15.71
C PRO B 222 -6.74 10.18 14.66
N LEU B 223 -5.52 10.12 14.14
CA LEU B 223 -5.03 11.01 13.12
C LEU B 223 -4.11 10.25 12.18
N PRO B 224 -3.97 10.70 10.94
CA PRO B 224 -3.01 10.06 10.03
C PRO B 224 -1.59 10.18 10.54
N TRP B 225 -0.85 9.07 10.51
CA TRP B 225 0.50 9.02 11.04
C TRP B 225 1.39 8.24 10.10
N HIS B 226 2.70 8.33 10.34
CA HIS B 226 3.68 7.58 9.57
C HIS B 226 4.87 7.30 10.49
N ALA B 227 5.92 6.72 9.93
CA ALA B 227 7.11 6.41 10.70
C ALA B 227 7.89 7.69 10.99
N GLY B 228 8.61 7.67 12.12
CA GLY B 228 9.42 8.82 12.51
C GLY B 228 10.71 8.97 11.73
N ALA B 229 11.04 8.01 10.87
CA ALA B 229 12.29 8.04 10.10
C ALA B 229 12.03 8.08 8.59
N ASP B 230 10.82 8.46 8.17
CA ASP B 230 10.52 8.58 6.75
C ASP B 230 11.30 9.74 6.15
N THR B 231 12.17 9.45 5.18
CA THR B 231 13.09 10.46 4.67
C THR B 231 12.42 11.36 3.64
N GLY B 232 12.00 10.78 2.52
CA GLY B 232 11.44 11.54 1.42
C GLY B 232 10.01 12.00 1.67
N THR B 233 9.25 12.10 0.60
CA THR B 233 7.83 12.42 0.70
C THR B 233 7.13 11.37 1.55
N PRO B 234 6.52 11.73 2.67
CA PRO B 234 6.05 10.72 3.61
C PRO B 234 4.87 9.91 3.07
N HIS B 235 4.79 8.66 3.54
CA HIS B 235 3.67 7.77 3.25
C HIS B 235 2.77 7.77 4.48
N TRP B 236 1.69 8.55 4.41
CA TRP B 236 0.79 8.70 5.55
C TRP B 236 -0.13 7.48 5.64
N ASN B 237 -0.28 6.94 6.85
CA ASN B 237 -1.10 5.77 7.09
C ASN B 237 -2.49 6.19 7.58
N ASN B 238 -3.48 5.35 7.28
CA ASN B 238 -4.89 5.56 7.61
C ASN B 238 -5.30 7.01 7.43
N LYS B 239 -5.10 7.51 6.21
CA LYS B 239 -5.45 8.88 5.87
C LYS B 239 -6.95 9.12 5.87
N GLU B 240 -7.76 8.06 5.96
CA GLU B 240 -9.22 8.21 5.94
C GLU B 240 -9.77 8.86 7.20
N ALA B 241 -8.93 9.09 8.22
CA ALA B 241 -9.39 9.76 9.43
C ALA B 241 -9.67 11.24 9.20
N LEU B 242 -9.05 11.84 8.20
CA LEU B 242 -9.27 13.25 7.87
C LEU B 242 -10.00 13.46 6.55
N VAL B 243 -10.20 12.42 5.77
CA VAL B 243 -10.83 12.52 4.46
C VAL B 243 -12.20 11.85 4.54
N GLU B 244 -13.26 12.64 4.43
CA GLU B 244 -14.62 12.13 4.44
C GLU B 244 -15.09 11.80 3.03
N PHE B 245 -15.90 10.75 2.92
CA PHE B 245 -16.58 10.40 1.68
C PHE B 245 -18.07 10.35 1.99
N LYS B 246 -18.82 11.33 1.47
CA LYS B 246 -20.16 11.60 1.97
C LYS B 246 -21.25 10.75 1.32
N ASP B 247 -21.08 10.33 0.06
CA ASP B 247 -22.06 9.49 -0.62
C ASP B 247 -23.42 10.20 -0.71
N ALA B 248 -23.44 11.21 -1.59
CA ALA B 248 -24.63 12.04 -1.82
C ALA B 248 -25.83 11.18 -2.24
N HIS B 249 -26.99 11.84 -2.33
CA HIS B 249 -28.29 11.19 -2.18
C HIS B 249 -28.40 9.83 -2.86
N ALA B 250 -28.28 9.79 -4.17
CA ALA B 250 -28.36 8.53 -4.90
C ALA B 250 -27.43 8.43 -6.09
N LYS B 251 -26.99 9.54 -6.69
CA LYS B 251 -26.37 9.52 -8.00
C LYS B 251 -24.84 9.59 -7.97
N ARG B 252 -24.27 10.35 -7.04
CA ARG B 252 -22.82 10.55 -7.04
C ARG B 252 -22.31 10.50 -5.60
N GLN B 253 -21.06 10.92 -5.43
CA GLN B 253 -20.38 10.86 -4.14
C GLN B 253 -19.44 12.04 -4.02
N THR B 254 -19.47 12.71 -2.87
CA THR B 254 -18.62 13.85 -2.59
C THR B 254 -17.56 13.49 -1.55
N VAL B 255 -16.52 14.32 -1.48
CA VAL B 255 -15.41 14.09 -0.57
C VAL B 255 -15.05 15.40 0.12
N VAL B 256 -14.96 15.37 1.45
CA VAL B 256 -14.66 16.54 2.26
C VAL B 256 -13.49 16.22 3.18
N VAL B 257 -12.66 17.22 3.43
CA VAL B 257 -11.54 17.09 4.34
C VAL B 257 -11.95 17.64 5.70
N LEU B 258 -11.20 17.26 6.74
CA LEU B 258 -11.53 17.61 8.11
C LEU B 258 -10.83 18.87 8.60
N GLY B 259 -10.04 19.53 7.76
CA GLY B 259 -9.41 20.78 8.15
C GLY B 259 -8.37 20.60 9.24
N SER B 260 -8.10 21.71 9.93
CA SER B 260 -7.10 21.71 11.00
C SER B 260 -7.68 21.15 12.29
N GLN B 261 -6.83 20.48 13.06
CA GLN B 261 -7.24 19.80 14.28
C GLN B 261 -6.45 20.30 15.48
N GLU B 262 -6.08 21.58 15.49
CA GLU B 262 -5.31 22.13 16.60
C GLU B 262 -6.11 22.12 17.90
N GLY B 263 -7.23 22.82 17.92
CA GLY B 263 -8.03 22.95 19.13
C GLY B 263 -8.60 21.64 19.63
N ALA B 264 -8.78 20.66 18.73
CA ALA B 264 -9.27 19.36 19.18
C ALA B 264 -8.25 18.66 20.06
N VAL B 265 -6.98 18.70 19.67
CA VAL B 265 -5.93 18.12 20.51
C VAL B 265 -5.67 19.02 21.71
N HIS B 266 -5.73 20.34 21.53
CA HIS B 266 -5.53 21.27 22.63
C HIS B 266 -6.45 20.95 23.80
N THR B 267 -7.75 20.76 23.52
CA THR B 267 -8.69 20.38 24.56
C THR B 267 -8.59 18.91 24.92
N ALA B 268 -7.95 18.10 24.07
CA ALA B 268 -7.78 16.68 24.39
C ALA B 268 -6.78 16.48 25.52
N LEU B 269 -5.72 17.29 25.55
CA LEU B 269 -4.72 17.23 26.62
C LEU B 269 -4.80 18.54 27.41
N ALA B 270 -5.69 18.57 28.39
CA ALA B 270 -5.83 19.72 29.28
C ALA B 270 -5.16 19.51 30.64
N GLY B 271 -5.08 18.26 31.09
CA GLY B 271 -4.45 17.96 32.37
C GLY B 271 -3.05 17.42 32.24
N ALA B 272 -2.68 16.97 31.04
CA ALA B 272 -1.34 16.45 30.81
C ALA B 272 -0.31 17.56 30.95
N LEU B 273 0.87 17.17 31.45
CA LEU B 273 1.91 18.15 31.74
C LEU B 273 2.39 18.84 30.46
N GLU B 274 2.77 20.10 30.61
CA GLU B 274 3.25 20.92 29.51
C GLU B 274 4.71 21.30 29.74
N ALA B 275 5.35 21.78 28.68
CA ALA B 275 6.76 22.12 28.73
C ALA B 275 7.06 23.26 27.78
N GLU B 276 7.91 24.19 28.21
CA GLU B 276 8.40 25.26 27.36
C GLU B 276 9.62 24.76 26.58
N MET B 277 10.27 25.66 25.84
CA MET B 277 11.45 25.29 25.07
C MET B 277 12.42 26.46 25.06
N ASP B 278 13.72 26.12 25.03
CA ASP B 278 14.77 27.13 25.00
C ASP B 278 15.94 26.58 24.20
N GLY B 279 16.11 27.08 22.98
CA GLY B 279 17.27 26.77 22.13
C GLY B 279 17.39 25.26 21.88
N ALA B 280 16.37 24.71 21.24
CA ALA B 280 16.33 23.29 20.86
C ALA B 280 16.59 22.26 21.95
N LYS B 281 16.13 22.55 23.16
CA LYS B 281 16.22 21.63 24.29
C LYS B 281 15.10 22.04 25.24
N GLY B 282 14.18 21.12 25.51
CA GLY B 282 12.98 21.44 26.27
C GLY B 282 13.28 21.46 27.77
N ARG B 283 12.43 22.16 28.50
CA ARG B 283 12.56 22.28 29.95
C ARG B 283 11.15 22.29 30.54
N LEU B 284 10.71 21.13 31.01
CA LEU B 284 9.41 21.01 31.66
C LEU B 284 9.50 21.49 33.11
N SER B 285 8.36 21.91 33.66
CA SER B 285 8.27 22.25 35.07
C SER B 285 7.06 21.52 35.67
N SER B 286 7.23 20.24 35.97
CA SER B 286 6.24 19.50 36.75
C SER B 286 6.86 18.76 37.94
N GLY B 287 7.95 18.01 37.67
CA GLY B 287 8.32 16.91 38.53
C GLY B 287 8.96 17.30 39.84
N HIS B 288 8.85 16.38 40.80
CA HIS B 288 9.50 16.49 42.10
C HIS B 288 10.55 15.39 42.25
N LEU B 289 11.62 15.70 42.97
CA LEU B 289 12.78 14.83 43.06
C LEU B 289 13.10 14.53 44.51
N LYS B 290 13.52 13.29 44.78
CA LYS B 290 13.98 12.88 46.09
C LYS B 290 15.51 12.83 46.09
N CYS B 291 16.12 13.40 47.13
CA CYS B 291 17.57 13.49 47.22
C CYS B 291 18.03 13.23 48.65
N ARG B 292 19.26 12.76 48.76
CA ARG B 292 19.91 12.53 50.05
C ARG B 292 21.26 13.25 50.03
N LEU B 293 21.40 14.26 50.87
CA LEU B 293 22.60 15.10 50.84
C LEU B 293 23.71 14.48 51.68
N LYS B 294 24.95 14.77 51.28
CA LYS B 294 26.15 14.32 51.99
C LYS B 294 26.82 15.54 52.61
N MET B 295 27.03 15.49 53.93
CA MET B 295 27.56 16.63 54.67
C MET B 295 28.87 16.29 55.38
N ASP B 296 29.63 15.32 54.84
CA ASP B 296 30.95 15.03 55.40
C ASP B 296 31.89 16.20 55.17
N LYS B 297 31.91 16.75 53.96
CA LYS B 297 32.78 17.86 53.62
C LYS B 297 32.08 19.22 53.73
N LEU B 298 30.76 19.24 53.91
CA LEU B 298 30.03 20.48 54.10
C LEU B 298 30.38 21.03 55.47
N ARG B 299 31.29 22.00 55.51
CA ARG B 299 31.89 22.49 56.75
C ARG B 299 31.53 23.96 56.94
N LEU B 300 31.68 24.42 58.19
CA LEU B 300 31.45 25.81 58.53
C LEU B 300 32.72 26.62 58.29
N LYS B 301 32.58 27.73 57.56
CA LYS B 301 33.72 28.61 57.29
C LYS B 301 33.83 29.73 58.31
N GLY B 302 32.74 30.45 58.54
CA GLY B 302 32.77 31.59 59.44
C GLY B 302 32.65 31.22 60.91
N VAL B 303 33.45 30.25 61.35
CA VAL B 303 33.48 29.83 62.75
C VAL B 303 34.76 30.28 63.44
N SER B 304 35.88 30.24 62.73
CA SER B 304 37.15 30.67 63.30
C SER B 304 37.32 32.18 63.30
N TYR B 305 36.40 32.92 62.69
CA TYR B 305 36.48 34.37 62.67
C TYR B 305 36.19 34.95 64.06
N SER B 306 36.86 36.05 64.36
CA SER B 306 36.59 36.80 65.57
C SER B 306 35.46 37.80 65.33
N LEU B 307 34.89 38.30 66.43
CA LEU B 307 33.74 39.20 66.32
C LEU B 307 34.13 40.52 65.68
N CYS B 308 33.16 41.13 65.00
CA CYS B 308 33.39 42.43 64.36
C CYS B 308 33.44 43.53 65.41
N THR B 309 34.36 44.47 65.21
CA THR B 309 34.58 45.52 66.22
C THR B 309 33.59 46.66 66.07
N ALA B 310 33.43 47.19 64.86
CA ALA B 310 32.62 48.38 64.65
C ALA B 310 31.13 48.04 64.70
N ALA B 311 30.30 49.08 64.54
CA ALA B 311 28.86 48.93 64.55
C ALA B 311 28.31 49.04 63.12
N PHE B 312 27.21 48.33 62.88
CA PHE B 312 26.62 48.27 61.56
C PHE B 312 25.60 49.39 61.36
N THR B 313 25.10 49.50 60.13
CA THR B 313 23.99 50.38 59.80
C THR B 313 22.98 49.58 59.00
N PHE B 314 21.71 49.67 59.38
CA PHE B 314 20.65 48.94 58.69
C PHE B 314 20.48 49.48 57.28
N THR B 315 20.83 48.68 56.29
CA THR B 315 20.64 49.09 54.90
C THR B 315 19.16 49.13 54.55
N LYS B 316 18.40 48.14 54.99
CA LYS B 316 16.97 48.06 54.74
C LYS B 316 16.24 47.85 56.06
N ILE B 317 14.91 47.89 55.99
CA ILE B 317 14.05 47.66 57.15
C ILE B 317 13.76 46.17 57.25
N PRO B 318 13.84 45.58 58.44
CA PRO B 318 13.55 44.14 58.57
C PRO B 318 12.13 43.81 58.13
N ALA B 319 12.01 42.77 57.30
CA ALA B 319 10.72 42.33 56.78
C ALA B 319 10.42 40.92 57.24
N GLU B 320 9.14 40.55 57.15
CA GLU B 320 8.69 39.22 57.56
C GLU B 320 8.37 38.38 56.33
N THR B 321 8.66 37.09 56.42
CA THR B 321 8.35 36.14 55.36
C THR B 321 7.02 35.45 55.65
N LEU B 322 6.53 34.74 54.64
CA LEU B 322 5.24 34.04 54.75
C LEU B 322 5.30 32.83 55.67
N HIS B 323 6.43 32.57 56.32
CA HIS B 323 6.57 31.42 57.20
C HIS B 323 6.86 31.80 58.65
N GLY B 324 6.93 33.09 58.97
CA GLY B 324 7.17 33.53 60.32
C GLY B 324 8.61 33.83 60.68
N THR B 325 9.44 34.18 59.70
CA THR B 325 10.84 34.51 59.93
C THR B 325 11.08 35.97 59.57
N VAL B 326 12.23 36.48 59.99
CA VAL B 326 12.60 37.87 59.76
C VAL B 326 13.89 37.92 58.96
N THR B 327 13.98 38.90 58.07
CA THR B 327 15.17 39.13 57.26
C THR B 327 15.87 40.40 57.73
N VAL B 328 17.20 40.43 57.56
CA VAL B 328 18.02 41.55 57.99
C VAL B 328 19.12 41.76 56.97
N GLU B 329 19.30 43.00 56.52
CA GLU B 329 20.40 43.40 55.66
C GLU B 329 21.09 44.60 56.28
N VAL B 330 22.28 44.37 56.86
CA VAL B 330 23.01 45.40 57.56
C VAL B 330 24.26 45.75 56.77
N GLN B 331 24.99 46.77 57.25
CA GLN B 331 26.16 47.29 56.57
C GLN B 331 27.25 47.56 57.61
N TYR B 332 28.38 46.87 57.49
CA TYR B 332 29.48 47.03 58.42
C TYR B 332 30.37 48.19 57.98
N ALA B 333 30.47 49.21 58.83
CA ALA B 333 31.31 50.38 58.56
C ALA B 333 32.64 50.21 59.27
N GLY B 334 33.64 49.76 58.53
CA GLY B 334 34.96 49.56 59.09
C GLY B 334 35.82 48.73 58.18
N THR B 335 37.04 48.47 58.64
CA THR B 335 38.02 47.71 57.88
C THR B 335 38.63 46.58 58.72
N ASP B 336 37.83 46.01 59.62
CA ASP B 336 38.33 44.94 60.48
C ASP B 336 38.70 43.70 59.67
N GLY B 337 38.03 43.48 58.53
CA GLY B 337 38.31 42.33 57.71
C GLY B 337 37.30 41.22 57.93
N PRO B 338 37.68 39.99 57.58
CA PRO B 338 36.79 38.84 57.85
C PRO B 338 36.48 38.70 59.33
N CYS B 339 35.22 38.91 59.69
CA CYS B 339 34.81 38.89 61.09
C CYS B 339 33.39 38.36 61.19
N LYS B 340 33.05 37.86 62.37
CA LYS B 340 31.74 37.29 62.65
C LYS B 340 30.82 38.37 63.21
N VAL B 341 29.67 38.54 62.58
CA VAL B 341 28.74 39.59 63.00
C VAL B 341 27.97 39.09 64.23
N PRO B 342 27.77 39.94 65.23
CA PRO B 342 26.91 39.56 66.37
C PRO B 342 25.45 39.86 66.09
N ALA B 343 24.59 38.86 66.21
CA ALA B 343 23.17 39.05 65.96
C ALA B 343 22.39 37.98 66.72
N GLN B 344 21.26 38.37 67.30
CA GLN B 344 20.45 37.46 68.10
C GLN B 344 19.09 38.07 68.34
N MET B 345 18.14 37.22 68.68
CA MET B 345 16.81 37.63 69.12
C MET B 345 16.79 37.64 70.65
N ALA B 346 16.51 38.80 71.23
CA ALA B 346 16.57 38.95 72.68
C ALA B 346 15.39 39.77 73.17
N VAL B 347 14.93 39.45 74.38
CA VAL B 347 13.92 40.26 75.05
C VAL B 347 14.38 40.76 76.42
N ASP B 348 15.42 40.16 77.00
CA ASP B 348 16.01 40.63 78.25
C ASP B 348 17.27 41.42 77.93
N MET B 349 17.43 42.57 78.56
CA MET B 349 18.51 43.50 78.24
C MET B 349 19.57 43.51 79.33
N GLN B 350 20.76 43.97 78.93
CA GLN B 350 21.97 44.15 79.74
C GLN B 350 22.64 42.83 80.14
N THR B 351 22.05 41.70 79.78
CA THR B 351 22.78 40.45 79.59
C THR B 351 22.55 39.84 78.22
N LEU B 352 21.50 40.28 77.51
CA LEU B 352 21.26 39.90 76.12
C LEU B 352 21.11 38.38 75.99
N THR B 353 20.29 37.80 76.87
CA THR B 353 20.01 36.38 76.81
C THR B 353 19.14 36.08 75.59
N PRO B 354 19.59 35.25 74.66
CA PRO B 354 18.81 34.99 73.45
C PRO B 354 17.61 34.11 73.73
N VAL B 355 16.60 34.25 72.87
CA VAL B 355 15.36 33.48 73.00
C VAL B 355 15.05 32.75 71.70
N GLY B 356 15.03 33.48 70.59
CA GLY B 356 14.60 32.93 69.33
C GLY B 356 15.64 32.01 68.70
N ARG B 357 15.29 31.50 67.52
CA ARG B 357 16.15 30.63 66.74
C ARG B 357 16.86 31.42 65.65
N LEU B 358 17.87 30.80 65.06
CA LEU B 358 18.66 31.42 64.00
C LEU B 358 18.71 30.47 62.81
N ILE B 359 18.14 30.90 61.69
CA ILE B 359 18.08 30.05 60.51
C ILE B 359 19.39 30.09 59.73
N THR B 360 19.89 31.29 59.46
CA THR B 360 21.21 31.40 58.85
C THR B 360 22.28 31.01 59.85
N ALA B 361 23.38 30.46 59.35
CA ALA B 361 24.42 29.87 60.20
C ALA B 361 25.66 30.77 60.17
N ASN B 362 25.96 31.40 61.31
CA ASN B 362 27.16 32.19 61.54
C ASN B 362 27.37 33.25 60.45
N PRO B 363 26.56 34.31 60.44
CA PRO B 363 26.76 35.37 59.45
C PRO B 363 28.08 36.10 59.70
N VAL B 364 28.83 36.34 58.63
CA VAL B 364 30.15 36.95 58.70
C VAL B 364 30.24 38.04 57.64
N ILE B 365 31.36 38.76 57.64
CA ILE B 365 31.68 39.78 56.66
C ILE B 365 32.93 39.33 55.93
N THR B 366 32.78 38.97 54.66
CA THR B 366 33.94 38.52 53.89
C THR B 366 34.81 39.68 53.43
N GLU B 367 34.21 40.68 52.78
CA GLU B 367 34.97 41.82 52.31
C GLU B 367 35.55 42.59 53.49
N SER B 368 36.79 43.04 53.35
CA SER B 368 37.55 43.60 54.46
C SER B 368 37.41 45.11 54.59
N THR B 369 37.45 45.84 53.47
CA THR B 369 37.54 47.29 53.48
C THR B 369 36.18 47.94 53.78
N GLU B 370 36.03 49.21 53.43
CA GLU B 370 34.93 50.07 53.88
C GLU B 370 33.56 49.52 53.51
N ASN B 371 32.51 50.24 53.91
CA ASN B 371 31.20 49.69 54.22
C ASN B 371 30.79 48.57 53.27
N SER B 372 30.54 47.39 53.84
CA SER B 372 30.14 46.20 53.12
C SER B 372 28.72 45.82 53.53
N LYS B 373 28.08 44.98 52.72
CA LYS B 373 26.71 44.60 52.95
C LYS B 373 26.60 43.09 53.17
N MET B 374 25.72 42.70 54.09
CA MET B 374 25.52 41.30 54.43
C MET B 374 24.08 41.11 54.86
N MET B 375 23.50 39.97 54.48
CA MET B 375 22.12 39.63 54.82
C MET B 375 22.10 38.37 55.67
N LEU B 376 21.31 38.39 56.73
CA LEU B 376 21.11 37.22 57.58
C LEU B 376 19.64 37.12 57.95
N GLU B 377 19.20 35.90 58.23
CA GLU B 377 17.80 35.61 58.51
C GLU B 377 17.67 34.95 59.87
N LEU B 378 16.81 35.50 60.72
CA LEU B 378 16.55 34.95 62.05
C LEU B 378 15.15 34.35 62.10
N ASP B 379 14.96 33.45 63.07
CA ASP B 379 13.66 32.85 63.35
C ASP B 379 13.15 33.39 64.67
N PRO B 380 12.31 34.42 64.66
CA PRO B 380 11.88 35.05 65.93
C PRO B 380 11.01 34.12 66.74
N PRO B 381 10.96 34.30 68.05
CA PRO B 381 10.06 33.50 68.89
C PRO B 381 8.63 34.00 68.78
N PHE B 382 7.73 33.25 69.42
CA PHE B 382 6.30 33.56 69.38
C PHE B 382 6.02 34.76 70.28
N GLY B 383 5.42 35.81 69.72
CA GLY B 383 5.05 36.98 70.49
C GLY B 383 6.02 38.14 70.30
N ASP B 384 5.88 39.11 71.19
CA ASP B 384 6.72 40.30 71.15
C ASP B 384 8.16 39.96 71.54
N SER B 385 9.11 40.49 70.78
CA SER B 385 10.52 40.29 71.07
C SER B 385 11.33 41.35 70.33
N TYR B 386 12.51 41.64 70.86
CA TYR B 386 13.46 42.54 70.23
C TYR B 386 14.50 41.73 69.45
N ILE B 387 15.15 42.41 68.51
CA ILE B 387 16.26 41.84 67.74
C ILE B 387 17.45 42.76 67.94
N VAL B 388 18.62 42.16 68.21
CA VAL B 388 19.84 42.90 68.52
C VAL B 388 20.95 42.42 67.59
N ILE B 389 21.56 43.36 66.87
CA ILE B 389 22.56 43.03 65.86
C ILE B 389 23.87 43.74 66.19
N GLY B 390 24.15 43.93 67.48
CA GLY B 390 25.34 44.65 67.90
C GLY B 390 26.15 43.86 68.91
N VAL B 391 27.38 44.33 69.11
CA VAL B 391 28.28 43.71 70.09
C VAL B 391 27.95 44.21 71.50
N GLY B 392 28.07 45.51 71.72
CA GLY B 392 27.84 46.10 73.01
C GLY B 392 28.21 47.57 73.03
N GLU B 393 27.38 48.39 73.70
CA GLU B 393 27.58 49.83 73.87
C GLU B 393 27.34 50.57 72.56
N LYS B 394 27.19 49.82 71.45
CA LYS B 394 26.93 50.40 70.15
C LYS B 394 25.95 49.53 69.34
N LYS B 395 25.15 48.70 70.02
CA LYS B 395 24.31 47.75 69.33
C LYS B 395 23.20 48.46 68.54
N ILE B 396 22.59 47.71 67.63
CA ILE B 396 21.40 48.14 66.90
C ILE B 396 20.27 47.20 67.26
N THR B 397 19.16 47.76 67.74
CA THR B 397 18.03 46.97 68.20
C THR B 397 16.74 47.55 67.62
N HIS B 398 15.73 46.68 67.50
CA HIS B 398 14.46 47.06 66.91
C HIS B 398 13.40 46.05 67.34
N HIS B 399 12.16 46.52 67.44
CA HIS B 399 11.08 45.72 67.98
C HIS B 399 10.43 44.86 66.89
N TRP B 400 9.96 43.68 67.29
CA TRP B 400 9.37 42.74 66.35
C TRP B 400 8.24 41.98 67.03
N HIS B 401 7.28 41.53 66.24
CA HIS B 401 6.12 40.80 66.74
C HIS B 401 5.80 39.67 65.78
N ARG B 402 5.81 38.44 66.29
CA ARG B 402 5.52 37.25 65.49
C ARG B 402 4.07 36.85 65.71
N SER B 403 3.32 36.77 64.60
CA SER B 403 1.91 36.37 64.62
C SER B 403 1.09 37.17 65.64
N ILE C 1 -38.33 11.10 -20.09
CA ILE C 1 -39.14 11.08 -18.88
C ILE C 1 -38.25 10.83 -17.66
N ARG C 2 -38.01 11.88 -16.88
CA ARG C 2 -37.20 11.76 -15.68
C ARG C 2 -37.96 10.97 -14.63
N CYS C 3 -37.32 10.77 -13.47
CA CYS C 3 -37.90 10.02 -12.36
C CYS C 3 -38.25 8.60 -12.77
N ILE C 4 -37.37 7.98 -13.56
CA ILE C 4 -37.62 6.66 -14.10
C ILE C 4 -36.57 5.68 -13.58
N GLY C 5 -35.40 6.19 -13.22
CA GLY C 5 -34.34 5.37 -12.69
C GLY C 5 -33.94 5.76 -11.28
N VAL C 6 -34.91 6.19 -10.50
CA VAL C 6 -34.69 6.69 -9.15
C VAL C 6 -35.17 5.64 -8.15
N SER C 7 -34.36 5.38 -7.14
CA SER C 7 -34.77 4.47 -6.07
C SER C 7 -35.77 5.12 -5.12
N ASN C 8 -35.67 6.43 -4.93
CA ASN C 8 -36.63 7.18 -4.10
C ASN C 8 -37.79 7.70 -4.94
N ARG C 9 -38.42 6.81 -5.68
CA ARG C 9 -39.54 7.16 -6.55
C ARG C 9 -40.84 6.73 -5.88
N ASP C 10 -41.80 7.66 -5.84
CA ASP C 10 -43.09 7.44 -5.18
C ASP C 10 -44.19 7.59 -6.22
N PHE C 11 -44.77 6.47 -6.64
CA PHE C 11 -45.87 6.49 -7.59
C PHE C 11 -47.20 6.56 -6.83
N VAL C 12 -48.01 7.56 -7.13
CA VAL C 12 -49.28 7.77 -6.47
C VAL C 12 -50.40 7.77 -7.50
N GLU C 13 -51.49 7.08 -7.18
CA GLU C 13 -52.69 7.07 -8.01
C GLU C 13 -53.59 8.21 -7.55
N GLY C 14 -53.70 9.25 -8.37
CA GLY C 14 -54.66 10.31 -8.09
C GLY C 14 -56.07 9.79 -8.12
N MET C 15 -56.99 10.60 -7.60
CA MET C 15 -58.39 10.19 -7.58
C MET C 15 -58.92 10.07 -9.00
N SER C 16 -59.83 9.12 -9.19
CA SER C 16 -60.34 8.81 -10.52
C SER C 16 -60.94 10.04 -11.19
N GLY C 17 -61.75 10.79 -10.45
CA GLY C 17 -62.35 11.98 -10.99
C GLY C 17 -62.08 13.23 -10.17
N GLY C 18 -61.49 14.23 -10.79
CA GLY C 18 -61.25 15.49 -10.12
C GLY C 18 -59.94 16.11 -10.57
N THR C 19 -59.69 17.31 -10.04
CA THR C 19 -58.44 18.02 -10.25
C THR C 19 -57.55 17.97 -9.02
N TRP C 20 -57.79 17.03 -8.11
CA TRP C 20 -57.18 17.01 -6.79
C TRP C 20 -56.05 15.98 -6.78
N VAL C 21 -54.81 16.46 -6.73
CA VAL C 21 -53.64 15.60 -6.59
C VAL C 21 -52.72 16.21 -5.54
N ASP C 22 -52.38 15.42 -4.53
CA ASP C 22 -51.47 15.84 -3.46
C ASP C 22 -50.13 15.15 -3.63
N VAL C 23 -49.04 15.89 -3.42
CA VAL C 23 -47.70 15.40 -3.69
C VAL C 23 -46.76 15.82 -2.57
N VAL C 24 -45.90 14.89 -2.15
CA VAL C 24 -44.84 15.14 -1.18
C VAL C 24 -43.50 15.00 -1.92
N LEU C 25 -42.71 16.07 -1.92
CA LEU C 25 -41.51 16.14 -2.73
C LEU C 25 -40.28 16.28 -1.84
N GLU C 26 -39.42 15.27 -1.84
CA GLU C 26 -38.14 15.33 -1.15
C GLU C 26 -37.04 15.76 -2.11
N HIS C 27 -35.91 16.15 -1.54
CA HIS C 27 -34.74 16.53 -2.34
C HIS C 27 -33.97 15.27 -2.69
N GLY C 28 -33.91 14.94 -3.97
CA GLY C 28 -33.39 13.68 -4.42
C GLY C 28 -34.42 12.57 -4.52
N GLY C 29 -35.59 12.75 -3.91
CA GLY C 29 -36.68 11.80 -4.04
C GLY C 29 -37.86 12.39 -4.81
N CYS C 30 -38.10 11.87 -6.00
CA CYS C 30 -39.13 12.39 -6.89
C CYS C 30 -40.42 11.57 -6.75
N VAL C 31 -41.46 12.06 -7.42
CA VAL C 31 -42.79 11.46 -7.33
C VAL C 31 -43.36 11.31 -8.74
N THR C 32 -43.81 10.11 -9.08
CA THR C 32 -44.47 9.84 -10.34
C THR C 32 -45.98 9.88 -10.11
N VAL C 33 -46.65 10.82 -10.76
CA VAL C 33 -48.09 11.06 -10.55
C VAL C 33 -48.85 10.47 -11.73
N MET C 34 -49.80 9.59 -11.43
CA MET C 34 -50.62 8.93 -12.44
C MET C 34 -52.08 9.28 -12.22
N ALA C 35 -52.78 9.58 -13.31
CA ALA C 35 -54.20 9.86 -13.27
C ALA C 35 -54.99 8.67 -13.83
N GLN C 36 -56.31 8.77 -13.80
CA GLN C 36 -57.17 7.69 -14.28
C GLN C 36 -57.42 7.81 -15.77
N ASP C 37 -57.96 8.94 -16.21
CA ASP C 37 -58.26 9.18 -17.62
C ASP C 37 -57.38 10.28 -18.21
N LYS C 38 -56.38 10.76 -17.45
CA LYS C 38 -55.50 11.82 -17.87
C LYS C 38 -54.06 11.32 -17.96
N PRO C 39 -53.13 12.07 -18.58
CA PRO C 39 -51.76 11.56 -18.74
C PRO C 39 -51.02 11.35 -17.42
N THR C 40 -49.79 10.87 -17.51
CA THR C 40 -48.94 10.64 -16.36
C THR C 40 -47.78 11.63 -16.37
N VAL C 41 -47.53 12.26 -15.23
CA VAL C 41 -46.51 13.29 -15.09
C VAL C 41 -45.59 12.92 -13.94
N ASP C 42 -44.29 12.88 -14.21
CA ASP C 42 -43.28 12.70 -13.18
C ASP C 42 -42.75 14.07 -12.75
N ILE C 43 -42.80 14.34 -11.45
CA ILE C 43 -42.36 15.61 -10.91
C ILE C 43 -41.29 15.37 -9.86
N GLU C 44 -40.40 16.34 -9.72
CA GLU C 44 -39.25 16.21 -8.83
C GLU C 44 -38.89 17.56 -8.24
N LEU C 45 -38.48 17.55 -6.97
CA LEU C 45 -37.92 18.73 -6.32
C LEU C 45 -36.42 18.70 -6.54
N VAL C 46 -35.94 19.46 -7.52
CA VAL C 46 -34.55 19.32 -7.98
C VAL C 46 -33.61 20.23 -7.21
N THR C 47 -34.01 21.46 -6.88
CA THR C 47 -33.12 22.39 -6.20
C THR C 47 -33.92 23.21 -5.18
N THR C 48 -33.22 23.59 -4.11
CA THR C 48 -33.77 24.45 -3.06
C THR C 48 -32.68 25.47 -2.73
N THR C 49 -32.73 26.61 -3.40
CA THR C 49 -31.70 27.63 -3.28
C THR C 49 -32.15 28.76 -2.36
N VAL C 50 -31.19 29.37 -1.66
CA VAL C 50 -31.47 30.44 -0.72
C VAL C 50 -30.92 31.75 -1.28
N SER C 51 -31.49 32.85 -0.80
CA SER C 51 -31.13 34.17 -1.30
C SER C 51 -31.21 35.19 -0.18
N ASN C 52 -30.23 36.10 -0.15
CA ASN C 52 -30.25 37.30 0.69
C ASN C 52 -30.50 36.96 2.16
N MET C 53 -29.52 36.26 2.73
CA MET C 53 -29.54 35.93 4.15
C MET C 53 -28.82 37.00 4.95
N ALA C 54 -29.29 37.22 6.18
CA ALA C 54 -28.75 38.25 7.06
C ALA C 54 -27.81 37.63 8.10
N GLU C 55 -26.78 38.39 8.46
CA GLU C 55 -25.74 37.91 9.38
C GLU C 55 -26.18 38.17 10.82
N VAL C 56 -26.33 37.10 11.59
CA VAL C 56 -26.82 37.17 12.96
C VAL C 56 -25.68 37.11 13.97
N ARG C 57 -24.83 36.09 13.87
CA ARG C 57 -23.70 35.92 14.78
C ARG C 57 -22.52 35.36 14.00
N SER C 58 -21.31 35.79 14.36
CA SER C 58 -20.10 35.37 13.68
C SER C 58 -19.08 34.94 14.71
N TYR C 59 -18.75 33.64 14.73
CA TYR C 59 -17.86 33.07 15.73
C TYR C 59 -16.45 32.89 15.17
N CYS C 60 -15.46 33.19 16.01
CA CYS C 60 -14.06 33.03 15.64
C CYS C 60 -13.54 31.70 16.17
N TYR C 61 -12.91 30.92 15.28
CA TYR C 61 -12.33 29.64 15.68
C TYR C 61 -10.82 29.60 15.53
N GLU C 62 -10.19 30.66 15.02
CA GLU C 62 -8.73 30.77 15.00
C GLU C 62 -8.37 32.21 15.35
N ALA C 63 -7.78 32.41 16.52
CA ALA C 63 -7.40 33.73 17.01
C ALA C 63 -5.88 33.86 17.07
N SER C 64 -5.43 35.08 17.37
CA SER C 64 -4.01 35.39 17.40
C SER C 64 -3.73 36.41 18.50
N ILE C 65 -2.58 36.24 19.15
CA ILE C 65 -2.12 37.15 20.20
C ILE C 65 -1.02 38.03 19.62
N SER C 66 -1.17 39.35 19.76
CA SER C 66 -0.27 40.29 19.10
C SER C 66 0.59 41.10 20.05
N ASP C 67 -0.02 41.87 20.97
CA ASP C 67 0.72 42.87 21.74
C ASP C 67 0.78 42.42 23.20
N MET C 68 1.80 41.63 23.52
CA MET C 68 1.99 41.10 24.86
C MET C 68 2.55 42.19 25.77
N ALA C 69 1.85 42.45 26.88
CA ALA C 69 2.28 43.45 27.84
C ALA C 69 1.73 43.09 29.21
N SER C 70 2.35 43.65 30.25
CA SER C 70 1.96 43.34 31.61
C SER C 70 2.25 44.56 32.49
N ASP C 71 2.13 44.36 33.80
CA ASP C 71 2.47 45.36 34.80
C ASP C 71 2.40 44.68 36.16
N SER C 72 3.32 45.06 37.05
CA SER C 72 3.40 44.42 38.35
C SER C 72 3.73 45.47 39.41
N ARG C 73 3.46 45.13 40.66
CA ARG C 73 3.65 46.05 41.77
C ARG C 73 3.94 45.28 43.04
N CYS C 74 4.83 45.82 43.87
CA CYS C 74 5.19 45.20 45.13
C CYS C 74 3.98 45.13 46.05
N PRO C 75 3.95 44.19 46.99
CA PRO C 75 2.91 44.19 48.03
C PRO C 75 2.83 45.54 48.75
N THR C 76 1.64 45.82 49.29
CA THR C 76 1.33 47.07 49.97
C THR C 76 1.49 48.29 49.05
N GLN C 77 1.53 48.07 47.74
CA GLN C 77 1.61 49.15 46.77
C GLN C 77 0.40 49.21 45.84
N GLY C 78 -0.68 48.52 46.19
CA GLY C 78 -1.86 48.48 45.36
C GLY C 78 -1.75 47.45 44.25
N GLU C 79 -2.73 47.48 43.36
CA GLU C 79 -2.79 46.57 42.23
C GLU C 79 -2.19 47.22 40.99
N ALA C 80 -1.91 46.39 39.99
CA ALA C 80 -1.30 46.86 38.76
C ALA C 80 -2.36 47.47 37.84
N TYR C 81 -1.88 48.08 36.75
CA TYR C 81 -2.74 48.77 35.81
C TYR C 81 -1.96 49.07 34.54
N LEU C 82 -2.62 48.89 33.39
CA LEU C 82 -2.05 49.22 32.09
C LEU C 82 -3.04 50.06 31.31
N ASP C 83 -2.52 50.82 30.34
CA ASP C 83 -3.38 51.64 29.50
C ASP C 83 -4.23 50.79 28.58
N LYS C 84 -3.68 49.66 28.10
CA LYS C 84 -4.41 48.75 27.23
C LYS C 84 -5.40 47.87 27.99
N GLN C 85 -5.57 48.09 29.30
CA GLN C 85 -6.46 47.26 30.08
C GLN C 85 -7.91 47.47 29.67
N SER C 86 -8.28 48.70 29.33
CA SER C 86 -9.67 49.03 29.00
C SER C 86 -9.97 48.94 27.52
N ASP C 87 -8.98 48.70 26.67
CA ASP C 87 -9.23 48.57 25.24
C ASP C 87 -10.05 47.32 24.96
N THR C 88 -11.10 47.46 24.16
CA THR C 88 -11.98 46.34 23.86
C THR C 88 -11.32 45.30 22.95
N GLN C 89 -10.16 45.61 22.36
CA GLN C 89 -9.42 44.67 21.53
C GLN C 89 -8.32 43.95 22.30
N TYR C 90 -8.37 43.98 23.63
CA TYR C 90 -7.36 43.36 24.47
C TYR C 90 -8.03 42.44 25.48
N VAL C 91 -7.28 41.41 25.89
CA VAL C 91 -7.70 40.48 26.94
C VAL C 91 -6.72 40.60 28.10
N CYS C 92 -7.26 40.73 29.31
CA CYS C 92 -6.45 40.92 30.50
C CYS C 92 -6.86 39.95 31.59
N LYS C 93 -5.92 39.68 32.50
CA LYS C 93 -6.17 38.88 33.69
C LYS C 93 -5.10 39.21 34.71
N ARG C 94 -5.53 39.39 35.97
CA ARG C 94 -4.62 39.79 37.04
C ARG C 94 -4.61 38.73 38.14
N THR C 95 -3.41 38.40 38.61
CA THR C 95 -3.21 37.47 39.71
C THR C 95 -2.00 37.93 40.52
N LEU C 96 -1.78 37.25 41.65
CA LEU C 96 -0.68 37.56 42.53
C LEU C 96 0.47 36.57 42.33
N VAL C 97 1.69 37.06 42.52
CA VAL C 97 2.90 36.26 42.35
C VAL C 97 3.83 36.51 43.54
N ASP C 98 4.62 35.49 43.87
CA ASP C 98 5.57 35.61 44.95
C ASP C 98 6.65 36.62 44.61
N ARG C 99 7.02 37.44 45.57
CA ARG C 99 8.12 38.39 45.39
C ARG C 99 8.57 38.90 46.75
N GLY C 100 9.71 39.58 46.74
CA GLY C 100 10.28 40.15 47.94
C GLY C 100 11.60 40.84 47.67
N TRP C 101 12.56 40.68 48.57
CA TRP C 101 13.86 41.33 48.39
C TRP C 101 14.58 40.82 47.16
N GLY C 102 14.46 39.52 46.87
CA GLY C 102 15.07 38.97 45.68
C GLY C 102 14.48 39.51 44.38
N ASN C 103 13.25 40.03 44.44
CA ASN C 103 12.59 40.57 43.26
C ASN C 103 12.75 42.07 43.11
N GLY C 104 13.06 42.78 44.19
CA GLY C 104 13.16 44.23 44.12
C GLY C 104 12.15 44.95 44.98
N CYS C 105 11.77 44.33 46.10
CA CYS C 105 10.84 44.90 47.05
C CYS C 105 11.58 45.39 48.29
N GLY C 106 10.79 45.84 49.26
CA GLY C 106 11.29 46.15 50.59
C GLY C 106 10.65 45.25 51.63
N LEU C 107 9.69 44.44 51.17
CA LEU C 107 8.98 43.51 52.03
C LEU C 107 8.52 42.33 51.19
N PHE C 108 8.32 41.20 51.86
CA PHE C 108 7.93 39.97 51.18
C PHE C 108 6.41 39.83 51.15
N GLY C 109 5.94 38.98 50.25
CA GLY C 109 4.53 38.67 50.15
C GLY C 109 4.10 38.60 48.70
N LYS C 110 2.79 38.79 48.49
CA LYS C 110 2.21 38.68 47.16
C LYS C 110 2.34 40.01 46.42
N GLY C 111 2.77 39.93 45.15
CA GLY C 111 2.85 41.09 44.28
C GLY C 111 1.76 41.05 43.22
N SER C 112 1.07 42.17 43.07
CA SER C 112 -0.01 42.24 42.09
C SER C 112 0.55 42.27 40.68
N LEU C 113 -0.09 41.51 39.79
CA LEU C 113 0.35 41.38 38.41
C LEU C 113 -0.86 41.36 37.50
N VAL C 114 -0.81 42.12 36.42
CA VAL C 114 -1.83 42.10 35.37
C VAL C 114 -1.13 41.85 34.05
N THR C 115 -1.83 41.18 33.13
CA THR C 115 -1.26 40.82 31.83
C THR C 115 -2.30 41.02 30.75
N CYS C 116 -1.95 41.78 29.72
CA CYS C 116 -2.86 42.07 28.63
C CYS C 116 -2.22 41.75 27.29
N ALA C 117 -3.04 41.31 26.34
CA ALA C 117 -2.58 40.97 25.00
C ALA C 117 -3.63 41.43 23.98
N LYS C 118 -3.15 41.83 22.81
CA LYS C 118 -4.05 42.34 21.77
C LYS C 118 -4.66 41.19 21.00
N PHE C 119 -5.99 41.17 20.94
CA PHE C 119 -6.73 40.09 20.30
C PHE C 119 -6.89 40.36 18.81
N ALA C 120 -6.85 39.30 18.02
CA ALA C 120 -7.05 39.41 16.58
C ALA C 120 -7.50 38.04 16.06
N CYS C 121 -8.60 38.03 15.31
CA CYS C 121 -9.15 36.79 14.78
C CYS C 121 -8.57 36.51 13.40
N SER C 122 -8.14 35.26 13.19
CA SER C 122 -7.60 34.81 11.92
C SER C 122 -8.65 34.15 11.03
N LYS C 123 -9.38 33.17 11.56
CA LYS C 123 -10.44 32.49 10.82
C LYS C 123 -11.71 32.49 11.66
N LYS C 124 -12.81 32.92 11.05
CA LYS C 124 -14.09 33.01 11.74
C LYS C 124 -15.20 32.40 10.89
N MET C 125 -16.21 31.86 11.56
CA MET C 125 -17.42 31.38 10.93
C MET C 125 -18.52 32.41 11.10
N THR C 126 -19.53 32.33 10.23
CA THR C 126 -20.68 33.24 10.28
C THR C 126 -21.98 32.46 10.15
N GLY C 127 -23.00 32.94 10.83
CA GLY C 127 -24.34 32.36 10.74
C GLY C 127 -25.31 33.33 10.10
N LYS C 128 -26.15 32.82 9.20
CA LYS C 128 -27.04 33.66 8.42
C LYS C 128 -28.49 33.23 8.58
N SER C 129 -29.38 34.19 8.72
CA SER C 129 -30.81 33.91 8.86
C SER C 129 -31.46 33.78 7.49
N ILE C 130 -32.42 32.87 7.39
CA ILE C 130 -32.95 32.41 6.10
C ILE C 130 -34.18 33.21 5.66
N GLN C 131 -35.17 33.40 6.56
CA GLN C 131 -36.26 34.35 6.27
C GLN C 131 -37.08 34.03 5.01
N PRO C 132 -38.23 33.33 5.12
CA PRO C 132 -39.01 32.91 3.93
C PRO C 132 -38.86 33.79 2.69
N GLU C 133 -38.83 35.12 2.86
CA GLU C 133 -38.56 36.01 1.74
C GLU C 133 -37.18 35.76 1.14
N ASN C 134 -37.11 35.72 -0.18
CA ASN C 134 -35.88 35.38 -0.90
C ASN C 134 -35.42 33.97 -0.57
N LEU C 135 -36.32 33.01 -0.76
CA LEU C 135 -36.05 31.58 -0.64
C LEU C 135 -36.86 30.91 -1.72
N GLU C 136 -36.23 30.05 -2.51
CA GLU C 136 -36.89 29.52 -3.70
C GLU C 136 -36.77 28.00 -3.74
N TYR C 137 -37.77 27.38 -4.34
CA TYR C 137 -37.77 25.97 -4.69
C TYR C 137 -37.90 25.85 -6.20
N ARG C 138 -37.58 24.67 -6.72
CA ARG C 138 -37.67 24.39 -8.15
C ARG C 138 -38.20 22.98 -8.35
N ILE C 139 -39.26 22.85 -9.13
CA ILE C 139 -39.86 21.57 -9.46
C ILE C 139 -39.71 21.34 -10.96
N MET C 140 -39.39 20.11 -11.33
CA MET C 140 -39.26 19.70 -12.73
C MET C 140 -40.43 18.82 -13.10
N LEU C 141 -41.03 19.09 -14.25
CA LEU C 141 -42.19 18.35 -14.74
C LEU C 141 -41.83 17.69 -16.07
N SER C 142 -41.93 16.36 -16.11
CA SER C 142 -41.68 15.61 -17.34
C SER C 142 -42.88 14.68 -17.58
N VAL C 143 -43.47 14.78 -18.76
CA VAL C 143 -44.62 13.98 -19.12
C VAL C 143 -44.16 12.76 -19.91
N HIS C 144 -45.00 11.74 -19.93
CA HIS C 144 -44.69 10.52 -20.67
C HIS C 144 -44.97 10.72 -22.16
N GLY C 145 -44.53 9.74 -22.94
CA GLY C 145 -44.53 9.87 -24.38
C GLY C 145 -43.22 10.36 -24.97
N SER C 146 -42.16 10.44 -24.17
CA SER C 146 -40.86 10.87 -24.61
C SER C 146 -40.00 9.66 -24.93
N GLN C 147 -38.71 9.89 -25.17
CA GLN C 147 -37.79 8.82 -25.53
C GLN C 147 -36.38 9.18 -25.07
N HIS C 148 -35.57 8.15 -24.83
CA HIS C 148 -34.17 8.31 -24.49
C HIS C 148 -33.41 7.00 -24.63
N ASN C 163 -42.73 17.15 -24.25
CA ASN C 163 -42.18 18.42 -23.82
C ASN C 163 -42.21 18.54 -22.30
N ARG C 164 -41.06 18.90 -21.72
CA ARG C 164 -40.92 19.06 -20.28
C ARG C 164 -40.75 20.53 -19.93
N ALA C 165 -41.13 20.87 -18.70
CA ALA C 165 -41.07 22.25 -18.23
C ALA C 165 -40.61 22.29 -16.78
N LYS C 166 -40.17 23.46 -16.35
CA LYS C 166 -39.76 23.71 -14.98
C LYS C 166 -40.70 24.72 -14.34
N VAL C 167 -40.99 24.50 -13.05
CA VAL C 167 -41.91 25.36 -12.30
C VAL C 167 -41.16 25.88 -11.09
N GLU C 168 -41.10 27.20 -10.96
CA GLU C 168 -40.45 27.86 -9.84
C GLU C 168 -41.47 28.20 -8.76
N ILE C 169 -41.02 28.17 -7.51
CA ILE C 169 -41.87 28.43 -6.36
C ILE C 169 -41.11 29.31 -5.37
N THR C 170 -41.79 30.35 -4.87
CA THR C 170 -41.27 31.28 -3.88
C THR C 170 -42.42 31.64 -2.96
N PRO C 171 -42.19 31.66 -1.63
CA PRO C 171 -43.28 31.99 -0.70
C PRO C 171 -44.00 33.30 -1.02
N ASN C 172 -43.34 34.19 -1.77
CA ASN C 172 -44.01 35.40 -2.24
C ASN C 172 -45.00 35.10 -3.36
N SER C 173 -44.89 33.95 -4.01
CA SER C 173 -45.83 33.56 -5.06
C SER C 173 -45.83 32.04 -5.17
N PRO C 174 -46.33 31.36 -4.14
CA PRO C 174 -46.32 29.88 -4.15
C PRO C 174 -47.27 29.28 -5.17
N ARG C 175 -48.29 30.02 -5.59
CA ARG C 175 -49.17 29.55 -6.65
C ARG C 175 -48.41 29.47 -7.95
N ALA C 176 -48.44 28.30 -8.60
CA ALA C 176 -47.63 28.05 -9.77
C ALA C 176 -48.47 27.51 -10.91
N GLU C 177 -48.18 27.97 -12.13
CA GLU C 177 -48.86 27.56 -13.35
C GLU C 177 -47.82 27.17 -14.38
N ALA C 178 -47.78 25.89 -14.74
CA ALA C 178 -46.80 25.38 -15.70
C ALA C 178 -47.47 25.13 -17.04
N THR C 179 -46.79 25.51 -18.12
CA THR C 179 -47.27 25.32 -19.47
C THR C 179 -46.53 24.14 -20.10
N LEU C 180 -47.27 23.10 -20.47
CA LEU C 180 -46.70 21.89 -21.06
C LEU C 180 -47.01 21.78 -22.55
N GLY C 181 -47.47 22.86 -23.16
CA GLY C 181 -47.70 22.85 -24.61
C GLY C 181 -48.92 22.04 -24.98
N GLY C 182 -48.73 21.08 -25.88
CA GLY C 182 -49.86 20.29 -26.34
C GLY C 182 -50.50 19.46 -25.26
N PHE C 183 -49.73 19.08 -24.23
CA PHE C 183 -50.28 18.36 -23.10
C PHE C 183 -51.12 19.24 -22.19
N GLY C 184 -51.23 20.54 -22.47
CA GLY C 184 -52.02 21.43 -21.65
C GLY C 184 -51.19 22.12 -20.59
N SER C 185 -51.89 22.60 -19.56
CA SER C 185 -51.27 23.28 -18.44
C SER C 185 -51.48 22.49 -17.16
N LEU C 186 -50.60 22.74 -16.19
CA LEU C 186 -50.65 22.07 -14.89
C LEU C 186 -50.50 23.12 -13.80
N GLY C 187 -51.51 23.24 -12.96
CA GLY C 187 -51.47 24.13 -11.82
C GLY C 187 -51.05 23.39 -10.56
N LEU C 188 -50.37 24.10 -9.67
CA LEU C 188 -49.90 23.50 -8.42
C LEU C 188 -49.84 24.58 -7.35
N ASP C 189 -50.41 24.28 -6.19
CA ASP C 189 -50.48 25.22 -5.06
C ASP C 189 -49.74 24.58 -3.88
N CYS C 190 -48.49 24.97 -3.69
CA CYS C 190 -47.64 24.43 -2.63
C CYS C 190 -47.54 25.43 -1.48
N GLU C 191 -47.68 24.91 -0.26
CA GLU C 191 -47.66 25.48 1.09
C GLU C 191 -46.32 25.99 1.65
N PRO C 192 -45.17 25.91 0.95
CA PRO C 192 -43.92 25.36 1.50
C PRO C 192 -43.63 25.34 3.01
N ARG C 193 -44.64 25.51 3.86
CA ARG C 193 -44.53 25.65 5.31
C ARG C 193 -43.72 24.55 6.04
N THR C 194 -43.12 23.59 5.32
CA THR C 194 -42.37 22.52 5.98
C THR C 194 -40.85 22.67 5.93
N GLY C 195 -40.30 23.46 5.01
CA GLY C 195 -38.86 23.46 4.80
C GLY C 195 -38.06 24.15 5.89
N LEU C 196 -38.62 25.20 6.50
CA LEU C 196 -37.86 26.06 7.40
C LEU C 196 -38.16 25.79 8.88
N TYR C 203 -27.72 29.60 9.37
CA TYR C 203 -27.02 29.10 8.18
C TYR C 203 -25.50 29.19 8.38
N LEU C 204 -24.88 28.05 8.63
CA LEU C 204 -23.48 28.00 9.00
C LEU C 204 -22.59 28.00 7.76
N THR C 205 -21.51 28.78 7.81
CA THR C 205 -20.49 28.79 6.77
C THR C 205 -19.15 29.07 7.43
N MET C 206 -18.21 28.13 7.30
CA MET C 206 -16.98 28.19 8.07
C MET C 206 -15.73 28.36 7.22
N ASN C 207 -15.43 27.41 6.32
CA ASN C 207 -14.22 27.40 5.53
C ASN C 207 -14.55 27.46 4.06
N ASN C 208 -15.58 28.25 3.73
CA ASN C 208 -16.29 28.26 2.46
C ASN C 208 -17.07 26.97 2.24
N LYS C 209 -17.14 26.09 3.23
CA LYS C 209 -18.06 24.96 3.24
C LYS C 209 -19.16 25.24 4.25
N HIS C 210 -20.40 25.09 3.83
CA HIS C 210 -21.55 25.57 4.57
C HIS C 210 -22.38 24.40 5.07
N TRP C 211 -23.10 24.63 6.16
CA TRP C 211 -23.95 23.61 6.76
C TRP C 211 -25.22 24.25 7.28
N LEU C 212 -26.15 23.41 7.73
CA LEU C 212 -27.40 23.87 8.33
C LEU C 212 -27.69 23.09 9.62
N GLU C 216 -31.82 27.38 17.40
CA GLU C 216 -31.47 27.89 18.72
C GLU C 216 -29.99 27.71 19.00
N TRP C 217 -29.52 26.47 18.87
CA TRP C 217 -28.09 26.17 19.03
C TRP C 217 -27.29 26.99 18.03
N PHE C 218 -25.97 27.10 18.28
CA PHE C 218 -25.03 28.05 17.66
C PHE C 218 -25.13 29.39 18.40
N HIS C 219 -26.10 29.55 19.29
CA HIS C 219 -26.12 30.69 20.20
C HIS C 219 -25.09 30.55 21.32
N ASP C 220 -24.82 29.33 21.77
CA ASP C 220 -23.97 29.07 22.92
C ASP C 220 -22.75 28.25 22.54
N ILE C 221 -22.11 28.60 21.43
CA ILE C 221 -20.85 27.98 21.04
C ILE C 221 -19.72 28.69 21.80
N PRO C 222 -18.89 27.97 22.55
CA PRO C 222 -17.85 28.63 23.33
C PRO C 222 -16.71 29.18 22.48
N LEU C 223 -16.97 30.27 21.78
CA LEU C 223 -16.00 30.93 20.93
C LEU C 223 -16.25 32.43 20.98
N PRO C 224 -15.28 33.25 20.59
CA PRO C 224 -15.54 34.68 20.42
C PRO C 224 -16.60 34.90 19.36
N TRP C 225 -17.28 36.05 19.44
CA TRP C 225 -18.39 36.30 18.53
C TRP C 225 -18.71 37.79 18.47
N HIS C 226 -19.23 38.20 17.32
CA HIS C 226 -19.79 39.53 17.12
C HIS C 226 -21.07 39.40 16.31
N ALA C 227 -22.04 40.28 16.60
CA ALA C 227 -23.40 40.09 16.09
C ALA C 227 -23.55 40.56 14.65
N GLY C 228 -23.30 41.85 14.40
CA GLY C 228 -23.57 42.43 13.10
C GLY C 228 -22.70 41.94 11.97
N ALA C 229 -22.68 42.69 10.86
CA ALA C 229 -21.87 42.33 9.71
C ALA C 229 -20.42 42.75 9.96
N ASP C 230 -19.60 42.69 8.92
CA ASP C 230 -18.17 42.96 9.05
C ASP C 230 -17.94 44.43 9.36
N THR C 231 -17.50 44.71 10.59
CA THR C 231 -17.00 46.03 10.91
C THR C 231 -15.59 46.19 10.34
N GLY C 232 -15.15 47.45 10.25
CA GLY C 232 -13.77 47.70 9.83
C GLY C 232 -12.77 46.99 10.71
N THR C 233 -12.92 47.15 12.02
CA THR C 233 -12.18 46.35 13.01
C THR C 233 -13.21 45.76 13.96
N PRO C 234 -13.51 44.46 13.86
CA PRO C 234 -14.62 43.90 14.65
C PRO C 234 -14.31 43.88 16.13
N HIS C 235 -15.38 43.95 16.93
CA HIS C 235 -15.30 43.90 18.39
C HIS C 235 -15.84 42.55 18.84
N TRP C 236 -14.96 41.68 19.31
CA TRP C 236 -15.34 40.33 19.72
C TRP C 236 -15.74 40.31 21.20
N ASN C 237 -16.60 39.35 21.53
CA ASN C 237 -17.06 39.13 22.89
C ASN C 237 -16.66 37.73 23.35
N ASN C 238 -16.46 37.59 24.66
CA ASN C 238 -15.97 36.35 25.26
C ASN C 238 -14.65 35.91 24.60
N LYS C 239 -13.71 36.85 24.55
CA LYS C 239 -12.42 36.57 23.92
C LYS C 239 -11.53 35.71 24.80
N GLU C 240 -11.74 35.72 26.11
CA GLU C 240 -10.94 34.89 27.01
C GLU C 240 -11.27 33.40 26.87
N ALA C 241 -12.35 33.06 26.18
CA ALA C 241 -12.63 31.66 25.90
C ALA C 241 -11.61 31.05 24.95
N LEU C 242 -10.83 31.87 24.25
CA LEU C 242 -9.78 31.41 23.37
C LEU C 242 -8.38 31.83 23.82
N VAL C 243 -8.29 32.79 24.75
CA VAL C 243 -7.00 33.27 25.25
C VAL C 243 -6.90 32.87 26.72
N GLU C 244 -5.88 32.08 27.05
CA GLU C 244 -5.67 31.61 28.42
C GLU C 244 -4.57 32.42 29.10
N PHE C 245 -4.77 32.66 30.39
CA PHE C 245 -3.77 33.23 31.28
C PHE C 245 -3.59 32.32 32.49
N LYS C 246 -3.46 31.02 32.21
CA LYS C 246 -3.63 30.00 33.24
C LYS C 246 -2.34 29.75 34.02
N ASP C 247 -1.28 29.33 33.34
CA ASP C 247 -0.09 28.82 34.02
C ASP C 247 0.59 29.96 34.78
N ALA C 248 0.43 29.95 36.09
CA ALA C 248 1.15 30.86 36.97
C ALA C 248 2.19 30.05 37.75
N HIS C 249 3.45 30.25 37.41
CA HIS C 249 4.54 29.55 38.08
C HIS C 249 4.86 30.13 39.46
N ALA C 250 3.96 30.88 40.07
CA ALA C 250 4.15 31.73 41.24
C ALA C 250 5.20 32.81 41.01
N LYS C 251 5.81 32.88 39.81
CA LYS C 251 6.77 33.93 39.49
C LYS C 251 6.57 34.50 38.10
N ARG C 252 5.45 34.21 37.44
CA ARG C 252 5.16 34.69 36.09
C ARG C 252 3.72 34.31 35.76
N GLN C 253 3.30 34.69 34.55
CA GLN C 253 1.97 34.32 34.05
C GLN C 253 2.09 34.10 32.55
N THR C 254 1.91 32.86 32.11
CA THR C 254 2.05 32.52 30.70
C THR C 254 0.70 32.63 29.99
N VAL C 255 0.77 32.83 28.68
CA VAL C 255 -0.42 32.93 27.85
C VAL C 255 -0.36 31.84 26.79
N VAL C 256 -1.54 31.34 26.42
CA VAL C 256 -1.65 30.32 25.38
C VAL C 256 -2.99 30.48 24.66
N VAL C 257 -2.94 30.68 23.35
CA VAL C 257 -4.14 30.74 22.52
C VAL C 257 -4.50 29.32 22.10
N LEU C 258 -5.79 29.04 22.00
CA LEU C 258 -6.27 27.69 21.72
C LEU C 258 -6.03 27.24 20.28
N GLY C 259 -5.31 28.00 19.45
CA GLY C 259 -5.08 27.56 18.09
C GLY C 259 -6.33 27.69 17.24
N SER C 260 -6.48 26.75 16.31
CA SER C 260 -7.63 26.70 15.43
C SER C 260 -8.66 25.70 15.96
N GLN C 261 -9.93 26.08 15.90
CA GLN C 261 -11.03 25.25 16.39
C GLN C 261 -11.92 24.75 15.26
N GLU C 262 -11.35 24.63 14.05
CA GLU C 262 -12.15 24.24 12.89
C GLU C 262 -12.59 22.78 12.97
N GLY C 263 -11.63 21.87 13.12
CA GLY C 263 -11.97 20.45 13.21
C GLY C 263 -12.79 20.09 14.43
N ALA C 264 -12.69 20.89 15.51
CA ALA C 264 -13.46 20.60 16.71
C ALA C 264 -14.94 20.80 16.48
N VAL C 265 -15.31 21.83 15.73
CA VAL C 265 -16.72 22.05 15.40
C VAL C 265 -17.16 21.24 14.19
N HIS C 266 -16.20 20.79 13.37
CA HIS C 266 -16.54 19.87 12.27
C HIS C 266 -17.16 18.59 12.82
N THR C 267 -16.51 17.99 13.80
CA THR C 267 -17.01 16.75 14.40
C THR C 267 -18.24 16.96 15.27
N ALA C 268 -18.64 18.21 15.52
CA ALA C 268 -19.84 18.49 16.29
C ALA C 268 -21.10 18.47 15.43
N LEU C 269 -20.97 18.28 14.12
CA LEU C 269 -22.10 18.29 13.21
C LEU C 269 -22.54 16.85 12.91
N ALA C 270 -23.06 16.20 13.96
CA ALA C 270 -23.53 14.82 13.86
C ALA C 270 -24.83 14.79 13.08
N GLY C 271 -24.76 14.44 11.80
CA GLY C 271 -25.94 14.38 10.97
C GLY C 271 -26.53 15.72 10.59
N ALA C 272 -25.79 16.81 10.76
CA ALA C 272 -26.31 18.12 10.41
C ALA C 272 -26.42 18.25 8.89
N LEU C 273 -27.58 18.74 8.43
CA LEU C 273 -27.81 18.89 7.00
C LEU C 273 -26.84 19.90 6.41
N GLU C 274 -26.25 19.55 5.28
CA GLU C 274 -25.22 20.35 4.64
C GLU C 274 -25.73 20.96 3.33
N ALA C 275 -24.98 21.94 2.84
CA ALA C 275 -25.32 22.69 1.64
C ALA C 275 -24.13 23.54 1.26
N GLU C 276 -23.85 23.64 -0.04
CA GLU C 276 -22.70 24.43 -0.48
C GLU C 276 -22.90 24.84 -1.93
N MET C 277 -22.76 26.13 -2.20
CA MET C 277 -22.84 26.67 -3.56
C MET C 277 -22.34 28.10 -3.54
N ASP C 278 -22.00 28.61 -4.73
CA ASP C 278 -21.47 29.95 -4.86
C ASP C 278 -21.78 30.45 -6.27
N GLY C 279 -21.96 31.76 -6.40
CA GLY C 279 -21.85 32.71 -5.30
C GLY C 279 -23.16 33.40 -4.96
N ALA C 280 -23.39 33.68 -3.68
CA ALA C 280 -24.59 34.30 -3.12
C ALA C 280 -25.86 33.50 -3.38
N LYS C 281 -25.75 32.31 -3.95
CA LYS C 281 -26.90 31.44 -4.20
C LYS C 281 -26.50 30.05 -3.73
N GLY C 282 -26.92 29.68 -2.52
CA GLY C 282 -26.54 28.41 -1.93
C GLY C 282 -27.61 27.36 -2.17
N ARG C 283 -27.17 26.18 -2.60
CA ARG C 283 -28.06 25.06 -2.89
C ARG C 283 -28.17 24.16 -1.67
N LEU C 284 -29.39 23.96 -1.19
CA LEU C 284 -29.63 23.10 -0.04
C LEU C 284 -29.68 21.63 -0.47
N SER C 285 -29.94 20.75 0.50
CA SER C 285 -30.04 19.32 0.24
C SER C 285 -31.22 18.70 0.97
N SER C 286 -32.25 19.49 1.26
CA SER C 286 -33.42 19.01 1.99
C SER C 286 -34.69 19.37 1.23
N GLY C 287 -35.75 18.60 1.48
CA GLY C 287 -36.98 18.73 0.72
C GLY C 287 -38.25 18.74 1.55
N HIS C 288 -39.17 17.84 1.22
CA HIS C 288 -40.45 17.65 1.91
C HIS C 288 -41.36 18.89 1.74
N LEU C 289 -41.72 19.12 0.48
CA LEU C 289 -42.73 20.09 0.10
C LEU C 289 -44.09 19.40 -0.02
N LYS C 290 -45.11 20.06 0.51
CA LYS C 290 -46.48 19.58 0.46
C LYS C 290 -47.21 20.40 -0.60
N CYS C 291 -47.59 19.75 -1.70
CA CYS C 291 -48.17 20.42 -2.85
C CYS C 291 -49.56 19.88 -3.11
N ARG C 292 -50.50 20.79 -3.37
CA ARG C 292 -51.86 20.46 -3.78
C ARG C 292 -52.04 21.00 -5.19
N LEU C 293 -51.77 20.15 -6.19
CA LEU C 293 -51.77 20.56 -7.58
C LEU C 293 -53.09 20.24 -8.26
N LYS C 294 -53.48 21.11 -9.19
CA LYS C 294 -54.70 20.96 -9.96
C LYS C 294 -54.36 20.74 -11.43
N MET C 295 -55.08 19.82 -12.07
CA MET C 295 -54.78 19.42 -13.44
C MET C 295 -56.06 19.38 -14.28
N ASP C 296 -56.87 20.44 -14.19
CA ASP C 296 -58.04 20.54 -15.04
C ASP C 296 -57.67 20.80 -16.49
N LYS C 297 -56.57 21.51 -16.72
CA LYS C 297 -56.21 22.01 -18.05
C LYS C 297 -55.09 21.21 -18.70
N LEU C 298 -55.07 19.89 -18.52
CA LEU C 298 -54.15 19.04 -19.26
C LEU C 298 -54.92 17.91 -19.94
N ARG C 299 -54.52 17.58 -21.16
CA ARG C 299 -55.15 16.55 -21.95
C ARG C 299 -54.09 15.66 -22.57
N LEU C 300 -54.46 14.42 -22.87
CA LEU C 300 -53.53 13.49 -23.48
C LEU C 300 -53.17 13.94 -24.89
N LYS C 301 -51.89 13.80 -25.25
CA LYS C 301 -51.43 14.23 -26.56
C LYS C 301 -52.13 13.45 -27.67
N GLY C 302 -52.12 12.13 -27.58
CA GLY C 302 -52.78 11.32 -28.58
C GLY C 302 -54.07 10.66 -28.12
N VAL C 303 -55.20 11.25 -28.49
CA VAL C 303 -56.50 10.64 -28.29
C VAL C 303 -57.20 10.58 -29.64
N SER C 304 -57.13 11.69 -30.39
CA SER C 304 -57.70 11.80 -31.72
C SER C 304 -56.82 11.18 -32.79
N TYR C 305 -55.87 10.33 -32.39
CA TYR C 305 -54.95 9.68 -33.30
C TYR C 305 -55.48 8.31 -33.69
N SER C 306 -55.01 7.82 -34.85
CA SER C 306 -55.33 6.49 -35.29
C SER C 306 -54.24 5.51 -34.83
N LEU C 307 -54.51 4.22 -35.03
CA LEU C 307 -53.55 3.19 -34.66
C LEU C 307 -52.42 3.11 -35.68
N CYS C 308 -51.25 2.71 -35.21
CA CYS C 308 -50.10 2.52 -36.08
C CYS C 308 -50.19 1.17 -36.78
N THR C 309 -50.08 1.20 -38.11
CA THR C 309 -50.22 -0.03 -38.89
C THR C 309 -48.89 -0.70 -39.21
N ALA C 310 -47.78 0.06 -39.20
CA ALA C 310 -46.49 -0.51 -39.51
C ALA C 310 -45.92 -1.26 -38.30
N ALA C 311 -44.79 -1.91 -38.50
CA ALA C 311 -44.15 -2.70 -37.46
C ALA C 311 -43.12 -1.85 -36.72
N PHE C 312 -42.83 -2.27 -35.49
CA PHE C 312 -41.88 -1.60 -34.62
C PHE C 312 -40.55 -2.36 -34.63
N THR C 313 -39.64 -1.95 -33.74
CA THR C 313 -38.36 -2.63 -33.60
C THR C 313 -37.82 -2.35 -32.21
N PHE C 314 -37.58 -3.40 -31.43
CA PHE C 314 -37.04 -3.25 -30.08
C PHE C 314 -35.62 -2.70 -30.17
N THR C 315 -35.45 -1.43 -29.81
CA THR C 315 -34.12 -0.82 -29.82
C THR C 315 -33.22 -1.45 -28.76
N LYS C 316 -33.64 -1.39 -27.51
CA LYS C 316 -32.91 -1.98 -26.39
C LYS C 316 -33.72 -3.12 -25.80
N ILE C 317 -33.08 -3.85 -24.89
CA ILE C 317 -33.77 -4.93 -24.18
C ILE C 317 -34.56 -4.33 -23.03
N PRO C 318 -35.84 -4.64 -22.89
CA PRO C 318 -36.63 -4.11 -21.77
C PRO C 318 -36.05 -4.55 -20.44
N ALA C 319 -35.81 -3.57 -19.56
CA ALA C 319 -35.21 -3.80 -18.26
C ALA C 319 -36.22 -3.53 -17.15
N GLU C 320 -35.90 -4.03 -15.96
CA GLU C 320 -36.74 -3.85 -14.78
C GLU C 320 -36.12 -2.79 -13.87
N THR C 321 -36.95 -1.83 -13.45
CA THR C 321 -36.49 -0.76 -12.59
C THR C 321 -36.40 -1.24 -11.14
N LEU C 322 -36.02 -0.33 -10.24
CA LEU C 322 -35.87 -0.66 -8.83
C LEU C 322 -37.19 -0.96 -8.15
N HIS C 323 -38.33 -0.61 -8.77
CA HIS C 323 -39.63 -0.75 -8.13
C HIS C 323 -40.50 -1.85 -8.74
N GLY C 324 -40.09 -2.43 -9.85
CA GLY C 324 -40.81 -3.53 -10.44
C GLY C 324 -41.56 -3.23 -11.73
N THR C 325 -41.20 -2.18 -12.45
CA THR C 325 -41.83 -1.83 -13.72
C THR C 325 -40.86 -2.09 -14.87
N VAL C 326 -41.38 -2.10 -16.09
CA VAL C 326 -40.62 -2.44 -17.28
C VAL C 326 -40.67 -1.26 -18.24
N THR C 327 -39.48 -0.82 -18.67
CA THR C 327 -39.36 0.19 -19.72
C THR C 327 -39.02 -0.50 -21.04
N VAL C 328 -39.57 0.02 -22.13
CA VAL C 328 -39.35 -0.53 -23.46
C VAL C 328 -39.26 0.62 -24.44
N GLU C 329 -38.25 0.59 -25.30
CA GLU C 329 -38.02 1.63 -26.29
C GLU C 329 -38.07 1.00 -27.68
N VAL C 330 -39.04 1.41 -28.49
CA VAL C 330 -39.23 0.86 -29.83
C VAL C 330 -39.00 1.97 -30.84
N GLN C 331 -38.78 1.55 -32.09
CA GLN C 331 -38.57 2.46 -33.21
C GLN C 331 -39.60 2.16 -34.29
N TYR C 332 -40.52 3.09 -34.51
CA TYR C 332 -41.54 2.93 -35.54
C TYR C 332 -40.91 3.12 -36.91
N ALA C 333 -41.13 2.15 -37.79
CA ALA C 333 -40.57 2.17 -39.15
C ALA C 333 -41.74 2.33 -40.13
N GLY C 334 -42.10 3.58 -40.40
CA GLY C 334 -43.20 3.86 -41.32
C GLY C 334 -43.72 5.28 -41.23
N THR C 335 -44.26 5.80 -42.33
CA THR C 335 -44.80 7.14 -42.39
C THR C 335 -46.26 7.23 -41.98
N ASP C 336 -46.76 6.22 -41.27
CA ASP C 336 -48.15 6.22 -40.82
C ASP C 336 -48.38 7.13 -39.62
N GLY C 337 -47.32 7.59 -38.96
CA GLY C 337 -47.45 8.48 -37.82
C GLY C 337 -47.79 9.89 -38.25
N PRO C 338 -48.17 10.72 -37.27
CA PRO C 338 -48.27 10.40 -35.84
C PRO C 338 -49.51 9.55 -35.51
N CYS C 339 -49.29 8.40 -34.89
CA CYS C 339 -50.35 7.44 -34.61
C CYS C 339 -50.21 6.92 -33.18
N LYS C 340 -51.15 6.09 -32.76
CA LYS C 340 -51.17 5.53 -31.42
C LYS C 340 -50.41 4.20 -31.40
N VAL C 341 -49.55 4.03 -30.41
CA VAL C 341 -48.75 2.83 -30.25
C VAL C 341 -49.51 1.86 -29.36
N PRO C 342 -49.94 0.70 -29.86
CA PRO C 342 -50.60 -0.28 -29.00
C PRO C 342 -49.60 -1.08 -28.20
N ALA C 343 -49.92 -1.27 -26.91
CA ALA C 343 -49.04 -2.01 -26.01
C ALA C 343 -49.76 -2.29 -24.70
N GLN C 344 -49.51 -3.48 -24.16
CA GLN C 344 -49.94 -3.91 -22.83
C GLN C 344 -49.37 -5.32 -22.63
N MET C 345 -49.56 -5.88 -21.43
CA MET C 345 -49.08 -7.22 -21.14
C MET C 345 -49.82 -8.25 -21.99
N ALA C 346 -49.34 -9.50 -21.94
CA ALA C 346 -49.61 -10.49 -22.97
C ALA C 346 -50.12 -11.82 -22.42
N VAL C 347 -50.85 -11.80 -21.31
CA VAL C 347 -50.86 -12.92 -20.37
C VAL C 347 -50.89 -14.29 -21.04
N ASP C 348 -51.87 -14.53 -21.90
CA ASP C 348 -52.01 -15.84 -22.53
C ASP C 348 -51.62 -15.86 -24.00
N MET C 349 -51.47 -14.70 -24.63
CA MET C 349 -50.95 -14.52 -26.00
C MET C 349 -51.94 -14.93 -27.09
N GLN C 350 -53.22 -15.11 -26.79
CA GLN C 350 -54.14 -15.37 -27.89
C GLN C 350 -55.33 -14.42 -27.96
N THR C 351 -56.02 -14.13 -26.85
CA THR C 351 -56.96 -13.02 -26.99
C THR C 351 -57.13 -12.27 -25.67
N LEU C 352 -56.18 -11.38 -25.38
CA LEU C 352 -56.40 -10.00 -24.94
C LEU C 352 -55.04 -9.42 -24.53
N THR C 353 -54.89 -8.10 -24.57
CA THR C 353 -53.82 -7.42 -23.87
C THR C 353 -54.12 -7.12 -22.40
N PRO C 354 -55.37 -6.77 -21.99
CA PRO C 354 -55.58 -6.23 -20.63
C PRO C 354 -55.28 -7.21 -19.49
N VAL C 355 -53.99 -7.34 -19.21
CA VAL C 355 -53.48 -7.94 -17.98
C VAL C 355 -52.39 -7.01 -17.45
N GLY C 356 -52.29 -6.91 -16.13
CA GLY C 356 -51.35 -5.95 -15.60
C GLY C 356 -51.86 -4.52 -15.82
N ARG C 357 -50.92 -3.59 -15.95
CA ARG C 357 -51.27 -2.19 -16.06
C ARG C 357 -50.31 -1.47 -17.00
N LEU C 358 -50.81 -0.40 -17.62
CA LEU C 358 -50.02 0.49 -18.46
C LEU C 358 -49.78 1.78 -17.68
N ILE C 359 -48.52 2.17 -17.55
CA ILE C 359 -48.18 3.40 -16.86
C ILE C 359 -48.07 4.58 -17.83
N THR C 360 -47.34 4.40 -18.93
CA THR C 360 -47.24 5.46 -19.94
C THR C 360 -48.58 5.57 -20.65
N ALA C 361 -49.37 6.57 -20.26
CA ALA C 361 -50.73 6.71 -20.77
C ALA C 361 -50.70 7.08 -22.25
N ASN C 362 -51.30 6.23 -23.09
CA ASN C 362 -51.44 6.45 -24.52
C ASN C 362 -50.11 6.76 -25.19
N PRO C 363 -49.24 5.77 -25.35
CA PRO C 363 -47.98 6.02 -26.07
C PRO C 363 -48.24 6.36 -27.52
N VAL C 364 -47.63 7.45 -27.98
CA VAL C 364 -47.88 8.00 -29.31
C VAL C 364 -46.54 8.31 -29.96
N ILE C 365 -46.42 7.96 -31.24
CA ILE C 365 -45.26 8.36 -32.04
C ILE C 365 -45.49 9.78 -32.52
N THR C 366 -44.45 10.59 -32.47
CA THR C 366 -44.60 12.04 -32.68
C THR C 366 -44.15 12.52 -34.05
N GLU C 367 -43.20 11.83 -34.69
CA GLU C 367 -42.65 12.27 -35.97
C GLU C 367 -43.09 11.32 -37.07
N SER C 368 -43.38 11.88 -38.24
CA SER C 368 -43.85 11.11 -39.39
C SER C 368 -42.71 10.55 -40.23
N THR C 369 -41.45 10.82 -39.87
CA THR C 369 -40.33 10.25 -40.59
C THR C 369 -40.33 8.73 -40.45
N GLU C 370 -39.60 8.07 -41.35
CA GLU C 370 -39.63 6.61 -41.38
C GLU C 370 -39.13 6.02 -40.07
N ASN C 371 -38.08 6.58 -39.50
CA ASN C 371 -37.46 6.05 -38.29
C ASN C 371 -37.49 7.10 -37.19
N SER C 372 -38.21 6.80 -36.10
CA SER C 372 -38.25 7.66 -34.93
C SER C 372 -38.26 6.81 -33.68
N LYS C 373 -37.69 7.35 -32.61
CA LYS C 373 -37.53 6.62 -31.36
C LYS C 373 -38.60 7.03 -30.36
N MET C 374 -39.18 6.05 -29.68
CA MET C 374 -40.17 6.30 -28.63
C MET C 374 -39.95 5.31 -27.50
N MET C 375 -40.30 5.74 -26.28
CA MET C 375 -40.13 4.96 -25.08
C MET C 375 -41.42 4.99 -24.26
N LEU C 376 -41.80 3.84 -23.70
CA LEU C 376 -42.99 3.76 -22.87
C LEU C 376 -42.70 2.88 -21.66
N GLU C 377 -43.45 3.13 -20.59
CA GLU C 377 -43.29 2.45 -19.31
C GLU C 377 -44.57 1.70 -18.97
N LEU C 378 -44.41 0.47 -18.49
CA LEU C 378 -45.55 -0.40 -18.24
C LEU C 378 -45.33 -1.21 -16.97
N ASP C 379 -46.43 -1.67 -16.38
CA ASP C 379 -46.42 -2.41 -15.11
C ASP C 379 -47.01 -3.80 -15.34
N PRO C 380 -46.19 -4.84 -15.40
CA PRO C 380 -46.71 -6.19 -15.68
C PRO C 380 -47.37 -6.78 -14.45
N PRO C 381 -48.16 -7.85 -14.62
CA PRO C 381 -48.76 -8.50 -13.46
C PRO C 381 -47.70 -9.25 -12.64
N PHE C 382 -48.08 -9.57 -11.41
CA PHE C 382 -47.15 -10.20 -10.47
C PHE C 382 -47.02 -11.70 -10.79
N GLY C 383 -46.50 -11.97 -11.97
CA GLY C 383 -46.32 -13.34 -12.45
C GLY C 383 -45.53 -13.43 -13.73
N ASP C 384 -45.82 -14.45 -14.54
CA ASP C 384 -45.10 -14.70 -15.79
C ASP C 384 -46.00 -14.37 -16.96
N SER C 385 -45.48 -13.60 -17.91
CA SER C 385 -46.24 -13.17 -19.08
C SER C 385 -45.24 -12.75 -20.17
N TYR C 386 -45.76 -12.10 -21.21
CA TYR C 386 -44.94 -11.52 -22.27
C TYR C 386 -45.19 -10.00 -22.33
N ILE C 387 -44.65 -9.37 -23.36
CA ILE C 387 -44.89 -7.97 -23.70
C ILE C 387 -45.25 -7.93 -25.18
N VAL C 388 -46.48 -7.50 -25.48
CA VAL C 388 -46.96 -7.45 -26.87
C VAL C 388 -47.08 -6.00 -27.30
N ILE C 389 -46.54 -5.71 -28.49
CA ILE C 389 -46.73 -4.41 -29.15
C ILE C 389 -46.81 -4.68 -30.64
N GLY C 390 -47.95 -4.38 -31.23
CA GLY C 390 -48.18 -4.66 -32.64
C GLY C 390 -49.65 -4.93 -32.90
N VAL C 391 -49.94 -5.26 -34.16
CA VAL C 391 -51.31 -5.49 -34.61
C VAL C 391 -51.32 -6.67 -35.57
N GLY C 392 -51.82 -7.81 -35.12
CA GLY C 392 -51.98 -8.97 -36.00
C GLY C 392 -50.64 -9.46 -36.50
N GLU C 393 -50.47 -9.45 -37.82
CA GLU C 393 -49.18 -9.76 -38.41
C GLU C 393 -48.21 -8.61 -38.16
N LYS C 394 -46.92 -8.95 -38.09
CA LYS C 394 -45.86 -8.00 -37.75
C LYS C 394 -46.00 -7.47 -36.33
N LYS C 395 -46.47 -8.35 -35.43
CA LYS C 395 -46.44 -8.03 -34.01
C LYS C 395 -45.03 -8.26 -33.44
N ILE C 396 -44.82 -7.79 -32.22
CA ILE C 396 -43.56 -8.00 -31.51
C ILE C 396 -43.88 -8.51 -30.11
N THR C 397 -43.08 -9.44 -29.62
CA THR C 397 -43.36 -10.09 -28.35
C THR C 397 -42.07 -10.40 -27.62
N HIS C 398 -41.98 -9.97 -26.36
CA HIS C 398 -40.86 -10.25 -25.49
C HIS C 398 -41.35 -10.91 -24.22
N HIS C 399 -40.57 -11.85 -23.70
CA HIS C 399 -40.94 -12.62 -22.52
C HIS C 399 -40.54 -11.88 -21.24
N TRP C 400 -41.33 -12.05 -20.19
CA TRP C 400 -41.10 -11.32 -18.96
C TRP C 400 -41.58 -12.12 -17.76
N HIS C 401 -40.91 -11.91 -16.63
CA HIS C 401 -41.29 -12.51 -15.34
C HIS C 401 -41.17 -11.45 -14.26
N ARG C 402 -42.20 -11.33 -13.43
CA ARG C 402 -42.24 -10.31 -12.38
C ARG C 402 -41.91 -10.99 -11.06
N SER C 403 -40.64 -10.92 -10.67
CA SER C 403 -40.14 -11.47 -9.40
C SER C 403 -40.53 -12.94 -9.24
N ILE D 1 -29.50 -38.73 -41.52
CA ILE D 1 -30.12 -38.69 -40.20
C ILE D 1 -29.09 -38.22 -39.17
N ARG D 2 -29.37 -38.48 -37.90
CA ARG D 2 -28.58 -38.10 -36.74
C ARG D 2 -29.30 -38.71 -35.55
N CYS D 3 -28.68 -38.61 -34.37
CA CYS D 3 -29.37 -38.88 -33.11
C CYS D 3 -29.80 -40.35 -32.99
N ILE D 4 -28.97 -41.27 -33.47
CA ILE D 4 -29.31 -42.69 -33.38
C ILE D 4 -28.18 -43.43 -32.66
N GLY D 5 -26.97 -42.90 -32.75
CA GLY D 5 -25.83 -43.52 -32.10
C GLY D 5 -25.52 -42.93 -30.74
N VAL D 6 -26.57 -42.57 -29.99
CA VAL D 6 -26.40 -41.97 -28.68
C VAL D 6 -27.36 -42.64 -27.69
N SER D 7 -26.99 -42.61 -26.42
CA SER D 7 -27.81 -43.18 -25.35
C SER D 7 -28.79 -42.18 -24.77
N ASN D 8 -28.36 -40.95 -24.54
CA ASN D 8 -29.21 -39.91 -23.95
C ASN D 8 -30.15 -39.34 -25.01
N ARG D 9 -31.00 -40.23 -25.53
CA ARG D 9 -31.97 -39.90 -26.57
C ARG D 9 -33.37 -39.88 -25.96
N ASP D 10 -34.08 -38.77 -26.12
CA ASP D 10 -35.37 -38.55 -25.50
C ASP D 10 -36.43 -38.40 -26.58
N PHE D 11 -37.40 -39.32 -26.58
CA PHE D 11 -38.50 -39.28 -27.53
C PHE D 11 -39.67 -38.50 -26.93
N VAL D 12 -40.25 -37.61 -27.73
CA VAL D 12 -41.44 -36.86 -27.34
C VAL D 12 -42.42 -36.87 -28.50
N GLU D 13 -43.71 -36.92 -28.18
CA GLU D 13 -44.77 -36.90 -29.18
C GLU D 13 -45.52 -35.58 -29.10
N GLY D 14 -45.95 -35.08 -30.25
CA GLY D 14 -46.66 -33.81 -30.32
C GLY D 14 -48.16 -34.00 -30.25
N MET D 15 -48.82 -33.10 -29.51
CA MET D 15 -50.27 -33.14 -29.36
C MET D 15 -50.95 -32.97 -30.71
N SER D 16 -51.97 -33.79 -30.96
CA SER D 16 -52.79 -33.62 -32.15
C SER D 16 -53.54 -32.30 -32.08
N GLY D 17 -53.34 -31.46 -33.10
CA GLY D 17 -53.96 -30.15 -33.11
C GLY D 17 -53.22 -29.09 -32.32
N GLY D 18 -52.03 -29.38 -31.81
CA GLY D 18 -51.23 -28.42 -31.07
C GLY D 18 -49.91 -28.17 -31.77
N THR D 19 -49.45 -26.91 -31.70
CA THR D 19 -48.21 -26.52 -32.36
C THR D 19 -47.06 -26.30 -31.40
N TRP D 20 -47.30 -26.36 -30.09
CA TRP D 20 -46.25 -26.18 -29.09
C TRP D 20 -45.84 -27.54 -28.54
N VAL D 21 -44.55 -27.88 -28.69
CA VAL D 21 -43.97 -29.08 -28.11
C VAL D 21 -42.73 -28.63 -27.35
N ASP D 22 -42.90 -28.34 -26.05
CA ASP D 22 -41.76 -27.93 -25.24
C ASP D 22 -40.85 -29.13 -24.98
N VAL D 23 -39.55 -28.87 -24.94
CA VAL D 23 -38.56 -29.92 -24.76
C VAL D 23 -37.29 -29.31 -24.18
N VAL D 24 -36.45 -30.15 -23.60
CA VAL D 24 -35.21 -29.73 -22.94
C VAL D 24 -34.03 -30.33 -23.69
N LEU D 25 -33.06 -29.48 -24.04
CA LEU D 25 -31.84 -29.90 -24.71
C LEU D 25 -30.67 -29.79 -23.74
N GLU D 26 -29.73 -30.74 -23.82
CA GLU D 26 -28.60 -30.75 -22.91
C GLU D 26 -27.37 -31.26 -23.65
N HIS D 27 -26.19 -30.93 -23.12
CA HIS D 27 -24.94 -31.37 -23.71
C HIS D 27 -24.82 -32.88 -23.64
N GLY D 28 -24.43 -33.50 -24.76
CA GLY D 28 -24.36 -34.94 -24.86
C GLY D 28 -25.70 -35.64 -24.86
N GLY D 29 -26.80 -34.90 -24.89
CA GLY D 29 -28.13 -35.48 -24.89
C GLY D 29 -28.88 -35.10 -26.15
N CYS D 30 -29.54 -36.09 -26.74
CA CYS D 30 -30.30 -35.91 -27.97
C CYS D 30 -31.79 -35.88 -27.67
N VAL D 31 -32.55 -35.32 -28.61
CA VAL D 31 -34.00 -35.25 -28.53
C VAL D 31 -34.58 -35.60 -29.90
N THR D 32 -35.52 -36.54 -29.92
CA THR D 32 -36.25 -36.92 -31.13
C THR D 32 -37.70 -36.50 -30.95
N VAL D 33 -38.15 -35.55 -31.75
CA VAL D 33 -39.49 -34.98 -31.65
C VAL D 33 -40.36 -35.56 -32.75
N MET D 34 -41.54 -36.04 -32.39
CA MET D 34 -42.47 -36.65 -33.34
C MET D 34 -43.87 -36.07 -33.12
N ALA D 35 -44.68 -36.15 -34.18
CA ALA D 35 -46.06 -35.69 -34.13
C ALA D 35 -46.93 -36.71 -34.83
N GLN D 36 -48.24 -36.42 -34.88
CA GLN D 36 -49.18 -37.35 -35.50
C GLN D 36 -49.08 -37.31 -37.03
N ASP D 37 -49.10 -36.12 -37.60
CA ASP D 37 -49.03 -35.96 -39.06
C ASP D 37 -47.92 -35.01 -39.49
N LYS D 38 -47.02 -34.64 -38.59
CA LYS D 38 -45.89 -33.77 -38.90
C LYS D 38 -44.59 -34.56 -38.88
N PRO D 39 -43.60 -34.15 -39.67
CA PRO D 39 -42.37 -34.95 -39.77
C PRO D 39 -41.60 -35.00 -38.45
N THR D 40 -40.83 -36.07 -38.30
CA THR D 40 -40.01 -36.27 -37.11
C THR D 40 -38.68 -35.55 -37.26
N VAL D 41 -38.31 -34.78 -36.24
CA VAL D 41 -37.08 -33.99 -36.25
C VAL D 41 -36.22 -34.43 -35.08
N ASP D 42 -34.90 -34.43 -35.31
CA ASP D 42 -33.92 -34.75 -34.27
C ASP D 42 -33.11 -33.49 -33.98
N ILE D 43 -33.30 -32.94 -32.78
CA ILE D 43 -32.60 -31.73 -32.37
C ILE D 43 -31.59 -32.09 -31.28
N GLU D 44 -30.49 -31.35 -31.25
CA GLU D 44 -29.43 -31.60 -30.29
C GLU D 44 -28.67 -30.30 -30.04
N LEU D 45 -28.43 -30.01 -28.76
CA LEU D 45 -27.59 -28.89 -28.37
C LEU D 45 -26.13 -29.33 -28.44
N VAL D 46 -25.40 -28.86 -29.44
CA VAL D 46 -24.05 -29.35 -29.71
C VAL D 46 -23.03 -28.60 -28.87
N THR D 47 -22.95 -27.28 -29.02
CA THR D 47 -21.92 -26.48 -28.38
C THR D 47 -22.53 -25.32 -27.62
N THR D 48 -21.81 -24.88 -26.58
CA THR D 48 -22.14 -23.67 -25.82
C THR D 48 -20.84 -22.87 -25.71
N THR D 49 -20.59 -22.03 -26.69
CA THR D 49 -19.33 -21.28 -26.78
C THR D 49 -19.51 -19.90 -26.16
N VAL D 50 -18.72 -19.61 -25.13
CA VAL D 50 -18.68 -18.31 -24.49
C VAL D 50 -17.36 -17.64 -24.87
N SER D 51 -17.39 -16.33 -25.10
CA SER D 51 -16.21 -15.63 -25.56
C SER D 51 -16.37 -14.13 -25.28
N ASN D 52 -15.26 -13.41 -25.42
CA ASN D 52 -15.21 -11.95 -25.24
C ASN D 52 -15.70 -11.55 -23.85
N MET D 53 -14.94 -11.97 -22.85
CA MET D 53 -15.20 -11.66 -21.46
C MET D 53 -14.05 -10.84 -20.88
N ALA D 54 -14.35 -10.14 -19.79
CA ALA D 54 -13.37 -9.31 -19.10
C ALA D 54 -13.03 -9.91 -17.74
N GLU D 55 -11.78 -9.75 -17.34
CA GLU D 55 -11.30 -10.33 -16.09
C GLU D 55 -11.83 -9.55 -14.88
N VAL D 56 -12.10 -10.29 -13.81
CA VAL D 56 -12.58 -9.69 -12.55
C VAL D 56 -11.45 -9.69 -11.55
N ARG D 57 -10.96 -10.88 -11.19
CA ARG D 57 -9.87 -11.04 -10.25
C ARG D 57 -8.85 -11.99 -10.85
N SER D 58 -7.60 -11.83 -10.42
CA SER D 58 -6.51 -12.68 -10.87
C SER D 58 -5.72 -13.15 -9.66
N TYR D 59 -5.86 -14.42 -9.31
CA TYR D 59 -5.17 -14.98 -8.16
C TYR D 59 -3.84 -15.60 -8.57
N CYS D 60 -2.87 -15.53 -7.66
CA CYS D 60 -1.53 -16.08 -7.88
C CYS D 60 -1.39 -17.37 -7.08
N TYR D 61 -0.98 -18.44 -7.75
CA TYR D 61 -0.75 -19.72 -7.08
C TYR D 61 0.72 -20.12 -7.05
N GLU D 62 1.58 -19.49 -7.84
CA GLU D 62 3.02 -19.71 -7.79
C GLU D 62 3.69 -18.35 -7.59
N ALA D 63 4.19 -18.11 -6.38
CA ALA D 63 4.83 -16.85 -6.02
C ALA D 63 6.28 -17.10 -5.65
N SER D 64 7.15 -16.17 -6.02
CA SER D 64 8.57 -16.25 -5.72
C SER D 64 9.00 -15.02 -4.93
N ILE D 65 9.67 -15.24 -3.81
CA ILE D 65 10.10 -14.16 -2.94
C ILE D 65 11.50 -13.71 -3.36
N SER D 66 11.86 -12.49 -2.96
CA SER D 66 13.17 -11.94 -3.30
C SER D 66 13.47 -10.75 -2.40
N ASP D 67 14.74 -10.40 -2.32
CA ASP D 67 15.23 -9.22 -1.61
C ASP D 67 14.81 -9.26 -0.13
N MET D 68 15.34 -10.26 0.58
CA MET D 68 15.11 -10.35 2.02
C MET D 68 15.91 -9.26 2.73
N ALA D 69 15.23 -8.44 3.52
CA ALA D 69 15.87 -7.38 4.28
C ALA D 69 15.18 -7.26 5.63
N SER D 70 15.87 -6.60 6.57
CA SER D 70 15.34 -6.47 7.91
C SER D 70 15.95 -5.25 8.60
N ASP D 71 15.26 -4.77 9.62
CA ASP D 71 15.74 -3.70 10.47
C ASP D 71 15.10 -3.85 11.84
N SER D 72 15.89 -3.73 12.90
CA SER D 72 15.43 -4.01 14.24
C SER D 72 16.01 -3.00 15.22
N ARG D 73 15.26 -2.75 16.29
CA ARG D 73 15.70 -1.91 17.39
C ARG D 73 15.49 -2.64 18.71
N CYS D 74 16.29 -2.26 19.70
CA CYS D 74 16.30 -2.95 20.98
C CYS D 74 15.07 -2.59 21.82
N PRO D 75 14.77 -3.40 22.87
CA PRO D 75 13.46 -3.26 23.56
C PRO D 75 13.10 -1.86 24.00
N THR D 76 13.97 -1.22 24.79
CA THR D 76 13.64 0.10 25.34
C THR D 76 13.63 1.19 24.28
N GLN D 77 14.29 0.96 23.13
CA GLN D 77 14.44 2.01 22.14
C GLN D 77 13.16 2.25 21.34
N GLY D 78 12.32 1.23 21.16
CA GLY D 78 11.06 1.41 20.51
C GLY D 78 10.84 0.39 19.41
N GLU D 79 9.83 0.64 18.58
CA GLU D 79 9.45 -0.27 17.52
C GLU D 79 10.35 -0.08 16.29
N ALA D 80 10.58 -1.17 15.58
CA ALA D 80 11.45 -1.14 14.42
C ALA D 80 10.68 -0.66 13.19
N TYR D 81 11.43 -0.31 12.14
CA TYR D 81 10.86 0.21 10.91
C TYR D 81 11.83 -0.01 9.76
N LEU D 82 11.29 -0.25 8.57
CA LEU D 82 12.07 -0.39 7.36
C LEU D 82 11.40 0.38 6.23
N ASP D 83 12.21 0.96 5.35
CA ASP D 83 11.68 1.81 4.29
C ASP D 83 10.78 1.05 3.34
N LYS D 84 10.98 -0.26 3.20
CA LYS D 84 10.20 -1.07 2.27
C LYS D 84 8.79 -1.35 2.77
N GLN D 85 8.42 -0.87 3.97
CA GLN D 85 7.06 -1.07 4.44
C GLN D 85 6.06 -0.29 3.59
N SER D 86 6.45 0.88 3.10
CA SER D 86 5.58 1.71 2.27
C SER D 86 5.54 1.26 0.81
N ASP D 87 6.34 0.27 0.43
CA ASP D 87 6.38 -0.20 -0.94
C ASP D 87 5.28 -1.22 -1.18
N THR D 88 4.57 -1.07 -2.30
CA THR D 88 3.45 -1.95 -2.64
C THR D 88 3.89 -3.29 -3.19
N GLN D 89 5.20 -3.55 -3.29
CA GLN D 89 5.72 -4.82 -3.79
C GLN D 89 6.44 -5.61 -2.72
N TYR D 90 6.37 -5.17 -1.46
CA TYR D 90 7.06 -5.82 -0.36
C TYR D 90 6.08 -6.21 0.74
N VAL D 91 6.31 -7.38 1.33
CA VAL D 91 5.57 -7.84 2.51
C VAL D 91 6.50 -7.77 3.71
N CYS D 92 6.00 -7.22 4.81
CA CYS D 92 6.80 -7.03 6.02
C CYS D 92 6.05 -7.61 7.21
N LYS D 93 6.77 -7.75 8.32
CA LYS D 93 6.17 -8.22 9.57
C LYS D 93 7.01 -7.75 10.74
N ARG D 94 6.33 -7.35 11.81
CA ARG D 94 6.98 -6.91 13.04
C ARG D 94 6.79 -7.99 14.10
N THR D 95 7.91 -8.46 14.67
CA THR D 95 7.87 -9.47 15.71
C THR D 95 8.86 -9.10 16.81
N LEU D 96 8.76 -9.80 17.93
CA LEU D 96 9.60 -9.55 19.10
C LEU D 96 10.66 -10.64 19.21
N VAL D 97 11.90 -10.24 19.44
CA VAL D 97 13.03 -11.16 19.54
C VAL D 97 13.83 -10.84 20.79
N ASP D 98 14.57 -11.84 21.27
CA ASP D 98 15.39 -11.67 22.45
C ASP D 98 16.50 -10.65 22.21
N ARG D 99 16.76 -9.80 23.20
CA ARG D 99 17.80 -8.80 23.11
C ARG D 99 18.39 -8.58 24.50
N GLY D 100 19.67 -8.24 24.53
CA GLY D 100 20.33 -7.99 25.80
C GLY D 100 21.80 -7.74 25.63
N TRP D 101 22.55 -7.97 26.71
CA TRP D 101 23.99 -7.75 26.68
C TRP D 101 24.69 -8.67 25.68
N GLY D 102 24.07 -9.81 25.37
CA GLY D 102 24.72 -10.75 24.46
C GLY D 102 24.83 -10.20 23.06
N ASN D 103 23.75 -9.62 22.54
CA ASN D 103 23.70 -9.23 21.12
C ASN D 103 24.33 -7.86 20.86
N GLY D 104 23.65 -6.80 21.25
CA GLY D 104 24.10 -5.47 20.91
C GLY D 104 23.73 -4.32 21.85
N CYS D 105 23.19 -4.60 23.03
CA CYS D 105 22.53 -3.56 23.80
C CYS D 105 22.85 -3.75 25.29
N GLY D 106 22.10 -3.03 26.13
CA GLY D 106 22.36 -3.02 27.55
C GLY D 106 21.14 -3.27 28.42
N LEU D 107 20.05 -3.76 27.82
CA LEU D 107 18.87 -4.14 28.57
C LEU D 107 18.33 -5.45 28.02
N PHE D 108 17.89 -6.32 28.92
CA PHE D 108 17.31 -7.61 28.55
C PHE D 108 15.82 -7.47 28.30
N GLY D 109 15.32 -8.26 27.36
CA GLY D 109 13.90 -8.26 27.06
C GLY D 109 13.67 -8.62 25.61
N LYS D 110 12.56 -8.09 25.07
CA LYS D 110 12.12 -8.37 23.71
C LYS D 110 12.21 -7.10 22.88
N GLY D 111 13.06 -7.11 21.85
CA GLY D 111 13.14 -6.00 20.93
C GLY D 111 12.27 -6.22 19.70
N SER D 112 12.08 -5.14 18.95
CA SER D 112 11.23 -5.18 17.77
C SER D 112 12.06 -5.43 16.52
N LEU D 113 11.54 -6.26 15.63
CA LEU D 113 12.23 -6.63 14.39
C LEU D 113 11.23 -6.62 13.24
N VAL D 114 11.60 -5.95 12.15
CA VAL D 114 10.78 -5.87 10.95
C VAL D 114 11.52 -6.57 9.82
N THR D 115 10.84 -7.49 9.13
CA THR D 115 11.42 -8.27 8.05
C THR D 115 10.60 -8.06 6.79
N CYS D 116 11.21 -7.46 5.77
CA CYS D 116 10.55 -7.19 4.51
C CYS D 116 11.16 -8.04 3.40
N ALA D 117 10.37 -8.28 2.35
CA ALA D 117 10.80 -9.09 1.22
C ALA D 117 9.98 -8.71 0.00
N LYS D 118 10.62 -8.72 -1.17
CA LYS D 118 10.00 -8.27 -2.41
C LYS D 118 9.17 -9.40 -3.00
N PHE D 119 7.85 -9.21 -3.05
CA PHE D 119 6.94 -10.21 -3.57
C PHE D 119 6.90 -10.18 -5.09
N ALA D 120 6.71 -11.35 -5.70
CA ALA D 120 6.59 -11.47 -7.14
C ALA D 120 5.88 -12.78 -7.45
N CYS D 121 5.04 -12.77 -8.48
CA CYS D 121 4.29 -13.95 -8.88
C CYS D 121 4.93 -14.61 -10.09
N SER D 122 4.99 -15.95 -10.06
CA SER D 122 5.54 -16.74 -11.16
C SER D 122 4.45 -17.31 -12.06
N LYS D 123 3.39 -17.86 -11.47
CA LYS D 123 2.26 -18.39 -12.22
C LYS D 123 0.98 -17.95 -11.53
N LYS D 124 0.03 -17.43 -12.31
CA LYS D 124 -1.22 -16.93 -11.78
C LYS D 124 -2.38 -17.46 -12.61
N MET D 125 -3.58 -17.39 -12.01
CA MET D 125 -4.82 -17.70 -12.70
C MET D 125 -5.66 -16.44 -12.83
N THR D 126 -6.53 -16.42 -13.84
CA THR D 126 -7.39 -15.28 -14.12
C THR D 126 -8.82 -15.75 -14.25
N GLY D 127 -9.72 -15.17 -13.45
CA GLY D 127 -11.14 -15.41 -13.56
C GLY D 127 -11.83 -14.24 -14.25
N LYS D 128 -12.76 -14.56 -15.13
CA LYS D 128 -13.45 -13.55 -15.92
C LYS D 128 -14.94 -13.60 -15.67
N SER D 129 -15.61 -12.47 -15.91
CA SER D 129 -17.05 -12.36 -15.78
C SER D 129 -17.65 -12.60 -17.15
N ILE D 130 -18.59 -13.55 -17.24
CA ILE D 130 -19.26 -13.88 -18.49
C ILE D 130 -20.66 -13.27 -18.37
N GLN D 131 -20.80 -12.07 -18.91
CA GLN D 131 -22.09 -11.37 -18.86
C GLN D 131 -23.07 -12.07 -19.80
N PRO D 132 -24.36 -12.11 -19.46
CA PRO D 132 -25.36 -12.77 -20.33
C PRO D 132 -25.33 -12.27 -21.77
N GLU D 133 -24.67 -11.15 -22.03
CA GLU D 133 -24.74 -10.53 -23.35
C GLU D 133 -23.94 -11.29 -24.41
N ASN D 134 -22.93 -12.06 -24.01
CA ASN D 134 -22.01 -12.69 -24.96
C ASN D 134 -21.82 -14.17 -24.63
N LEU D 135 -22.67 -15.00 -25.24
CA LEU D 135 -22.52 -16.45 -25.27
C LEU D 135 -23.49 -17.01 -26.29
N GLU D 136 -23.05 -17.98 -27.07
CA GLU D 136 -23.80 -18.48 -28.21
C GLU D 136 -24.03 -19.97 -28.07
N TYR D 137 -25.29 -20.37 -27.93
CA TYR D 137 -25.66 -21.77 -28.03
C TYR D 137 -25.82 -22.16 -29.49
N ARG D 138 -25.55 -23.44 -29.77
CA ARG D 138 -25.68 -23.97 -31.12
C ARG D 138 -26.53 -25.23 -31.08
N ILE D 139 -27.54 -25.30 -31.94
CA ILE D 139 -28.47 -26.41 -31.99
C ILE D 139 -28.49 -26.96 -33.41
N MET D 140 -28.39 -28.28 -33.54
CA MET D 140 -28.38 -28.95 -34.83
C MET D 140 -29.68 -29.73 -35.03
N LEU D 141 -30.23 -29.66 -36.24
CA LEU D 141 -31.45 -30.35 -36.59
C LEU D 141 -31.18 -31.39 -37.67
N SER D 142 -32.01 -32.42 -37.71
CA SER D 142 -31.88 -33.46 -38.72
C SER D 142 -33.25 -34.11 -38.90
N VAL D 143 -33.83 -33.96 -40.07
CA VAL D 143 -35.12 -34.56 -40.39
C VAL D 143 -34.88 -35.94 -40.97
N HIS D 144 -35.80 -36.85 -40.68
CA HIS D 144 -35.68 -38.22 -41.19
C HIS D 144 -36.17 -38.29 -42.64
N GLY D 145 -35.63 -39.25 -43.37
CA GLY D 145 -35.95 -39.40 -44.78
C GLY D 145 -34.75 -39.27 -45.68
N SER D 146 -33.55 -39.46 -45.10
CA SER D 146 -32.30 -39.41 -45.84
C SER D 146 -31.43 -40.59 -45.40
N GLN D 147 -30.35 -40.83 -46.14
CA GLN D 147 -29.56 -42.05 -45.93
C GLN D 147 -28.55 -41.91 -44.79
N HIS D 148 -27.47 -41.15 -45.01
CA HIS D 148 -26.60 -40.76 -43.90
C HIS D 148 -26.33 -39.27 -43.88
N SER D 149 -25.68 -38.79 -44.93
CA SER D 149 -25.40 -37.37 -45.17
C SER D 149 -25.14 -37.25 -46.67
N GLY D 150 -26.18 -36.87 -47.41
CA GLY D 150 -26.09 -36.92 -48.85
C GLY D 150 -25.42 -35.71 -49.48
N MET D 151 -24.37 -35.95 -50.27
CA MET D 151 -23.71 -34.96 -51.11
C MET D 151 -22.95 -33.90 -50.31
N ILE D 152 -22.80 -34.10 -49.01
CA ILE D 152 -22.45 -33.03 -48.08
C ILE D 152 -21.31 -33.48 -47.14
N VAL D 153 -20.36 -34.23 -47.68
CA VAL D 153 -19.73 -35.42 -47.09
C VAL D 153 -19.60 -35.46 -45.56
N ASN D 154 -19.75 -34.34 -44.86
CA ASN D 154 -19.65 -34.40 -43.41
C ASN D 154 -21.02 -34.58 -42.75
N ASP D 155 -21.00 -34.84 -41.44
CA ASP D 155 -22.21 -35.05 -40.66
C ASP D 155 -22.90 -33.73 -40.34
N THR D 156 -22.17 -32.80 -39.72
CA THR D 156 -22.61 -31.41 -39.71
C THR D 156 -22.83 -30.94 -41.14
N GLY D 157 -21.81 -31.10 -41.98
CA GLY D 157 -21.95 -31.00 -43.41
C GLY D 157 -22.06 -29.60 -43.94
N HIS D 158 -23.24 -28.99 -43.76
CA HIS D 158 -23.53 -27.65 -44.26
C HIS D 158 -24.89 -27.14 -43.79
N GLU D 159 -25.21 -25.90 -44.14
CA GLU D 159 -26.55 -25.35 -43.93
C GLU D 159 -27.28 -25.12 -45.24
N THR D 160 -26.76 -25.63 -46.35
CA THR D 160 -27.19 -25.24 -47.68
C THR D 160 -28.32 -26.10 -48.25
N ASP D 161 -28.72 -27.16 -47.56
CA ASP D 161 -29.71 -28.08 -48.10
C ASP D 161 -30.72 -28.44 -47.02
N GLU D 162 -31.82 -29.04 -47.46
CA GLU D 162 -32.85 -29.52 -46.55
C GLU D 162 -32.28 -30.62 -45.66
N ASN D 163 -32.99 -30.91 -44.57
CA ASN D 163 -32.65 -31.88 -43.54
C ASN D 163 -31.47 -31.47 -42.68
N ARG D 164 -30.88 -30.30 -42.92
CA ARG D 164 -29.65 -29.94 -42.21
C ARG D 164 -29.56 -28.43 -42.12
N ALA D 165 -29.41 -27.92 -40.89
CA ALA D 165 -29.25 -26.50 -40.61
C ALA D 165 -28.83 -26.34 -39.15
N LYS D 166 -28.13 -25.25 -38.87
CA LYS D 166 -27.74 -24.91 -37.51
C LYS D 166 -28.42 -23.62 -37.09
N VAL D 167 -28.97 -23.62 -35.89
CA VAL D 167 -29.65 -22.46 -35.31
C VAL D 167 -28.84 -22.01 -34.11
N GLU D 168 -28.44 -20.73 -34.12
CA GLU D 168 -27.66 -20.15 -33.03
C GLU D 168 -28.60 -19.44 -32.07
N ILE D 169 -28.60 -19.88 -30.81
CA ILE D 169 -29.47 -19.32 -29.78
C ILE D 169 -28.58 -18.56 -28.80
N THR D 170 -28.96 -17.31 -28.51
CA THR D 170 -28.25 -16.49 -27.56
C THR D 170 -29.25 -15.60 -26.85
N PRO D 171 -29.10 -15.38 -25.54
CA PRO D 171 -29.94 -14.40 -24.85
C PRO D 171 -29.79 -13.03 -25.51
N ASN D 172 -30.89 -12.27 -25.52
CA ASN D 172 -31.16 -11.07 -26.32
C ASN D 172 -31.55 -11.46 -27.74
N SER D 173 -31.57 -12.76 -28.06
CA SER D 173 -32.12 -13.27 -29.31
C SER D 173 -32.60 -14.71 -29.10
N PRO D 174 -33.52 -14.94 -28.16
CA PRO D 174 -33.83 -16.33 -27.79
C PRO D 174 -34.62 -17.08 -28.85
N ARG D 175 -35.64 -16.45 -29.44
CA ARG D 175 -36.44 -17.13 -30.43
C ARG D 175 -35.65 -17.31 -31.72
N ALA D 176 -35.98 -18.37 -32.45
CA ALA D 176 -35.28 -18.67 -33.70
C ALA D 176 -36.20 -19.50 -34.59
N GLU D 177 -36.11 -19.25 -35.89
CA GLU D 177 -36.92 -19.96 -36.90
C GLU D 177 -35.96 -20.70 -37.82
N ALA D 178 -36.01 -22.03 -37.79
CA ALA D 178 -35.14 -22.85 -38.63
C ALA D 178 -35.81 -23.08 -39.98
N THR D 179 -35.18 -22.60 -41.05
CA THR D 179 -35.72 -22.74 -42.40
C THR D 179 -35.22 -24.06 -42.98
N LEU D 180 -35.97 -25.13 -42.74
CA LEU D 180 -35.58 -26.44 -43.25
C LEU D 180 -35.69 -26.49 -44.77
N GLY D 181 -36.78 -25.97 -45.32
CA GLY D 181 -37.00 -26.02 -46.76
C GLY D 181 -37.63 -27.32 -47.19
N GLY D 182 -38.71 -27.24 -47.97
CA GLY D 182 -39.42 -28.44 -48.37
C GLY D 182 -40.23 -29.04 -47.23
N PHE D 183 -39.55 -29.37 -46.13
CA PHE D 183 -40.25 -29.82 -44.94
C PHE D 183 -40.94 -28.67 -44.21
N GLY D 184 -40.58 -27.43 -44.51
CA GLY D 184 -41.19 -26.28 -43.87
C GLY D 184 -40.22 -25.52 -42.98
N SER D 185 -40.73 -24.95 -41.90
CA SER D 185 -39.93 -24.19 -40.96
C SER D 185 -40.23 -24.63 -39.54
N LEU D 186 -39.20 -24.98 -38.80
CA LEU D 186 -39.33 -25.41 -37.40
C LEU D 186 -39.00 -24.21 -36.52
N GLY D 187 -39.99 -23.71 -35.80
CA GLY D 187 -39.78 -22.64 -34.86
C GLY D 187 -39.31 -23.16 -33.51
N LEU D 188 -38.46 -22.37 -32.86
CA LEU D 188 -37.98 -22.73 -31.52
C LEU D 188 -37.72 -21.44 -30.74
N ASP D 189 -38.57 -21.19 -29.74
CA ASP D 189 -38.37 -20.07 -28.82
C ASP D 189 -37.76 -20.65 -27.54
N CYS D 190 -36.43 -20.77 -27.55
CA CYS D 190 -35.72 -21.37 -26.44
C CYS D 190 -35.70 -20.41 -25.25
N GLU D 191 -35.18 -20.90 -24.13
CA GLU D 191 -35.16 -20.18 -22.86
C GLU D 191 -33.72 -20.15 -22.36
N PRO D 192 -32.89 -19.29 -22.92
CA PRO D 192 -31.45 -19.30 -22.61
C PRO D 192 -31.09 -18.48 -21.38
N ARG D 193 -30.09 -19.00 -20.66
CA ARG D 193 -29.50 -18.46 -19.45
C ARG D 193 -30.45 -18.45 -18.25
N THR D 194 -31.66 -18.98 -18.38
CA THR D 194 -32.48 -19.26 -17.21
C THR D 194 -32.61 -20.75 -16.95
N GLY D 195 -32.55 -21.58 -17.99
CA GLY D 195 -32.49 -23.00 -17.78
C GLY D 195 -31.24 -23.44 -17.04
N LEU D 196 -30.17 -22.67 -17.14
CA LEU D 196 -28.91 -22.93 -16.46
C LEU D 196 -28.04 -21.67 -16.57
N ASP D 197 -26.80 -21.77 -16.08
CA ASP D 197 -25.79 -20.73 -16.29
C ASP D 197 -26.19 -19.41 -15.63
N PHE D 198 -26.57 -19.50 -14.36
CA PHE D 198 -26.95 -18.31 -13.62
C PHE D 198 -25.71 -17.46 -13.32
N SER D 199 -25.97 -16.23 -12.85
CA SER D 199 -24.92 -15.22 -12.73
C SER D 199 -23.91 -15.53 -11.63
N ASP D 200 -24.08 -16.62 -10.88
CA ASP D 200 -23.05 -16.98 -9.93
C ASP D 200 -21.75 -17.41 -10.59
N LEU D 201 -21.74 -17.69 -11.89
CA LEU D 201 -20.62 -18.37 -12.50
C LEU D 201 -19.63 -17.39 -13.13
N TYR D 202 -18.35 -17.56 -12.80
CA TYR D 202 -17.26 -16.89 -13.49
C TYR D 202 -16.49 -17.91 -14.30
N TYR D 203 -15.94 -17.47 -15.43
CA TYR D 203 -15.11 -18.34 -16.27
C TYR D 203 -13.67 -18.26 -15.80
N LEU D 204 -13.22 -19.30 -15.11
CA LEU D 204 -11.90 -19.35 -14.49
C LEU D 204 -10.91 -20.01 -15.43
N THR D 205 -9.74 -19.40 -15.60
CA THR D 205 -8.68 -19.92 -16.44
C THR D 205 -7.41 -20.08 -15.60
N MET D 206 -6.86 -21.29 -15.58
CA MET D 206 -5.62 -21.56 -14.86
C MET D 206 -4.85 -22.63 -15.60
N ASN D 207 -3.66 -22.27 -16.10
CA ASN D 207 -2.76 -23.20 -16.77
C ASN D 207 -3.48 -23.95 -17.90
N ASN D 208 -4.19 -23.21 -18.73
CA ASN D 208 -5.04 -23.68 -19.84
C ASN D 208 -6.20 -24.55 -19.38
N LYS D 209 -6.36 -24.80 -18.09
CA LYS D 209 -7.49 -25.56 -17.55
C LYS D 209 -8.57 -24.59 -17.11
N HIS D 210 -9.78 -24.74 -17.66
CA HIS D 210 -10.86 -23.79 -17.44
C HIS D 210 -12.02 -24.44 -16.70
N TRP D 211 -12.75 -23.61 -15.94
CA TRP D 211 -13.91 -24.08 -15.18
C TRP D 211 -14.92 -22.94 -15.06
N LEU D 212 -16.04 -23.23 -14.41
CA LEU D 212 -17.05 -22.24 -14.05
C LEU D 212 -17.29 -22.35 -12.55
N VAL D 213 -17.11 -21.24 -11.83
CA VAL D 213 -17.08 -21.25 -10.37
C VAL D 213 -18.20 -20.38 -9.82
N HIS D 214 -18.64 -20.71 -8.61
CA HIS D 214 -19.78 -20.04 -8.01
C HIS D 214 -19.43 -18.59 -7.62
N LYS D 215 -20.46 -17.87 -7.18
CA LYS D 215 -20.35 -16.42 -6.97
C LYS D 215 -19.32 -16.09 -5.90
N GLU D 216 -19.58 -16.49 -4.66
CA GLU D 216 -18.70 -16.11 -3.56
C GLU D 216 -17.56 -17.09 -3.34
N TRP D 217 -17.61 -18.28 -3.94
CA TRP D 217 -16.49 -19.21 -3.80
C TRP D 217 -15.23 -18.65 -4.46
N PHE D 218 -15.38 -17.92 -5.56
CA PHE D 218 -14.24 -17.29 -6.21
C PHE D 218 -13.79 -16.01 -5.51
N HIS D 219 -14.70 -15.36 -4.77
CA HIS D 219 -14.35 -14.09 -4.14
C HIS D 219 -13.34 -14.29 -3.00
N ASP D 220 -13.52 -15.33 -2.18
CA ASP D 220 -12.70 -15.55 -1.00
C ASP D 220 -11.67 -16.65 -1.20
N ILE D 221 -11.10 -16.77 -2.39
CA ILE D 221 -10.01 -17.72 -2.61
C ILE D 221 -8.77 -17.19 -1.90
N PRO D 222 -8.25 -17.90 -0.90
CA PRO D 222 -7.14 -17.36 -0.11
C PRO D 222 -5.82 -17.34 -0.88
N LEU D 223 -5.68 -16.40 -1.80
CA LEU D 223 -4.48 -16.24 -2.61
C LEU D 223 -4.26 -14.75 -2.86
N PRO D 224 -3.01 -14.35 -3.13
CA PRO D 224 -2.78 -12.97 -3.57
C PRO D 224 -3.47 -12.70 -4.90
N TRP D 225 -3.95 -11.47 -5.06
CA TRP D 225 -4.84 -11.16 -6.17
C TRP D 225 -4.68 -9.70 -6.59
N HIS D 226 -5.17 -9.40 -7.79
CA HIS D 226 -5.32 -8.03 -8.25
C HIS D 226 -6.61 -7.93 -9.05
N ALA D 227 -7.16 -6.72 -9.11
CA ALA D 227 -8.51 -6.50 -9.61
C ALA D 227 -8.54 -6.56 -11.14
N GLY D 228 -9.70 -6.27 -11.72
CA GLY D 228 -9.91 -6.38 -13.15
C GLY D 228 -9.40 -5.21 -13.95
N ALA D 229 -8.10 -4.96 -13.89
CA ALA D 229 -7.44 -3.96 -14.73
C ALA D 229 -5.97 -4.32 -14.78
N ASP D 230 -5.47 -4.60 -15.98
CA ASP D 230 -4.15 -5.20 -16.16
C ASP D 230 -3.16 -4.13 -16.62
N THR D 231 -2.08 -3.98 -15.86
CA THR D 231 -0.98 -3.11 -16.22
C THR D 231 0.33 -3.82 -15.94
N GLY D 232 1.42 -3.29 -16.48
CA GLY D 232 2.73 -3.86 -16.20
C GLY D 232 3.09 -3.69 -14.74
N THR D 233 3.75 -4.73 -14.20
CA THR D 233 4.11 -4.79 -12.78
C THR D 233 2.86 -4.57 -11.92
N PRO D 234 1.95 -5.54 -11.86
CA PRO D 234 0.69 -5.32 -11.14
C PRO D 234 0.90 -5.27 -9.64
N HIS D 235 -0.09 -4.69 -8.96
CA HIS D 235 -0.09 -4.60 -7.51
C HIS D 235 -0.85 -5.79 -6.93
N TRP D 236 -0.16 -6.62 -6.17
CA TRP D 236 -0.78 -7.80 -5.55
C TRP D 236 -1.30 -7.45 -4.16
N ASN D 237 -2.51 -7.90 -3.87
CA ASN D 237 -3.15 -7.68 -2.57
C ASN D 237 -3.16 -8.97 -1.78
N ASN D 238 -2.99 -8.86 -0.46
CA ASN D 238 -2.97 -10.01 0.45
C ASN D 238 -1.89 -11.01 0.04
N LYS D 239 -0.67 -10.49 -0.15
CA LYS D 239 0.46 -11.35 -0.48
C LYS D 239 0.88 -12.22 0.70
N GLU D 240 0.50 -11.85 1.92
CA GLU D 240 0.88 -12.60 3.11
C GLU D 240 0.23 -13.97 3.14
N ALA D 241 -0.84 -14.19 2.37
CA ALA D 241 -1.46 -15.51 2.30
C ALA D 241 -0.56 -16.55 1.65
N LEU D 242 0.39 -16.13 0.83
CA LEU D 242 1.34 -17.03 0.20
C LEU D 242 2.76 -16.89 0.72
N VAL D 243 3.09 -15.79 1.37
CA VAL D 243 4.40 -15.57 1.99
C VAL D 243 4.18 -15.53 3.49
N GLU D 244 4.62 -16.58 4.19
CA GLU D 244 4.50 -16.66 5.63
C GLU D 244 5.85 -16.50 6.29
N PHE D 245 5.89 -15.70 7.36
CA PHE D 245 7.06 -15.56 8.21
C PHE D 245 6.60 -15.70 9.65
N LYS D 246 6.78 -16.88 10.23
CA LYS D 246 6.47 -17.13 11.63
C LYS D 246 7.76 -17.42 12.39
N ASP D 247 7.66 -17.37 13.71
CA ASP D 247 8.83 -17.25 14.56
C ASP D 247 9.73 -18.48 14.47
N ALA D 248 11.01 -18.25 14.76
CA ALA D 248 12.04 -19.26 14.92
C ALA D 248 12.32 -19.43 16.41
N HIS D 249 13.39 -20.17 16.73
CA HIS D 249 13.82 -20.31 18.12
C HIS D 249 13.85 -18.96 18.81
N ALA D 250 14.66 -18.04 18.30
CA ALA D 250 14.72 -16.66 18.77
C ALA D 250 15.67 -15.90 17.84
N LYS D 251 15.83 -14.61 18.14
CA LYS D 251 16.88 -13.77 17.57
C LYS D 251 16.69 -13.45 16.08
N ARG D 252 15.78 -14.15 15.39
CA ARG D 252 15.37 -13.79 14.04
C ARG D 252 14.18 -14.62 13.58
N GLN D 253 13.35 -14.08 12.71
CA GLN D 253 12.27 -14.85 12.10
C GLN D 253 12.65 -15.20 10.66
N THR D 254 12.16 -16.34 10.20
CA THR D 254 12.42 -16.80 8.83
C THR D 254 11.17 -16.60 7.97
N VAL D 255 11.40 -16.26 6.70
CA VAL D 255 10.34 -16.02 5.74
C VAL D 255 10.43 -17.10 4.66
N VAL D 256 9.34 -17.84 4.48
CA VAL D 256 9.27 -18.90 3.48
C VAL D 256 8.01 -18.71 2.65
N VAL D 257 8.08 -19.12 1.39
CA VAL D 257 6.93 -19.07 0.51
C VAL D 257 6.11 -20.35 0.68
N LEU D 258 4.86 -20.31 0.25
CA LEU D 258 3.95 -21.44 0.36
C LEU D 258 4.05 -22.39 -0.83
N GLY D 259 5.14 -22.31 -1.61
CA GLY D 259 5.29 -23.18 -2.75
C GLY D 259 4.24 -22.92 -3.81
N SER D 260 3.97 -23.96 -4.62
CA SER D 260 2.95 -23.86 -5.64
C SER D 260 1.57 -24.11 -5.04
N GLN D 261 0.53 -23.73 -5.78
CA GLN D 261 -0.83 -23.95 -5.33
C GLN D 261 -1.75 -24.39 -6.46
N GLU D 262 -1.19 -25.00 -7.52
CA GLU D 262 -2.01 -25.43 -8.65
C GLU D 262 -2.87 -26.62 -8.28
N GLY D 263 -2.25 -27.74 -7.90
CA GLY D 263 -3.00 -28.92 -7.52
C GLY D 263 -3.79 -28.75 -6.23
N ALA D 264 -3.43 -27.77 -5.41
CA ALA D 264 -4.21 -27.49 -4.21
C ALA D 264 -5.62 -27.00 -4.57
N VAL D 265 -5.72 -26.17 -5.61
CA VAL D 265 -7.03 -25.72 -6.08
C VAL D 265 -7.63 -26.66 -7.11
N HIS D 266 -6.84 -27.55 -7.71
CA HIS D 266 -7.39 -28.57 -8.59
C HIS D 266 -8.38 -29.45 -7.85
N THR D 267 -8.05 -29.82 -6.62
CA THR D 267 -8.95 -30.61 -5.78
C THR D 267 -10.01 -29.77 -5.09
N ALA D 268 -9.87 -28.44 -5.12
CA ALA D 268 -10.81 -27.58 -4.42
C ALA D 268 -12.12 -27.37 -5.17
N LEU D 269 -12.15 -27.67 -6.46
CA LEU D 269 -13.35 -27.51 -7.29
C LEU D 269 -13.84 -28.86 -7.80
N ALA D 270 -13.83 -29.87 -6.93
CA ALA D 270 -14.30 -31.20 -7.31
C ALA D 270 -15.80 -31.15 -7.62
N GLY D 271 -16.17 -31.72 -8.76
CA GLY D 271 -17.55 -31.70 -9.21
C GLY D 271 -17.99 -30.42 -9.88
N ALA D 272 -17.19 -29.37 -9.82
CA ALA D 272 -17.56 -28.12 -10.48
C ALA D 272 -17.61 -28.29 -11.98
N LEU D 273 -18.43 -27.46 -12.64
CA LEU D 273 -18.59 -27.57 -14.08
C LEU D 273 -17.28 -27.24 -14.79
N GLU D 274 -17.03 -27.96 -15.88
CA GLU D 274 -15.77 -27.88 -16.60
C GLU D 274 -16.01 -27.35 -18.02
N ALA D 275 -15.07 -26.53 -18.49
CA ALA D 275 -15.14 -25.89 -19.80
C ALA D 275 -13.77 -25.99 -20.49
N GLU D 276 -13.21 -27.20 -20.51
CA GLU D 276 -11.81 -27.39 -20.88
C GLU D 276 -11.48 -26.81 -22.26
N MET D 277 -12.32 -27.09 -23.26
CA MET D 277 -11.95 -26.82 -24.65
C MET D 277 -11.64 -25.34 -24.88
N ASP D 278 -10.82 -25.08 -25.90
CA ASP D 278 -10.28 -23.75 -26.13
C ASP D 278 -10.30 -23.48 -27.63
N GLY D 279 -9.57 -22.44 -28.05
CA GLY D 279 -9.59 -22.03 -29.45
C GLY D 279 -10.07 -20.59 -29.52
N ALA D 280 -9.79 -19.87 -28.44
CA ALA D 280 -10.18 -18.49 -28.14
C ALA D 280 -11.66 -18.40 -27.75
N LYS D 281 -12.37 -19.52 -27.64
CA LYS D 281 -13.79 -19.50 -27.27
C LYS D 281 -14.04 -20.65 -26.30
N GLY D 282 -14.47 -20.32 -25.08
CA GLY D 282 -14.76 -21.32 -24.07
C GLY D 282 -15.93 -22.21 -24.43
N ARG D 283 -15.65 -23.49 -24.65
CA ARG D 283 -16.66 -24.46 -25.08
C ARG D 283 -17.10 -25.27 -23.86
N LEU D 284 -18.31 -25.01 -23.37
CA LEU D 284 -18.79 -25.64 -22.16
C LEU D 284 -19.04 -27.12 -22.38
N SER D 285 -19.10 -27.86 -21.27
CA SER D 285 -19.37 -29.30 -21.27
C SER D 285 -20.65 -29.63 -20.50
N SER D 286 -21.57 -28.68 -20.43
CA SER D 286 -22.83 -28.88 -19.72
C SER D 286 -23.89 -27.96 -20.29
N GLY D 287 -25.13 -28.46 -20.36
CA GLY D 287 -26.25 -27.69 -20.86
C GLY D 287 -27.58 -28.17 -20.30
N HIS D 288 -28.51 -27.26 -20.05
CA HIS D 288 -29.86 -27.62 -19.60
C HIS D 288 -30.88 -26.68 -20.21
N LEU D 289 -30.74 -26.43 -21.51
CA LEU D 289 -31.53 -25.40 -22.19
C LEU D 289 -32.96 -25.88 -22.38
N LYS D 290 -33.92 -25.10 -21.87
CA LYS D 290 -35.33 -25.34 -22.13
C LYS D 290 -35.74 -24.62 -23.42
N CYS D 291 -36.54 -25.30 -24.23
CA CYS D 291 -36.95 -24.76 -25.52
C CYS D 291 -38.41 -25.07 -25.78
N ARG D 292 -39.02 -24.25 -26.64
CA ARG D 292 -40.38 -24.44 -27.12
C ARG D 292 -40.33 -24.63 -28.62
N LEU D 293 -41.02 -25.66 -29.12
CA LEU D 293 -40.99 -26.01 -30.53
C LEU D 293 -42.31 -25.61 -31.19
N LYS D 294 -42.22 -24.83 -32.27
CA LYS D 294 -43.37 -24.38 -33.03
C LYS D 294 -43.47 -25.19 -34.31
N MET D 295 -44.50 -26.04 -34.40
CA MET D 295 -44.72 -26.89 -35.56
C MET D 295 -45.76 -26.31 -36.52
N ASP D 296 -45.82 -24.98 -36.63
CA ASP D 296 -46.87 -24.34 -37.42
C ASP D 296 -46.64 -24.51 -38.92
N LYS D 297 -45.51 -24.02 -39.42
CA LYS D 297 -45.26 -23.92 -40.84
C LYS D 297 -44.33 -25.01 -41.38
N LEU D 298 -44.28 -26.16 -40.72
CA LEU D 298 -43.59 -27.32 -41.25
C LEU D 298 -44.61 -28.35 -41.73
N ARG D 299 -44.25 -29.08 -42.79
CA ARG D 299 -45.16 -30.01 -43.43
C ARG D 299 -44.40 -31.25 -43.87
N LEU D 300 -45.14 -32.35 -43.99
CA LEU D 300 -44.53 -33.60 -44.43
C LEU D 300 -44.10 -33.49 -45.89
N LYS D 301 -42.92 -34.04 -46.19
CA LYS D 301 -42.42 -33.98 -47.56
C LYS D 301 -43.17 -34.95 -48.47
N GLY D 302 -43.31 -36.20 -48.05
CA GLY D 302 -43.98 -37.21 -48.85
C GLY D 302 -45.47 -37.37 -48.57
N VAL D 303 -46.27 -36.37 -48.94
CA VAL D 303 -47.72 -36.49 -48.83
C VAL D 303 -48.35 -36.46 -50.22
N SER D 304 -47.70 -35.76 -51.15
CA SER D 304 -48.14 -35.70 -52.54
C SER D 304 -47.44 -36.75 -53.39
N TYR D 305 -46.84 -37.77 -52.77
CA TYR D 305 -46.07 -38.79 -53.45
C TYR D 305 -46.90 -40.05 -53.66
N SER D 306 -46.59 -40.77 -54.72
CA SER D 306 -47.14 -42.10 -54.94
C SER D 306 -46.19 -43.15 -54.39
N LEU D 307 -46.76 -44.30 -54.04
CA LEU D 307 -45.95 -45.37 -53.45
C LEU D 307 -44.96 -45.92 -54.46
N CYS D 308 -43.77 -46.26 -53.98
CA CYS D 308 -42.75 -46.86 -54.82
C CYS D 308 -43.17 -48.26 -55.26
N THR D 309 -42.68 -48.68 -56.42
CA THR D 309 -43.12 -49.94 -57.01
C THR D 309 -42.01 -50.97 -57.16
N ALA D 310 -40.83 -50.58 -57.60
CA ALA D 310 -39.73 -51.53 -57.83
C ALA D 310 -39.13 -51.93 -56.49
N ALA D 311 -39.56 -53.07 -55.97
CA ALA D 311 -39.31 -53.47 -54.58
C ALA D 311 -37.84 -53.34 -54.19
N PHE D 312 -37.61 -53.16 -52.89
CA PHE D 312 -36.30 -52.80 -52.36
C PHE D 312 -35.38 -54.01 -52.33
N THR D 313 -34.22 -53.84 -51.69
CA THR D 313 -33.34 -54.93 -51.31
C THR D 313 -32.45 -54.41 -50.19
N PHE D 314 -32.29 -55.22 -49.14
CA PHE D 314 -31.54 -54.78 -47.97
C PHE D 314 -30.11 -54.41 -48.34
N THR D 315 -29.55 -53.45 -47.60
CA THR D 315 -28.16 -53.04 -47.76
C THR D 315 -27.29 -53.46 -46.58
N LYS D 316 -27.69 -53.10 -45.36
CA LYS D 316 -27.02 -53.53 -44.14
C LYS D 316 -27.95 -54.44 -43.35
N ILE D 317 -27.40 -55.02 -42.29
CA ILE D 317 -28.19 -55.90 -41.43
C ILE D 317 -29.01 -55.03 -40.48
N PRO D 318 -30.31 -55.29 -40.32
CA PRO D 318 -31.12 -54.50 -39.38
C PRO D 318 -30.56 -54.61 -37.96
N ALA D 319 -30.33 -53.46 -37.35
CA ALA D 319 -29.73 -53.38 -36.03
C ALA D 319 -30.74 -52.88 -35.01
N GLU D 320 -30.56 -53.30 -33.76
CA GLU D 320 -31.38 -52.85 -32.64
C GLU D 320 -30.67 -51.71 -31.94
N THR D 321 -31.32 -50.55 -31.86
CA THR D 321 -30.74 -49.42 -31.19
C THR D 321 -30.71 -49.64 -29.68
N LEU D 322 -30.17 -48.67 -28.96
CA LEU D 322 -30.00 -48.79 -27.52
C LEU D 322 -31.33 -48.78 -26.76
N HIS D 323 -32.38 -48.21 -27.36
CA HIS D 323 -33.66 -48.08 -26.70
C HIS D 323 -34.72 -49.04 -27.24
N GLY D 324 -34.38 -49.88 -28.21
CA GLY D 324 -35.28 -50.88 -28.73
C GLY D 324 -35.76 -50.64 -30.15
N THR D 325 -35.55 -49.45 -30.71
CA THR D 325 -36.02 -49.17 -32.05
C THR D 325 -35.19 -49.96 -33.08
N VAL D 326 -35.82 -50.23 -34.23
CA VAL D 326 -35.19 -50.94 -35.33
C VAL D 326 -34.76 -49.92 -36.37
N THR D 327 -33.62 -50.18 -37.01
CA THR D 327 -33.12 -49.33 -38.08
C THR D 327 -32.76 -50.19 -39.29
N VAL D 328 -33.13 -49.71 -40.48
CA VAL D 328 -32.84 -50.41 -41.72
C VAL D 328 -32.42 -49.39 -42.76
N GLU D 329 -31.50 -49.81 -43.63
CA GLU D 329 -31.06 -49.02 -44.77
C GLU D 329 -31.16 -49.89 -46.01
N VAL D 330 -31.83 -49.38 -47.05
CA VAL D 330 -32.10 -50.17 -48.25
C VAL D 330 -31.81 -49.35 -49.49
N GLN D 331 -31.36 -50.03 -50.53
CA GLN D 331 -31.18 -49.43 -51.85
C GLN D 331 -32.37 -49.81 -52.72
N TYR D 332 -33.09 -48.80 -53.20
CA TYR D 332 -34.39 -49.06 -53.83
C TYR D 332 -34.23 -49.77 -55.17
N ALA D 333 -33.23 -49.37 -55.97
CA ALA D 333 -32.93 -50.01 -57.24
C ALA D 333 -34.11 -49.95 -58.22
N GLY D 334 -34.63 -48.73 -58.40
CA GLY D 334 -35.63 -48.51 -59.43
C GLY D 334 -35.84 -47.02 -59.67
N THR D 335 -35.80 -46.60 -60.93
CA THR D 335 -35.93 -45.17 -61.26
C THR D 335 -37.40 -44.79 -61.43
N ASP D 336 -38.15 -44.97 -60.33
CA ASP D 336 -39.53 -44.55 -60.24
C ASP D 336 -39.67 -43.04 -60.11
N GLY D 337 -38.57 -42.32 -59.95
CA GLY D 337 -38.60 -40.93 -59.62
C GLY D 337 -38.88 -40.78 -58.13
N PRO D 338 -39.11 -39.55 -57.68
CA PRO D 338 -39.48 -39.33 -56.27
C PRO D 338 -40.76 -40.07 -55.93
N CYS D 339 -40.65 -41.06 -55.03
CA CYS D 339 -41.78 -41.86 -54.62
C CYS D 339 -41.68 -42.13 -53.12
N LYS D 340 -42.81 -42.54 -52.54
CA LYS D 340 -42.90 -42.79 -51.11
C LYS D 340 -42.52 -44.22 -50.78
N VAL D 341 -41.59 -44.37 -49.84
CA VAL D 341 -41.11 -45.69 -49.43
C VAL D 341 -42.16 -46.35 -48.55
N PRO D 342 -42.73 -47.49 -48.96
CA PRO D 342 -43.68 -48.21 -48.11
C PRO D 342 -42.95 -48.97 -47.02
N ALA D 343 -43.20 -48.61 -45.76
CA ALA D 343 -42.56 -49.22 -44.62
C ALA D 343 -43.62 -49.67 -43.63
N GLN D 344 -43.43 -50.86 -43.07
CA GLN D 344 -44.45 -51.44 -42.21
C GLN D 344 -43.85 -52.60 -41.42
N MET D 345 -44.36 -52.77 -40.20
CA MET D 345 -44.08 -53.94 -39.39
C MET D 345 -45.30 -54.86 -39.45
N ALA D 346 -45.07 -56.13 -39.76
CA ALA D 346 -46.13 -57.11 -39.92
C ALA D 346 -45.88 -58.27 -38.97
N VAL D 347 -46.80 -58.47 -38.03
CA VAL D 347 -46.76 -59.67 -37.20
C VAL D 347 -47.01 -60.92 -38.04
N ASP D 348 -47.86 -60.80 -39.07
CA ASP D 348 -48.15 -61.92 -39.96
C ASP D 348 -47.87 -61.54 -41.41
N MET D 349 -48.35 -62.37 -42.34
CA MET D 349 -48.28 -62.04 -43.76
C MET D 349 -49.63 -62.13 -44.46
N GLN D 350 -50.69 -62.53 -43.76
CA GLN D 350 -52.01 -62.61 -44.37
C GLN D 350 -52.46 -61.23 -44.84
N THR D 351 -52.62 -60.30 -43.90
CA THR D 351 -52.81 -58.89 -44.22
C THR D 351 -51.75 -58.09 -43.46
N LEU D 352 -51.11 -57.15 -44.16
CA LEU D 352 -50.06 -56.33 -43.56
C LEU D 352 -50.72 -55.32 -42.64
N THR D 353 -51.02 -55.77 -41.43
CA THR D 353 -51.73 -54.92 -40.48
C THR D 353 -50.72 -54.13 -39.64
N PRO D 354 -51.05 -52.87 -39.28
CA PRO D 354 -50.16 -52.10 -38.39
C PRO D 354 -50.11 -52.72 -37.00
N VAL D 355 -48.92 -53.16 -36.60
CA VAL D 355 -48.73 -53.81 -35.31
C VAL D 355 -48.04 -52.90 -34.30
N GLY D 356 -47.13 -52.04 -34.73
CA GLY D 356 -46.38 -51.20 -33.84
C GLY D 356 -46.35 -49.75 -34.30
N ARG D 357 -45.19 -49.12 -34.09
CA ARG D 357 -45.02 -47.69 -34.31
C ARG D 357 -43.88 -47.44 -35.30
N LEU D 358 -44.01 -46.36 -36.06
CA LEU D 358 -43.04 -45.98 -37.07
C LEU D 358 -42.39 -44.67 -36.67
N ILE D 359 -41.06 -44.68 -36.50
CA ILE D 359 -40.35 -43.47 -36.07
C ILE D 359 -40.23 -42.49 -37.24
N THR D 360 -39.62 -42.93 -38.34
CA THR D 360 -39.47 -42.10 -39.53
C THR D 360 -40.82 -42.00 -40.23
N ALA D 361 -41.45 -40.83 -40.13
CA ALA D 361 -42.78 -40.64 -40.70
C ALA D 361 -42.71 -40.57 -42.22
N ASN D 362 -43.34 -41.54 -42.88
CA ASN D 362 -43.43 -41.61 -44.34
C ASN D 362 -42.06 -41.51 -45.00
N PRO D 363 -41.25 -42.55 -44.95
CA PRO D 363 -39.96 -42.52 -45.65
C PRO D 363 -40.15 -42.30 -47.14
N VAL D 364 -39.24 -41.52 -47.73
CA VAL D 364 -39.34 -41.09 -49.12
C VAL D 364 -37.98 -41.26 -49.79
N ILE D 365 -37.99 -41.74 -51.03
CA ILE D 365 -36.76 -41.75 -51.84
C ILE D 365 -36.55 -40.35 -52.40
N THR D 366 -35.28 -39.97 -52.58
CA THR D 366 -34.95 -38.58 -52.83
C THR D 366 -34.84 -38.23 -54.32
N GLU D 367 -33.90 -38.85 -55.02
CA GLU D 367 -33.58 -38.45 -56.38
C GLU D 367 -34.18 -39.39 -57.41
N SER D 368 -34.06 -38.99 -58.68
CA SER D 368 -34.59 -39.75 -59.80
C SER D 368 -33.54 -40.63 -60.46
N THR D 369 -32.36 -40.75 -59.86
CA THR D 369 -31.33 -41.62 -60.43
C THR D 369 -31.71 -43.09 -60.22
N GLU D 370 -30.91 -43.97 -60.82
CA GLU D 370 -31.23 -45.39 -60.83
C GLU D 370 -31.24 -45.98 -59.42
N ASN D 371 -30.08 -45.97 -58.76
CA ASN D 371 -29.91 -46.60 -57.46
C ASN D 371 -29.74 -45.52 -56.39
N SER D 372 -30.64 -45.52 -55.41
CA SER D 372 -30.57 -44.61 -54.28
C SER D 372 -30.88 -45.36 -52.99
N LYS D 373 -30.13 -45.03 -51.93
CA LYS D 373 -30.33 -45.65 -50.63
C LYS D 373 -31.03 -44.68 -49.69
N MET D 374 -31.69 -45.25 -48.69
CA MET D 374 -32.39 -44.45 -47.69
C MET D 374 -32.47 -45.23 -46.39
N MET D 375 -32.55 -44.51 -45.28
CA MET D 375 -32.57 -45.10 -43.95
C MET D 375 -33.84 -44.69 -43.22
N LEU D 376 -34.46 -45.65 -42.54
CA LEU D 376 -35.65 -45.39 -41.74
C LEU D 376 -35.55 -46.16 -40.43
N GLU D 377 -36.29 -45.68 -39.43
CA GLU D 377 -36.28 -46.24 -38.09
C GLU D 377 -37.70 -46.61 -37.69
N LEU D 378 -37.85 -47.76 -37.02
CA LEU D 378 -39.16 -48.25 -36.60
C LEU D 378 -39.14 -48.59 -35.12
N ASP D 379 -40.34 -48.63 -34.53
CA ASP D 379 -40.52 -48.99 -33.13
C ASP D 379 -41.23 -50.35 -33.07
N PRO D 380 -40.52 -51.43 -32.76
CA PRO D 380 -41.11 -52.75 -32.83
C PRO D 380 -41.98 -53.04 -31.62
N PRO D 381 -42.88 -54.03 -31.72
CA PRO D 381 -43.63 -54.46 -30.54
C PRO D 381 -42.84 -55.45 -29.70
N PHE D 382 -43.20 -55.52 -28.43
CA PHE D 382 -42.54 -56.43 -27.51
C PHE D 382 -42.85 -57.87 -27.89
N GLY D 383 -41.81 -58.62 -28.27
CA GLY D 383 -42.00 -60.00 -28.66
C GLY D 383 -41.62 -60.26 -30.10
N ASP D 384 -42.08 -61.39 -30.65
CA ASP D 384 -41.73 -61.77 -32.02
C ASP D 384 -42.56 -60.98 -33.02
N SER D 385 -41.92 -60.64 -34.15
CA SER D 385 -42.56 -59.88 -35.22
C SER D 385 -41.67 -60.00 -36.46
N TYR D 386 -42.09 -59.35 -37.54
CA TYR D 386 -41.35 -59.35 -38.79
C TYR D 386 -41.19 -57.92 -39.29
N ILE D 387 -40.41 -57.78 -40.37
CA ILE D 387 -40.10 -56.50 -40.98
C ILE D 387 -40.31 -56.66 -42.48
N VAL D 388 -41.29 -55.96 -43.03
CA VAL D 388 -41.61 -56.04 -44.46
C VAL D 388 -41.74 -54.63 -45.03
N ILE D 389 -40.97 -54.35 -46.08
CA ILE D 389 -41.09 -53.09 -46.82
C ILE D 389 -41.23 -53.42 -48.29
N GLY D 390 -41.97 -52.58 -49.01
CA GLY D 390 -42.22 -52.77 -50.42
C GLY D 390 -43.61 -53.29 -50.70
N VAL D 391 -43.92 -53.38 -51.99
CA VAL D 391 -45.22 -53.86 -52.45
C VAL D 391 -45.28 -55.37 -52.24
N GLY D 392 -46.49 -55.94 -52.32
CA GLY D 392 -46.66 -57.36 -52.02
C GLY D 392 -45.77 -58.26 -52.86
N GLU D 393 -45.59 -57.93 -54.13
CA GLU D 393 -44.71 -58.70 -55.00
C GLU D 393 -43.25 -58.37 -54.68
N LYS D 394 -42.46 -59.42 -54.43
CA LYS D 394 -41.06 -59.28 -54.01
C LYS D 394 -40.95 -58.53 -52.68
N LYS D 395 -41.68 -59.01 -51.69
CA LYS D 395 -41.54 -58.49 -50.34
C LYS D 395 -40.24 -58.99 -49.70
N ILE D 396 -39.79 -58.28 -48.68
CA ILE D 396 -38.57 -58.61 -47.95
C ILE D 396 -38.92 -58.69 -46.48
N THR D 397 -38.80 -59.88 -45.90
CA THR D 397 -39.12 -60.09 -44.49
C THR D 397 -37.84 -60.32 -43.69
N HIS D 398 -37.88 -59.88 -42.43
CA HIS D 398 -36.78 -60.08 -41.49
C HIS D 398 -37.38 -60.34 -40.11
N HIS D 399 -37.07 -61.50 -39.55
CA HIS D 399 -37.61 -61.86 -38.23
C HIS D 399 -36.98 -61.01 -37.15
N TRP D 400 -37.82 -60.38 -36.33
CA TRP D 400 -37.34 -59.47 -35.29
C TRP D 400 -38.06 -59.75 -33.98
N HIS D 401 -37.29 -60.06 -32.94
CA HIS D 401 -37.81 -60.29 -31.60
C HIS D 401 -37.19 -59.26 -30.67
N ARG D 402 -38.04 -58.39 -30.10
CA ARG D 402 -37.60 -57.28 -29.27
C ARG D 402 -37.98 -57.53 -27.83
N SER D 403 -36.99 -57.52 -26.94
CA SER D 403 -37.20 -57.67 -25.50
C SER D 403 -38.02 -58.91 -25.15
N VAL E 2 -11.62 -28.42 -43.05
CA VAL E 2 -10.19 -28.44 -42.75
C VAL E 2 -9.41 -28.74 -44.03
N GLN E 3 -9.08 -27.68 -44.77
CA GLN E 3 -8.39 -27.77 -46.05
C GLN E 3 -7.00 -27.20 -45.91
N LEU E 4 -5.99 -28.06 -45.84
CA LEU E 4 -4.62 -27.62 -45.63
C LEU E 4 -3.98 -27.21 -46.95
N GLN E 5 -3.21 -26.13 -46.91
CA GLN E 5 -2.48 -25.62 -48.06
C GLN E 5 -0.99 -25.60 -47.72
N GLU E 6 -0.17 -26.15 -48.61
CA GLU E 6 1.28 -26.19 -48.40
C GLU E 6 1.95 -25.03 -49.14
N SER E 7 2.95 -24.45 -48.48
CA SER E 7 3.75 -23.38 -49.07
C SER E 7 5.21 -23.60 -48.71
N GLY E 8 6.09 -23.46 -49.70
CA GLY E 8 7.50 -23.68 -49.48
C GLY E 8 8.37 -23.18 -50.62
N PRO E 9 9.66 -23.01 -50.33
CA PRO E 9 10.61 -22.61 -51.38
C PRO E 9 10.61 -23.60 -52.54
N GLY E 10 11.10 -23.13 -53.69
CA GLY E 10 11.12 -23.94 -54.89
C GLY E 10 12.25 -24.95 -54.94
N LEU E 11 13.43 -24.56 -54.46
CA LEU E 11 14.60 -25.42 -54.56
C LEU E 11 15.57 -25.09 -53.43
N VAL E 12 16.24 -26.13 -52.90
CA VAL E 12 17.30 -25.96 -51.92
C VAL E 12 18.52 -26.74 -52.41
N LYS E 13 19.70 -26.20 -52.12
CA LYS E 13 20.93 -26.90 -52.43
C LYS E 13 21.18 -28.00 -51.41
N PRO E 14 21.95 -29.03 -51.78
CA PRO E 14 22.23 -30.11 -50.83
C PRO E 14 22.96 -29.61 -49.60
N SER E 15 22.79 -30.35 -48.50
CA SER E 15 23.40 -30.03 -47.21
C SER E 15 22.98 -28.65 -46.72
N GLU E 16 21.75 -28.25 -47.02
CA GLU E 16 21.22 -26.95 -46.65
C GLU E 16 19.85 -27.13 -46.02
N THR E 17 19.54 -26.27 -45.04
CA THR E 17 18.28 -26.37 -44.31
C THR E 17 17.09 -26.20 -45.25
N LEU E 18 16.13 -27.10 -45.13
CA LEU E 18 14.88 -27.05 -45.90
C LEU E 18 13.72 -26.78 -44.95
N SER E 19 12.88 -25.83 -45.32
CA SER E 19 11.74 -25.44 -44.48
C SER E 19 10.47 -25.43 -45.31
N LEU E 20 9.46 -26.16 -44.85
CA LEU E 20 8.13 -26.14 -45.44
C LEU E 20 7.14 -25.59 -44.42
N THR E 21 6.25 -24.70 -44.87
CA THR E 21 5.24 -24.10 -44.02
C THR E 21 3.86 -24.63 -44.42
N CYS E 22 3.06 -24.96 -43.41
CA CYS E 22 1.75 -25.57 -43.62
C CYS E 22 0.69 -24.77 -42.88
N ALA E 23 -0.28 -24.24 -43.63
CA ALA E 23 -1.42 -23.54 -43.05
C ALA E 23 -2.64 -24.43 -43.12
N VAL E 24 -3.31 -24.62 -41.99
CA VAL E 24 -4.42 -25.56 -41.93
C VAL E 24 -5.69 -24.95 -42.50
N SER E 25 -5.97 -23.70 -42.19
CA SER E 25 -7.03 -22.94 -42.86
C SER E 25 -8.38 -23.65 -42.78
N GLY E 26 -8.85 -23.81 -41.55
CA GLY E 26 -10.21 -24.27 -41.36
C GLY E 26 -10.44 -25.07 -40.11
N TYR E 27 -9.40 -25.22 -39.29
CA TYR E 27 -9.50 -25.91 -38.02
C TYR E 27 -8.45 -25.35 -37.08
N SER E 28 -8.87 -25.07 -35.84
CA SER E 28 -7.98 -24.51 -34.84
C SER E 28 -7.05 -25.60 -34.31
N ILE E 29 -5.75 -25.36 -34.42
CA ILE E 29 -4.74 -26.24 -33.82
C ILE E 29 -4.80 -26.05 -32.31
N SER E 30 -4.12 -26.92 -31.57
CA SER E 30 -4.07 -26.97 -30.11
C SER E 30 -5.34 -27.54 -29.50
N SER E 31 -6.23 -28.07 -30.32
CA SER E 31 -7.37 -28.85 -29.84
C SER E 31 -7.08 -30.34 -29.79
N GLY E 32 -6.00 -30.79 -30.42
CA GLY E 32 -5.65 -32.20 -30.52
C GLY E 32 -5.13 -32.52 -31.91
N TYR E 33 -5.45 -33.71 -32.42
CA TYR E 33 -5.35 -34.01 -33.84
C TYR E 33 -3.92 -33.83 -34.37
N TYR E 34 -3.05 -34.77 -33.97
CA TYR E 34 -1.68 -34.86 -34.46
C TYR E 34 -1.57 -34.43 -35.93
N TRP E 35 -0.62 -33.54 -36.21
CA TRP E 35 -0.36 -33.04 -37.55
C TRP E 35 1.02 -33.51 -38.00
N GLY E 36 1.08 -34.14 -39.19
CA GLY E 36 2.29 -34.77 -39.65
C GLY E 36 2.69 -34.34 -41.05
N TRP E 37 3.78 -34.94 -41.53
CA TRP E 37 4.34 -34.69 -42.85
C TRP E 37 4.71 -36.01 -43.50
N ILE E 38 4.17 -36.27 -44.70
CA ILE E 38 4.42 -37.50 -45.44
C ILE E 38 4.89 -37.13 -46.85
N ARG E 39 5.80 -37.93 -47.40
CA ARG E 39 6.45 -37.59 -48.67
C ARG E 39 6.44 -38.79 -49.61
N GLN E 40 6.67 -38.50 -50.90
CA GLN E 40 6.71 -39.51 -51.95
C GLN E 40 7.77 -39.07 -52.96
N PRO E 41 8.95 -39.69 -52.97
CA PRO E 41 10.14 -38.99 -53.46
C PRO E 41 10.08 -38.65 -54.95
N PRO E 42 10.21 -39.62 -55.94
CA PRO E 42 9.71 -39.27 -57.28
C PRO E 42 8.35 -39.85 -57.67
N GLY E 43 8.21 -41.16 -57.49
CA GLY E 43 7.01 -41.88 -57.86
C GLY E 43 6.82 -43.13 -57.01
N LYS E 44 7.66 -43.26 -56.00
CA LYS E 44 7.68 -44.47 -55.17
C LYS E 44 6.57 -44.39 -54.14
N GLY E 45 6.61 -45.29 -53.15
CA GLY E 45 5.61 -45.29 -52.10
C GLY E 45 5.71 -44.07 -51.21
N LEU E 46 4.74 -43.97 -50.30
CA LEU E 46 4.71 -42.88 -49.34
C LEU E 46 5.64 -43.20 -48.17
N GLU E 47 6.51 -42.25 -47.84
CA GLU E 47 7.37 -42.34 -46.66
C GLU E 47 7.00 -41.21 -45.72
N TYR E 48 6.86 -41.54 -44.43
CA TYR E 48 6.51 -40.56 -43.42
C TYR E 48 7.77 -40.09 -42.69
N ILE E 49 7.67 -38.89 -42.12
CA ILE E 49 8.78 -38.25 -41.41
C ILE E 49 8.47 -38.09 -39.93
N GLY E 50 7.26 -37.61 -39.61
CA GLY E 50 6.88 -37.44 -38.23
C GLY E 50 5.67 -36.54 -38.11
N TYR E 51 5.17 -36.46 -36.88
CA TYR E 51 4.01 -35.63 -36.56
C TYR E 51 4.21 -35.00 -35.20
N ILE E 52 3.53 -33.87 -34.99
CA ILE E 52 3.59 -33.14 -33.73
C ILE E 52 2.19 -33.10 -33.12
N SER E 53 2.13 -33.18 -31.80
CA SER E 53 0.85 -33.15 -31.11
C SER E 53 0.25 -31.76 -31.17
N GLY E 54 -1.07 -31.69 -31.40
CA GLY E 54 -1.73 -30.40 -31.46
C GLY E 54 -1.83 -29.74 -30.10
N SER E 55 -2.43 -30.44 -29.13
CA SER E 55 -2.66 -29.86 -27.81
C SER E 55 -1.38 -29.76 -27.00
N SER E 56 -0.72 -30.90 -26.75
CA SER E 56 0.45 -30.90 -25.89
C SER E 56 1.66 -30.32 -26.62
N GLY E 57 1.87 -30.72 -27.87
CA GLY E 57 3.02 -30.28 -28.63
C GLY E 57 4.16 -31.26 -28.70
N SER E 58 3.95 -32.51 -28.27
CA SER E 58 5.01 -33.51 -28.34
C SER E 58 5.26 -33.91 -29.79
N THR E 59 6.52 -34.18 -30.12
CA THR E 59 6.94 -34.51 -31.47
C THR E 59 7.36 -35.97 -31.54
N TYR E 60 6.81 -36.70 -32.50
CA TYR E 60 7.17 -38.09 -32.77
C TYR E 60 7.72 -38.18 -34.18
N TYR E 61 8.96 -38.63 -34.32
CA TYR E 61 9.65 -38.69 -35.59
C TYR E 61 9.88 -40.13 -36.02
N ASN E 62 10.52 -40.29 -37.18
CA ASN E 62 10.92 -41.48 -37.92
C ASN E 62 12.29 -41.96 -37.44
N PRO E 63 12.49 -43.28 -37.33
CA PRO E 63 13.79 -43.78 -36.86
C PRO E 63 14.93 -43.51 -37.81
N SER E 64 14.68 -43.47 -39.12
CA SER E 64 15.76 -43.22 -40.08
C SER E 64 16.06 -41.73 -40.18
N LEU E 65 15.03 -40.89 -40.16
CA LEU E 65 15.20 -39.44 -40.19
C LEU E 65 15.20 -38.88 -38.76
N LYS E 66 16.17 -39.33 -37.97
CA LYS E 66 16.16 -39.11 -36.53
C LYS E 66 16.87 -37.82 -36.11
N SER E 67 17.96 -37.45 -36.78
CA SER E 67 18.81 -36.35 -36.33
C SER E 67 18.80 -35.16 -37.29
N ARG E 68 17.98 -35.20 -38.34
CA ARG E 68 18.01 -34.16 -39.37
C ARG E 68 16.78 -33.27 -39.37
N VAL E 69 15.62 -33.77 -38.95
CA VAL E 69 14.37 -33.03 -39.07
C VAL E 69 14.00 -32.41 -37.73
N THR E 70 13.23 -31.32 -37.80
CA THR E 70 12.70 -30.67 -36.61
C THR E 70 11.40 -29.99 -36.99
N ILE E 71 10.29 -30.45 -36.42
CA ILE E 71 8.96 -29.94 -36.74
C ILE E 71 8.56 -28.90 -35.69
N SER E 72 8.08 -27.75 -36.15
CA SER E 72 7.69 -26.65 -35.28
C SER E 72 6.19 -26.39 -35.41
N LYS E 73 5.66 -25.64 -34.45
CA LYS E 73 4.23 -25.35 -34.38
C LYS E 73 4.02 -23.96 -33.81
N ASP E 74 3.02 -23.26 -34.33
CA ASP E 74 2.66 -21.93 -33.83
C ASP E 74 1.18 -21.71 -34.08
N THR E 75 0.41 -21.65 -33.00
CA THR E 75 -1.05 -21.50 -33.09
C THR E 75 -1.49 -20.04 -33.15
N SER E 76 -0.56 -19.09 -33.02
CA SER E 76 -0.94 -17.68 -33.11
C SER E 76 -1.49 -17.36 -34.49
N LYS E 77 -0.76 -17.74 -35.54
CA LYS E 77 -1.24 -17.60 -36.91
C LYS E 77 -1.77 -18.92 -37.47
N ASN E 78 -1.90 -19.95 -36.62
CA ASN E 78 -2.53 -21.21 -36.97
C ASN E 78 -1.77 -21.91 -38.10
N GLN E 79 -0.50 -22.19 -37.84
CA GLN E 79 0.38 -22.86 -38.80
C GLN E 79 1.32 -23.79 -38.07
N PHE E 80 1.87 -24.75 -38.82
CA PHE E 80 2.97 -25.58 -38.33
C PHE E 80 3.91 -25.86 -39.50
N SER E 81 5.20 -26.00 -39.18
CA SER E 81 6.23 -26.08 -40.20
C SER E 81 7.12 -27.28 -39.96
N LEU E 82 7.97 -27.57 -40.95
CA LEU E 82 8.93 -28.66 -40.89
C LEU E 82 10.30 -28.14 -41.34
N LYS E 83 11.34 -28.50 -40.61
CA LYS E 83 12.70 -28.07 -40.91
C LYS E 83 13.55 -29.30 -41.20
N LEU E 84 14.03 -29.41 -42.44
CA LEU E 84 14.87 -30.52 -42.88
C LEU E 84 16.29 -30.01 -43.06
N SER E 85 17.18 -30.42 -42.16
CA SER E 85 18.56 -29.97 -42.18
C SER E 85 19.46 -31.05 -42.79
N SER E 86 20.54 -30.59 -43.42
CA SER E 86 21.53 -31.45 -44.05
C SER E 86 20.87 -32.38 -45.07
N VAL E 87 20.21 -31.76 -46.06
CA VAL E 87 19.49 -32.54 -47.06
C VAL E 87 20.47 -33.27 -47.97
N THR E 88 19.98 -34.32 -48.61
CA THR E 88 20.75 -35.13 -49.53
C THR E 88 20.08 -35.10 -50.90
N ALA E 89 20.79 -35.62 -51.91
CA ALA E 89 20.23 -35.65 -53.26
C ALA E 89 19.03 -36.59 -53.35
N ALA E 90 18.98 -37.62 -52.52
CA ALA E 90 17.86 -38.56 -52.51
C ALA E 90 16.64 -38.03 -51.77
N ASP E 91 16.74 -36.85 -51.14
CA ASP E 91 15.62 -36.30 -50.38
C ASP E 91 14.63 -35.53 -51.23
N THR E 92 14.87 -35.41 -52.54
CA THR E 92 13.90 -34.77 -53.42
C THR E 92 12.59 -35.55 -53.40
N ALA E 93 11.50 -34.85 -53.07
CA ALA E 93 10.24 -35.53 -52.80
C ALA E 93 9.08 -34.58 -53.02
N VAL E 94 7.87 -35.13 -52.91
CA VAL E 94 6.63 -34.35 -52.87
C VAL E 94 6.07 -34.50 -51.47
N TYR E 95 6.04 -33.41 -50.72
CA TYR E 95 5.66 -33.43 -49.31
C TYR E 95 4.19 -33.07 -49.14
N TYR E 96 3.57 -33.67 -48.12
CA TYR E 96 2.18 -33.39 -47.78
C TYR E 96 2.06 -33.32 -46.26
N CYS E 97 1.53 -32.20 -45.77
CA CYS E 97 1.19 -32.10 -44.35
C CYS E 97 -0.25 -32.57 -44.17
N ALA E 98 -0.43 -33.62 -43.37
CA ALA E 98 -1.73 -34.27 -43.22
C ALA E 98 -2.18 -34.25 -41.77
N ARG E 99 -3.44 -34.61 -41.57
CA ARG E 99 -4.08 -34.66 -40.26
C ARG E 99 -4.19 -36.10 -39.77
N ARG E 100 -4.38 -36.24 -38.46
CA ARG E 100 -4.50 -37.56 -37.84
C ARG E 100 -4.99 -37.40 -36.41
N ASP E 101 -5.84 -38.33 -35.97
CA ASP E 101 -6.39 -38.34 -34.62
C ASP E 101 -5.72 -39.44 -33.80
N ARG E 102 -5.49 -39.15 -32.51
CA ARG E 102 -4.72 -40.04 -31.65
C ARG E 102 -5.51 -40.66 -30.51
N VAL E 103 -6.61 -40.05 -30.08
CA VAL E 103 -7.27 -40.47 -28.85
C VAL E 103 -8.75 -40.73 -29.09
N GLY E 104 -9.23 -40.42 -30.29
CA GLY E 104 -10.65 -40.56 -30.58
C GLY E 104 -11.13 -41.99 -30.46
N SER E 105 -12.45 -42.14 -30.37
CA SER E 105 -13.09 -43.44 -30.23
C SER E 105 -13.49 -44.04 -31.57
N TYR E 106 -13.15 -43.41 -32.67
CA TYR E 106 -13.51 -43.90 -34.00
C TYR E 106 -12.24 -44.19 -34.78
N PRO E 107 -11.94 -45.46 -35.09
CA PRO E 107 -10.62 -45.79 -35.67
C PRO E 107 -10.42 -45.27 -37.09
N TYR E 108 -11.48 -44.86 -37.78
CA TYR E 108 -11.30 -44.31 -39.12
C TYR E 108 -10.38 -43.10 -39.10
N TYR E 109 -10.48 -42.27 -38.06
CA TYR E 109 -9.67 -41.07 -37.95
C TYR E 109 -8.27 -41.33 -37.40
N TYR E 110 -7.95 -42.57 -37.02
CA TYR E 110 -6.58 -42.90 -36.69
C TYR E 110 -5.68 -42.90 -37.93
N GLY E 111 -6.27 -42.86 -39.13
CA GLY E 111 -5.52 -42.71 -40.35
C GLY E 111 -5.51 -41.26 -40.81
N LEU E 112 -4.70 -41.00 -41.83
CA LEU E 112 -4.57 -39.66 -42.36
C LEU E 112 -5.83 -39.29 -43.15
N ASP E 113 -6.77 -38.62 -42.47
CA ASP E 113 -8.07 -38.34 -43.10
C ASP E 113 -7.96 -37.23 -44.13
N SER E 114 -7.54 -36.04 -43.71
CA SER E 114 -7.45 -34.89 -44.60
C SER E 114 -5.99 -34.66 -44.97
N TRP E 115 -5.75 -34.49 -46.27
CA TRP E 115 -4.40 -34.29 -46.81
C TRP E 115 -4.25 -32.87 -47.33
N GLY E 116 -3.00 -32.47 -47.53
CA GLY E 116 -2.68 -31.18 -48.11
C GLY E 116 -2.53 -31.26 -49.61
N GLN E 117 -2.31 -30.09 -50.21
CA GLN E 117 -2.10 -30.02 -51.66
C GLN E 117 -0.80 -30.70 -52.06
N GLY E 118 0.29 -30.36 -51.39
CA GLY E 118 1.58 -30.96 -51.68
C GLY E 118 2.51 -30.06 -52.45
N VAL E 119 3.80 -30.08 -52.10
CA VAL E 119 4.83 -29.33 -52.82
C VAL E 119 5.86 -30.31 -53.35
N LEU E 120 6.46 -29.96 -54.48
CA LEU E 120 7.56 -30.71 -55.05
C LEU E 120 8.85 -29.93 -54.85
N VAL E 121 9.90 -30.62 -54.40
CA VAL E 121 11.19 -30.01 -54.15
C VAL E 121 12.28 -30.96 -54.63
N THR E 122 13.24 -30.43 -55.39
CA THR E 122 14.39 -31.18 -55.85
C THR E 122 15.64 -30.67 -55.12
N VAL E 123 16.72 -31.45 -55.24
CA VAL E 123 17.97 -31.11 -54.59
C VAL E 123 19.10 -30.93 -55.61
N SER E 124 18.76 -30.59 -56.84
CA SER E 124 19.74 -30.41 -57.89
C SER E 124 20.50 -29.10 -57.71
N SER E 125 21.45 -28.85 -58.59
CA SER E 125 22.29 -27.64 -58.51
C SER E 125 21.55 -26.47 -59.16
N ALA E 126 22.26 -25.37 -59.36
CA ALA E 126 21.67 -24.15 -59.90
C ALA E 126 21.76 -24.14 -61.44
N SER E 127 21.23 -23.08 -62.03
CA SER E 127 21.25 -22.93 -63.48
C SER E 127 21.15 -21.45 -63.88
N VAL F 2 25.10 37.06 29.08
CA VAL F 2 24.14 37.98 28.49
C VAL F 2 24.85 38.96 27.57
N GLN F 3 26.06 38.58 27.13
CA GLN F 3 26.90 39.50 26.38
C GLN F 3 26.27 39.86 25.03
N LEU F 4 26.45 41.12 24.63
CA LEU F 4 25.98 41.63 23.35
C LEU F 4 27.16 42.24 22.60
N GLN F 5 27.12 42.14 21.27
CA GLN F 5 28.19 42.63 20.43
C GLN F 5 27.60 43.28 19.19
N GLU F 6 28.30 44.27 18.66
CA GLU F 6 27.84 45.04 17.50
C GLU F 6 28.79 44.85 16.32
N SER F 7 28.24 45.00 15.11
CA SER F 7 29.02 44.93 13.89
C SER F 7 28.20 45.58 12.76
N GLY F 8 28.91 46.14 11.79
CA GLY F 8 28.27 46.79 10.67
C GLY F 8 29.26 47.54 9.79
N PRO F 9 28.74 48.16 8.72
CA PRO F 9 29.63 48.91 7.83
C PRO F 9 30.10 50.21 8.47
N GLY F 10 31.38 50.52 8.27
CA GLY F 10 31.97 51.68 8.91
C GLY F 10 31.38 53.00 8.44
N LEU F 11 30.92 53.06 7.19
CA LEU F 11 30.42 54.31 6.64
C LEU F 11 29.57 54.00 5.41
N VAL F 12 28.45 54.73 5.29
CA VAL F 12 27.57 54.63 4.13
C VAL F 12 27.44 56.01 3.51
N LYS F 13 27.37 56.05 2.18
CA LYS F 13 27.05 57.28 1.48
C LYS F 13 25.62 57.70 1.81
N PRO F 14 25.27 58.97 1.59
CA PRO F 14 23.88 59.37 1.86
C PRO F 14 22.96 58.74 0.84
N SER F 15 22.33 57.65 1.25
CA SER F 15 21.52 56.79 0.38
C SER F 15 20.85 55.74 1.27
N GLU F 16 20.26 54.74 0.66
CA GLU F 16 19.60 53.65 1.37
C GLU F 16 20.63 52.65 1.88
N THR F 17 20.14 51.50 2.36
CA THR F 17 20.94 50.31 2.65
C THR F 17 22.00 50.57 3.73
N LEU F 18 21.50 50.82 4.94
CA LEU F 18 22.31 50.71 6.16
C LEU F 18 21.88 49.44 6.88
N SER F 19 22.83 48.53 7.11
CA SER F 19 22.54 47.21 7.65
C SER F 19 23.52 46.89 8.77
N LEU F 20 23.04 46.93 10.02
CA LEU F 20 23.83 46.56 11.18
C LEU F 20 23.44 45.18 11.68
N THR F 21 24.41 44.48 12.28
CA THR F 21 24.18 43.15 12.84
C THR F 21 24.69 43.12 14.27
N CYS F 22 24.04 42.31 15.10
CA CYS F 22 24.31 42.27 16.53
C CYS F 22 24.40 40.83 16.99
N ALA F 23 25.53 40.47 17.60
CA ALA F 23 25.78 39.11 18.06
C ALA F 23 25.35 38.98 19.53
N VAL F 24 24.34 38.15 19.78
CA VAL F 24 23.85 37.90 21.14
C VAL F 24 24.57 36.65 21.63
N SER F 25 25.67 36.85 22.35
CA SER F 25 26.48 35.76 22.87
C SER F 25 26.18 35.61 24.37
N GLY F 26 25.30 34.67 24.70
CA GLY F 26 25.02 34.41 26.10
C GLY F 26 23.57 34.08 26.44
N TYR F 27 22.67 34.20 25.48
CA TYR F 27 21.26 33.91 25.72
C TYR F 27 20.55 33.67 24.40
N SER F 28 19.60 32.73 24.41
CA SER F 28 18.82 32.42 23.23
C SER F 28 17.75 33.49 22.99
N ILE F 29 17.60 33.88 21.73
CA ILE F 29 16.67 34.95 21.38
C ILE F 29 15.23 34.46 21.42
N SER F 30 14.98 33.25 20.92
CA SER F 30 13.60 32.76 20.82
C SER F 30 13.09 32.26 22.16
N SER F 31 13.17 33.10 23.21
CA SER F 31 12.62 32.80 24.52
C SER F 31 12.02 34.05 25.17
N GLY F 32 11.50 34.97 24.35
CA GLY F 32 10.98 36.23 24.82
C GLY F 32 11.99 37.35 24.71
N TYR F 33 11.97 38.29 25.65
CA TYR F 33 13.04 39.26 25.84
C TYR F 33 13.25 40.13 24.59
N TYR F 34 12.32 41.08 24.41
CA TYR F 34 12.35 42.06 23.32
C TYR F 34 13.77 42.50 23.01
N TRP F 35 14.16 42.44 21.74
CA TRP F 35 15.48 42.84 21.30
C TRP F 35 15.34 44.06 20.40
N GLY F 36 16.08 45.13 20.73
CA GLY F 36 15.90 46.40 20.06
C GLY F 36 17.20 47.14 19.84
N TRP F 37 17.05 48.36 19.32
CA TRP F 37 18.17 49.22 18.96
C TRP F 37 17.88 50.65 19.38
N ILE F 38 18.89 51.34 19.92
CA ILE F 38 18.79 52.74 20.30
C ILE F 38 20.05 53.46 19.84
N ARG F 39 19.89 54.57 19.14
CA ARG F 39 21.01 55.34 18.61
C ARG F 39 21.18 56.65 19.38
N GLN F 40 22.30 57.31 19.12
CA GLN F 40 22.63 58.58 19.76
C GLN F 40 23.59 59.39 18.88
N PRO F 41 23.18 60.56 18.39
CA PRO F 41 24.10 61.41 17.64
C PRO F 41 25.25 61.86 18.53
N PRO F 42 26.47 61.92 17.99
CA PRO F 42 27.63 62.32 18.80
C PRO F 42 27.47 63.75 19.29
N GLY F 43 27.37 63.90 20.61
CA GLY F 43 27.26 65.18 21.26
C GLY F 43 25.88 65.51 21.78
N LYS F 44 24.85 64.80 21.33
CA LYS F 44 23.48 65.05 21.75
C LYS F 44 22.95 63.86 22.56
N GLY F 45 21.67 63.94 22.90
CA GLY F 45 21.02 62.95 23.73
C GLY F 45 20.68 61.68 22.97
N LEU F 46 19.80 60.89 23.59
CA LEU F 46 19.43 59.58 23.07
C LEU F 46 18.17 59.66 22.21
N GLU F 47 18.04 58.69 21.30
CA GLU F 47 16.86 58.54 20.46
C GLU F 47 16.74 57.08 20.09
N TYR F 48 15.63 56.44 20.45
CA TYR F 48 15.49 55.00 20.29
C TYR F 48 14.97 54.67 18.90
N ILE F 49 15.52 53.59 18.33
CA ILE F 49 15.23 53.22 16.95
C ILE F 49 14.06 52.25 16.86
N GLY F 50 13.84 51.43 17.87
CA GLY F 50 12.73 50.49 17.86
C GLY F 50 13.05 49.13 18.46
N TYR F 51 12.01 48.34 18.72
CA TYR F 51 12.15 47.03 19.32
C TYR F 51 11.57 45.97 18.39
N ILE F 52 11.98 44.73 18.62
CA ILE F 52 11.40 43.57 17.96
C ILE F 52 11.03 42.55 19.03
N SER F 53 9.95 41.82 18.79
CA SER F 53 9.52 40.79 19.73
C SER F 53 10.42 39.57 19.61
N GLY F 54 10.88 39.06 20.75
CA GLY F 54 11.81 37.95 20.72
C GLY F 54 11.18 36.63 20.35
N SER F 55 9.92 36.42 20.72
CA SER F 55 9.24 35.15 20.49
C SER F 55 8.57 35.10 19.12
N SER F 56 7.71 36.06 18.82
CA SER F 56 6.90 36.04 17.61
C SER F 56 7.44 36.93 16.50
N GLY F 57 8.50 37.70 16.76
CA GLY F 57 9.07 38.55 15.75
C GLY F 57 8.16 39.69 15.32
N SER F 58 7.61 40.41 16.30
CA SER F 58 6.75 41.55 16.04
C SER F 58 7.58 42.83 16.13
N THR F 59 7.51 43.65 15.09
CA THR F 59 8.32 44.86 14.99
C THR F 59 7.53 46.05 15.51
N TYR F 60 8.10 46.76 16.48
CA TYR F 60 7.52 47.97 17.05
C TYR F 60 8.53 49.10 16.91
N TYR F 61 8.29 49.99 15.96
CA TYR F 61 9.19 51.10 15.68
C TYR F 61 8.67 52.38 16.32
N ASN F 62 9.40 53.47 16.12
CA ASN F 62 8.97 54.77 16.62
C ASN F 62 8.56 55.64 15.46
N PRO F 63 7.43 56.35 15.56
CA PRO F 63 7.11 57.37 14.55
C PRO F 63 8.20 58.41 14.47
N SER F 64 8.24 59.11 13.33
CA SER F 64 9.33 59.92 12.80
C SER F 64 10.40 59.02 12.19
N LEU F 65 10.31 57.70 12.35
CA LEU F 65 11.16 56.73 11.69
C LEU F 65 10.33 55.52 11.23
N LYS F 66 9.05 55.74 10.93
CA LYS F 66 8.11 54.64 10.75
C LYS F 66 8.46 53.78 9.55
N SER F 67 8.46 54.36 8.36
CA SER F 67 8.72 53.63 7.12
C SER F 67 10.20 53.59 6.77
N ARG F 68 11.07 53.98 7.68
CA ARG F 68 12.50 54.08 7.40
C ARG F 68 13.29 52.83 7.78
N VAL F 69 12.95 52.21 8.92
CA VAL F 69 13.73 51.11 9.45
C VAL F 69 12.95 49.81 9.31
N THR F 70 13.69 48.70 9.24
CA THR F 70 13.11 47.35 9.29
C THR F 70 14.04 46.50 10.15
N ILE F 71 13.58 46.17 11.35
CA ILE F 71 14.37 45.36 12.28
C ILE F 71 14.13 43.89 11.96
N SER F 72 15.21 43.11 11.88
CA SER F 72 15.14 41.70 11.57
C SER F 72 15.89 40.91 12.63
N LYS F 73 15.82 39.59 12.53
CA LYS F 73 16.50 38.72 13.48
C LYS F 73 16.81 37.38 12.80
N ASP F 74 17.93 36.80 13.19
CA ASP F 74 18.38 35.50 12.67
C ASP F 74 18.58 34.57 13.85
N THR F 75 17.71 33.56 13.97
CA THR F 75 17.78 32.63 15.09
C THR F 75 18.84 31.55 14.89
N SER F 76 19.28 31.31 13.65
CA SER F 76 20.27 30.28 13.40
C SER F 76 21.55 30.52 14.20
N LYS F 77 22.06 31.74 14.16
CA LYS F 77 23.21 32.12 14.97
C LYS F 77 22.82 32.87 16.24
N ASN F 78 21.52 33.04 16.49
CA ASN F 78 21.01 33.77 17.65
C ASN F 78 21.53 35.20 17.67
N GLN F 79 21.41 35.87 16.52
CA GLN F 79 21.92 37.21 16.32
C GLN F 79 20.93 38.01 15.48
N PHE F 80 20.57 39.21 15.95
CA PHE F 80 19.54 40.01 15.31
C PHE F 80 20.14 41.27 14.70
N SER F 81 19.47 41.79 13.67
CA SER F 81 20.01 42.85 12.83
C SER F 81 18.99 43.97 12.66
N LEU F 82 19.48 45.12 12.21
CA LEU F 82 18.64 46.27 11.89
C LEU F 82 19.00 46.77 10.50
N LYS F 83 17.99 47.17 9.74
CA LYS F 83 18.16 47.64 8.37
C LYS F 83 17.45 48.99 8.23
N LEU F 84 18.23 50.07 8.29
CA LEU F 84 17.71 51.42 8.08
C LEU F 84 17.72 51.71 6.58
N SER F 85 16.52 51.87 6.01
CA SER F 85 16.39 52.14 4.58
C SER F 85 16.29 53.64 4.34
N SER F 86 16.92 54.08 3.25
CA SER F 86 16.91 55.48 2.83
C SER F 86 17.43 56.39 3.94
N VAL F 87 18.70 56.17 4.31
CA VAL F 87 19.31 56.97 5.35
C VAL F 87 19.55 58.38 4.85
N THR F 88 19.59 59.34 5.77
CA THR F 88 19.77 60.75 5.46
C THR F 88 21.03 61.27 6.14
N ALA F 89 21.23 62.58 6.06
CA ALA F 89 22.44 63.18 6.61
C ALA F 89 22.44 63.12 8.14
N ALA F 90 21.28 63.26 8.76
CA ALA F 90 21.18 63.30 10.22
C ALA F 90 21.32 61.94 10.87
N ASP F 91 21.49 60.87 10.10
CA ASP F 91 21.59 59.53 10.66
C ASP F 91 22.97 59.20 11.21
N THR F 92 23.94 60.11 11.07
CA THR F 92 25.25 59.93 11.66
C THR F 92 25.12 59.89 13.19
N ALA F 93 25.38 58.73 13.79
CA ALA F 93 25.16 58.56 15.22
C ALA F 93 25.92 57.32 15.69
N VAL F 94 25.79 57.00 16.96
CA VAL F 94 26.33 55.79 17.55
C VAL F 94 25.15 54.90 17.93
N TYR F 95 25.16 53.67 17.41
CA TYR F 95 24.03 52.76 17.55
C TYR F 95 24.31 51.69 18.59
N TYR F 96 23.27 51.27 19.29
CA TYR F 96 23.38 50.26 20.34
C TYR F 96 22.27 49.25 20.18
N CYS F 97 22.63 47.97 20.06
CA CYS F 97 21.66 46.89 20.15
C CYS F 97 21.55 46.46 21.61
N ALA F 98 20.43 46.78 22.24
CA ALA F 98 20.25 46.54 23.66
C ALA F 98 19.15 45.51 23.88
N ARG F 99 19.33 44.67 24.89
CA ARG F 99 18.31 43.71 25.30
C ARG F 99 17.57 44.25 26.52
N ARG F 100 16.26 44.43 26.36
CA ARG F 100 15.39 44.77 27.48
C ARG F 100 14.31 43.71 27.57
N ASP F 101 13.93 43.36 28.80
CA ASP F 101 12.87 42.38 28.98
C ASP F 101 11.55 42.95 28.50
N ARG F 102 10.93 42.26 27.53
CA ARG F 102 9.55 42.57 27.17
C ARG F 102 8.67 42.56 28.40
N VAL F 103 7.71 43.47 28.44
CA VAL F 103 6.81 43.54 29.58
C VAL F 103 6.12 42.19 29.78
N GLY F 104 6.05 41.76 31.04
CA GLY F 104 5.62 40.42 31.39
C GLY F 104 6.47 39.82 32.48
N SER F 105 7.73 40.22 32.54
CA SER F 105 8.60 39.93 33.67
C SER F 105 8.47 41.10 34.65
N TYR F 106 9.42 41.25 35.57
CA TYR F 106 9.14 42.15 36.69
C TYR F 106 10.07 43.37 36.73
N PRO F 107 9.78 44.38 37.58
CA PRO F 107 9.85 45.79 37.12
C PRO F 107 11.13 46.25 36.47
N TYR F 108 12.26 46.10 37.17
CA TYR F 108 13.56 46.60 36.70
C TYR F 108 13.82 46.19 35.25
N TYR F 109 13.63 44.92 34.93
CA TYR F 109 14.06 44.38 33.64
C TYR F 109 13.33 44.97 32.45
N TYR F 110 12.24 45.73 32.66
CA TYR F 110 11.62 46.44 31.54
C TYR F 110 12.61 47.42 30.91
N GLY F 111 13.42 48.08 31.74
CA GLY F 111 14.46 48.93 31.23
C GLY F 111 15.53 48.14 30.51
N LEU F 112 16.41 48.87 29.84
CA LEU F 112 17.49 48.23 29.08
C LEU F 112 18.54 47.67 30.02
N ASP F 113 18.39 46.40 30.39
CA ASP F 113 19.32 45.76 31.31
C ASP F 113 20.64 45.40 30.62
N SER F 114 20.59 45.02 29.35
CA SER F 114 21.77 44.63 28.60
C SER F 114 22.01 45.62 27.47
N TRP F 115 23.27 45.98 27.27
CA TRP F 115 23.66 46.93 26.23
C TRP F 115 24.77 46.32 25.39
N GLY F 116 25.15 47.05 24.34
CA GLY F 116 26.22 46.67 23.46
C GLY F 116 27.45 47.53 23.62
N GLN F 117 28.26 47.58 22.57
CA GLN F 117 29.48 48.39 22.58
C GLN F 117 29.34 49.69 21.80
N GLY F 118 28.46 49.75 20.82
CA GLY F 118 28.28 50.96 20.04
C GLY F 118 28.79 50.79 18.63
N VAL F 119 28.18 51.53 17.70
CA VAL F 119 28.56 51.52 16.29
C VAL F 119 28.75 52.96 15.86
N LEU F 120 29.98 53.33 15.52
CA LEU F 120 30.28 54.66 15.00
C LEU F 120 29.91 54.66 13.52
N VAL F 121 28.74 55.20 13.19
CA VAL F 121 28.24 55.23 11.82
C VAL F 121 28.14 56.68 11.39
N THR F 122 28.95 57.07 10.41
CA THR F 122 28.86 58.37 9.78
C THR F 122 28.05 58.25 8.49
N VAL F 123 27.81 59.38 7.83
CA VAL F 123 27.11 59.38 6.56
C VAL F 123 27.92 60.11 5.49
N GLN G 1 12.20 -54.34 -38.57
CA GLN G 1 11.41 -54.86 -39.67
C GLN G 1 10.11 -54.06 -39.82
N SER G 2 8.97 -54.75 -39.70
CA SER G 2 7.65 -54.14 -39.76
C SER G 2 7.48 -53.32 -41.05
N VAL G 3 7.53 -54.02 -42.18
CA VAL G 3 7.32 -53.40 -43.49
C VAL G 3 6.23 -54.17 -44.21
N LEU G 4 5.35 -53.45 -44.90
CA LEU G 4 4.32 -54.06 -45.71
C LEU G 4 4.82 -54.26 -47.14
N THR G 5 4.27 -55.26 -47.82
CA THR G 5 4.71 -55.61 -49.16
C THR G 5 3.52 -56.04 -50.01
N GLN G 6 3.56 -55.71 -51.29
CA GLN G 6 2.48 -55.99 -52.22
C GLN G 6 2.97 -55.63 -53.64
N PRO G 7 2.35 -56.19 -54.69
CA PRO G 7 3.01 -56.19 -55.98
C PRO G 7 2.97 -54.82 -56.62
N PRO G 8 3.94 -54.49 -57.48
CA PRO G 8 3.95 -53.16 -58.09
C PRO G 8 2.81 -52.92 -59.08
N SER G 9 2.27 -53.97 -59.70
CA SER G 9 1.28 -53.78 -60.75
C SER G 9 0.19 -54.84 -60.66
N LEU G 10 -1.05 -54.41 -60.89
CA LEU G 10 -2.19 -55.30 -61.04
C LEU G 10 -3.15 -54.68 -62.05
N SER G 11 -3.94 -55.53 -62.70
CA SER G 11 -4.89 -55.06 -63.69
C SER G 11 -6.02 -56.06 -63.82
N ALA G 12 -7.19 -55.57 -64.22
CA ALA G 12 -8.36 -56.41 -64.41
C ALA G 12 -9.34 -55.69 -65.34
N SER G 13 -10.13 -56.49 -66.06
CA SER G 13 -11.09 -55.93 -66.99
C SER G 13 -12.21 -55.20 -66.23
N PRO G 14 -12.77 -54.15 -66.83
CA PRO G 14 -13.84 -53.40 -66.15
C PRO G 14 -15.09 -54.25 -66.00
N GLY G 15 -15.61 -54.32 -64.78
CA GLY G 15 -16.80 -55.09 -64.51
C GLY G 15 -16.56 -56.20 -63.51
N ALA G 16 -15.39 -56.83 -63.57
CA ALA G 16 -15.06 -57.92 -62.66
C ALA G 16 -14.72 -57.37 -61.27
N SER G 17 -14.50 -58.29 -60.33
CA SER G 17 -14.17 -57.94 -58.95
C SER G 17 -12.66 -58.00 -58.78
N ALA G 18 -12.06 -56.85 -58.48
CA ALA G 18 -10.62 -56.73 -58.30
C ALA G 18 -10.29 -56.81 -56.82
N ARG G 19 -9.40 -57.72 -56.45
CA ARG G 19 -8.97 -57.92 -55.07
C ARG G 19 -7.53 -57.46 -54.94
N LEU G 20 -7.31 -56.42 -54.13
CA LEU G 20 -5.98 -55.87 -53.90
C LEU G 20 -5.49 -56.30 -52.52
N PRO G 21 -4.63 -57.31 -52.42
CA PRO G 21 -4.19 -57.78 -51.11
C PRO G 21 -3.25 -56.80 -50.41
N CYS G 22 -2.85 -57.13 -49.17
CA CYS G 22 -1.82 -56.36 -48.46
C CYS G 22 -1.23 -57.30 -47.41
N THR G 23 -0.06 -57.86 -47.71
CA THR G 23 0.60 -58.81 -46.83
C THR G 23 1.41 -58.06 -45.78
N LEU G 24 1.06 -58.27 -44.52
CA LEU G 24 1.78 -57.67 -43.42
C LEU G 24 3.01 -58.50 -43.06
N SER G 25 3.91 -57.91 -42.30
CA SER G 25 5.11 -58.62 -41.87
C SER G 25 4.76 -59.74 -40.90
N SER G 26 5.73 -60.61 -40.66
CA SER G 26 5.48 -61.78 -39.82
C SER G 26 5.22 -61.42 -38.36
N ASP G 27 5.68 -60.26 -37.91
CA ASP G 27 5.55 -59.84 -36.52
C ASP G 27 4.22 -59.16 -36.23
N LEU G 28 3.24 -59.29 -37.12
CA LEU G 28 1.95 -58.63 -36.95
C LEU G 28 0.82 -59.66 -37.08
N SER G 29 -0.26 -59.41 -36.35
CA SER G 29 -1.47 -60.22 -36.42
C SER G 29 -2.56 -59.38 -37.06
N VAL G 30 -2.87 -59.68 -38.33
CA VAL G 30 -3.79 -58.84 -39.09
C VAL G 30 -5.21 -58.88 -38.53
N GLY G 31 -5.58 -59.95 -37.82
CA GLY G 31 -6.93 -60.04 -37.29
C GLY G 31 -7.27 -58.96 -36.29
N SER G 32 -6.27 -58.35 -35.66
CA SER G 32 -6.49 -57.31 -34.67
C SER G 32 -5.87 -55.98 -35.08
N LYS G 33 -5.64 -55.78 -36.37
CA LYS G 33 -4.98 -54.58 -36.88
C LYS G 33 -5.96 -53.77 -37.70
N ASN G 34 -6.09 -52.48 -37.36
CA ASN G 34 -6.91 -51.56 -38.13
C ASN G 34 -6.22 -51.27 -39.46
N MET G 35 -6.76 -51.81 -40.55
CA MET G 35 -6.17 -51.61 -41.86
C MET G 35 -6.66 -50.29 -42.45
N TYR G 36 -5.73 -49.54 -43.05
CA TYR G 36 -6.04 -48.24 -43.65
C TYR G 36 -5.59 -48.24 -45.10
N TRP G 37 -6.53 -47.93 -45.99
CA TRP G 37 -6.28 -47.95 -47.43
C TRP G 37 -6.35 -46.54 -47.99
N TYR G 38 -5.33 -46.16 -48.76
CA TYR G 38 -5.27 -44.86 -49.42
C TYR G 38 -5.37 -45.05 -50.93
N GLN G 39 -6.06 -44.13 -51.59
CA GLN G 39 -6.15 -44.10 -53.04
C GLN G 39 -5.48 -42.84 -53.56
N GLN G 40 -4.60 -42.98 -54.54
CA GLN G 40 -3.89 -41.86 -55.13
C GLN G 40 -4.10 -41.86 -56.64
N LYS G 41 -4.88 -40.90 -57.13
CA LYS G 41 -4.87 -40.60 -58.54
C LYS G 41 -3.49 -40.05 -58.92
N PRO G 42 -3.09 -40.17 -60.20
CA PRO G 42 -1.66 -39.99 -60.54
C PRO G 42 -0.98 -38.77 -59.92
N GLY G 43 -1.65 -37.63 -59.87
CA GLY G 43 -1.02 -36.43 -59.34
C GLY G 43 -1.85 -35.57 -58.43
N SER G 44 -2.74 -36.17 -57.63
CA SER G 44 -3.75 -35.41 -56.92
C SER G 44 -3.85 -35.81 -55.44
N ALA G 45 -2.70 -35.86 -54.75
CA ALA G 45 -2.70 -35.81 -53.29
C ALA G 45 -3.51 -36.93 -52.63
N PRO G 46 -2.97 -38.16 -52.57
CA PRO G 46 -3.76 -39.32 -52.12
C PRO G 46 -4.72 -39.08 -50.96
N ARG G 47 -5.95 -39.57 -51.09
CA ARG G 47 -7.00 -39.41 -50.11
C ARG G 47 -7.27 -40.74 -49.39
N LEU G 48 -7.84 -40.62 -48.19
CA LEU G 48 -8.23 -41.80 -47.43
C LEU G 48 -9.35 -42.52 -48.16
N PHE G 49 -9.15 -43.81 -48.46
CA PHE G 49 -10.06 -44.59 -49.28
C PHE G 49 -10.97 -45.49 -48.45
N LEU G 50 -10.38 -46.35 -47.61
CA LEU G 50 -11.17 -47.31 -46.85
C LEU G 50 -10.37 -47.78 -45.64
N TYR G 51 -10.96 -47.64 -44.46
CA TYR G 51 -10.43 -48.27 -43.26
C TYR G 51 -11.27 -49.50 -42.94
N TYR G 52 -10.60 -50.63 -42.70
CA TYR G 52 -11.29 -51.88 -42.43
C TYR G 52 -10.62 -52.60 -41.28
N TYR G 53 -11.42 -53.11 -40.34
CA TYR G 53 -10.91 -53.96 -39.28
C TYR G 53 -11.74 -55.23 -39.18
N SER G 54 -13.02 -55.13 -39.51
CA SER G 54 -13.93 -56.26 -39.45
C SER G 54 -15.14 -55.95 -40.31
N ASP G 55 -15.90 -57.01 -40.63
CA ASP G 55 -17.11 -56.84 -41.42
C ASP G 55 -18.19 -56.05 -40.67
N SER G 56 -18.03 -55.84 -39.37
CA SER G 56 -18.89 -54.96 -38.59
C SER G 56 -18.16 -53.75 -38.06
N ASP G 57 -16.85 -53.64 -38.30
CA ASP G 57 -16.03 -52.50 -37.90
C ASP G 57 -15.33 -52.00 -39.16
N LYS G 58 -16.01 -51.12 -39.90
CA LYS G 58 -15.50 -50.64 -41.18
C LYS G 58 -15.99 -49.23 -41.41
N GLN G 59 -15.24 -48.49 -42.23
CA GLN G 59 -15.60 -47.12 -42.58
C GLN G 59 -14.89 -46.77 -43.88
N LEU G 60 -15.65 -46.30 -44.87
CA LEU G 60 -15.12 -46.02 -46.19
C LEU G 60 -14.79 -44.53 -46.32
N GLY G 61 -14.41 -44.12 -47.53
CA GLY G 61 -14.16 -42.74 -47.82
C GLY G 61 -15.45 -41.92 -47.84
N PRO G 62 -15.31 -40.60 -47.90
CA PRO G 62 -16.50 -39.74 -47.82
C PRO G 62 -17.47 -39.93 -48.98
N GLY G 63 -16.98 -40.30 -50.17
CA GLY G 63 -17.85 -40.43 -51.31
C GLY G 63 -17.75 -41.74 -52.05
N VAL G 64 -16.84 -42.61 -51.62
CA VAL G 64 -16.67 -43.88 -52.34
C VAL G 64 -17.88 -44.78 -52.07
N PRO G 65 -18.30 -45.61 -53.03
CA PRO G 65 -19.52 -46.39 -52.82
C PRO G 65 -19.27 -47.73 -52.15
N ASN G 66 -20.33 -48.54 -52.00
CA ASN G 66 -20.23 -49.84 -51.36
C ASN G 66 -19.60 -50.90 -52.24
N ARG G 67 -19.24 -50.56 -53.49
CA ARG G 67 -18.49 -51.51 -54.31
C ARG G 67 -17.16 -51.85 -53.68
N VAL G 68 -16.61 -50.94 -52.88
CA VAL G 68 -15.32 -51.14 -52.22
C VAL G 68 -15.56 -51.87 -50.90
N SER G 69 -15.03 -53.08 -50.79
CA SER G 69 -15.18 -53.90 -49.60
C SER G 69 -13.81 -54.28 -49.06
N GLY G 70 -13.81 -54.80 -47.84
CA GLY G 70 -12.58 -55.26 -47.21
C GLY G 70 -12.80 -56.60 -46.54
N SER G 71 -11.69 -57.32 -46.39
CA SER G 71 -11.71 -58.64 -45.76
C SER G 71 -10.31 -58.97 -45.27
N LYS G 72 -10.24 -59.96 -44.38
CA LYS G 72 -8.98 -60.38 -43.78
C LYS G 72 -8.87 -61.90 -43.86
N GLU G 73 -7.70 -62.38 -44.30
CA GLU G 73 -7.37 -63.80 -44.29
C GLU G 73 -6.30 -64.00 -43.24
N THR G 74 -6.69 -64.50 -42.07
CA THR G 74 -5.77 -64.64 -40.95
C THR G 74 -4.89 -65.87 -41.03
N SER G 75 -5.06 -66.72 -42.05
CA SER G 75 -4.16 -67.86 -42.24
C SER G 75 -2.76 -67.36 -42.56
N SER G 76 -2.61 -66.64 -43.66
CA SER G 76 -1.44 -65.82 -43.95
C SER G 76 -1.89 -64.38 -43.83
N ASN G 77 -1.38 -63.67 -42.83
CA ASN G 77 -1.95 -62.38 -42.46
C ASN G 77 -1.86 -61.38 -43.61
N THR G 78 -3.00 -61.11 -44.23
CA THR G 78 -3.04 -60.29 -45.45
C THR G 78 -4.40 -59.66 -45.57
N ALA G 79 -4.45 -58.32 -45.56
CA ALA G 79 -5.69 -57.61 -45.75
C ALA G 79 -6.07 -57.60 -47.23
N PHE G 80 -7.27 -57.09 -47.51
CA PHE G 80 -7.77 -57.07 -48.88
C PHE G 80 -8.52 -55.78 -49.14
N LEU G 81 -8.37 -55.27 -50.36
CA LEU G 81 -9.10 -54.10 -50.86
C LEU G 81 -9.93 -54.56 -52.05
N LEU G 82 -11.19 -54.90 -51.81
CA LEU G 82 -12.05 -55.47 -52.83
C LEU G 82 -12.84 -54.37 -53.52
N ILE G 83 -12.76 -54.33 -54.85
CA ILE G 83 -13.51 -53.37 -55.66
C ILE G 83 -14.37 -54.18 -56.61
N SER G 84 -15.69 -54.11 -56.42
CA SER G 84 -16.60 -54.98 -57.17
C SER G 84 -16.95 -54.38 -58.53
N GLY G 85 -17.54 -53.19 -58.54
CA GLY G 85 -17.96 -52.56 -59.78
C GLY G 85 -16.87 -51.76 -60.45
N LEU G 86 -15.91 -52.43 -61.08
CA LEU G 86 -14.76 -51.75 -61.67
C LEU G 86 -15.16 -50.81 -62.78
N GLN G 87 -15.08 -49.51 -62.53
CA GLN G 87 -15.24 -48.46 -63.52
C GLN G 87 -13.89 -47.98 -63.99
N PRO G 88 -13.82 -47.29 -65.14
CA PRO G 88 -12.53 -46.78 -65.61
C PRO G 88 -11.87 -45.80 -64.66
N GLU G 89 -12.62 -45.16 -63.76
CA GLU G 89 -12.07 -44.20 -62.83
C GLU G 89 -11.49 -44.83 -61.57
N ASP G 90 -11.45 -46.16 -61.49
CA ASP G 90 -10.82 -46.86 -60.39
C ASP G 90 -9.33 -47.11 -60.65
N GLU G 91 -8.79 -46.55 -61.73
CA GLU G 91 -7.39 -46.73 -62.10
C GLU G 91 -6.55 -45.74 -61.27
N ALA G 92 -5.89 -46.25 -60.25
CA ALA G 92 -5.09 -45.41 -59.37
C ALA G 92 -4.13 -46.29 -58.57
N ASP G 93 -3.26 -45.62 -57.81
CA ASP G 93 -2.32 -46.31 -56.94
C ASP G 93 -2.92 -46.41 -55.55
N TYR G 94 -2.96 -47.63 -55.00
CA TYR G 94 -3.58 -47.91 -53.72
C TYR G 94 -2.54 -48.34 -52.71
N TYR G 95 -2.64 -47.81 -51.49
CA TYR G 95 -1.71 -48.11 -50.42
C TYR G 95 -2.45 -48.68 -49.22
N CYS G 96 -1.73 -49.43 -48.39
CA CYS G 96 -2.23 -49.89 -47.11
C CYS G 96 -1.31 -49.43 -45.99
N GLN G 97 -1.83 -49.43 -44.76
CA GLN G 97 -1.11 -48.83 -43.65
C GLN G 97 -1.56 -49.47 -42.33
N VAL G 98 -0.59 -49.73 -41.45
CA VAL G 98 -0.83 -50.16 -40.08
C VAL G 98 0.11 -49.38 -39.17
N TYR G 99 0.06 -49.71 -37.87
CA TYR G 99 0.89 -49.06 -36.87
C TYR G 99 1.62 -50.10 -36.03
N ASP G 100 2.84 -49.77 -35.64
CA ASP G 100 3.67 -50.69 -34.87
C ASP G 100 3.30 -50.61 -33.39
N GLY G 101 4.12 -51.22 -32.54
CA GLY G 101 3.85 -51.18 -31.11
C GLY G 101 3.92 -49.78 -30.53
N SER G 102 4.85 -48.97 -31.03
CA SER G 102 5.00 -47.59 -30.58
C SER G 102 4.19 -46.60 -31.39
N ALA G 103 3.22 -47.10 -32.18
CA ALA G 103 2.29 -46.25 -32.94
C ALA G 103 3.01 -45.35 -33.93
N ASN G 104 3.93 -45.93 -34.69
CA ASN G 104 4.59 -45.25 -35.80
C ASN G 104 3.95 -45.71 -37.11
N ASP G 105 3.66 -44.76 -37.99
CA ASP G 105 2.95 -45.06 -39.22
C ASP G 105 3.77 -46.00 -40.10
N VAL G 106 3.17 -47.13 -40.46
CA VAL G 106 3.80 -48.13 -41.32
C VAL G 106 2.97 -48.24 -42.59
N PHE G 107 3.48 -47.67 -43.67
CA PHE G 107 2.78 -47.73 -44.96
C PHE G 107 3.26 -48.92 -45.77
N GLY G 108 2.52 -49.22 -46.84
CA GLY G 108 2.83 -50.31 -47.73
C GLY G 108 3.36 -49.81 -49.08
N SER G 109 3.85 -50.77 -49.86
CA SER G 109 4.33 -50.45 -51.20
C SER G 109 3.18 -50.06 -52.11
N GLY G 110 2.11 -50.84 -52.10
CA GLY G 110 0.91 -50.52 -52.83
C GLY G 110 0.94 -50.99 -54.28
N THR G 111 -0.26 -51.17 -54.83
CA THR G 111 -0.44 -51.67 -56.18
C THR G 111 -0.97 -50.57 -57.08
N LYS G 112 -0.37 -50.43 -58.27
CA LYS G 112 -0.84 -49.47 -59.28
C LYS G 112 -1.92 -50.15 -60.10
N LEU G 113 -3.15 -50.09 -59.58
CA LEU G 113 -4.27 -50.76 -60.24
C LEU G 113 -4.65 -50.07 -61.53
N THR G 114 -4.72 -50.83 -62.62
CA THR G 114 -5.02 -50.31 -63.95
C THR G 114 -6.28 -50.97 -64.48
N VAL G 115 -7.24 -50.15 -64.89
CA VAL G 115 -8.47 -50.64 -65.52
C VAL G 115 -8.21 -50.78 -67.02
N LEU G 116 -8.42 -51.98 -67.55
CA LEU G 116 -8.08 -52.28 -68.92
C LEU G 116 -9.19 -51.78 -69.86
N GLY G 117 -8.88 -51.82 -71.16
CA GLY G 117 -9.82 -51.40 -72.19
C GLY G 117 -9.40 -51.83 -73.58
N VAL H 2 36.76 -16.61 6.84
CA VAL H 2 36.18 -15.27 6.84
C VAL H 2 37.07 -14.32 6.05
N GLN H 3 37.99 -14.89 5.27
CA GLN H 3 38.94 -14.10 4.49
C GLN H 3 38.42 -13.85 3.08
N LEU H 4 38.84 -12.73 2.51
CA LEU H 4 38.42 -12.30 1.18
C LEU H 4 39.65 -12.03 0.34
N GLN H 5 39.85 -12.83 -0.70
CA GLN H 5 40.95 -12.62 -1.64
C GLN H 5 40.41 -11.92 -2.89
N GLU H 6 41.18 -10.94 -3.38
CA GLU H 6 40.78 -10.13 -4.51
C GLU H 6 41.68 -10.41 -5.71
N SER H 7 41.13 -10.28 -6.91
CA SER H 7 41.86 -10.57 -8.14
C SER H 7 41.40 -9.64 -9.24
N GLY H 8 42.32 -9.32 -10.16
CA GLY H 8 42.01 -8.48 -11.28
C GLY H 8 43.25 -7.79 -11.84
N PRO H 9 43.09 -7.09 -12.97
CA PRO H 9 44.22 -6.36 -13.55
C PRO H 9 44.50 -5.07 -12.80
N GLY H 10 45.78 -4.80 -12.56
CA GLY H 10 46.15 -3.59 -11.85
C GLY H 10 45.95 -2.33 -12.66
N LEU H 11 46.28 -2.37 -13.94
CA LEU H 11 46.20 -1.22 -14.83
C LEU H 11 45.31 -1.57 -16.02
N VAL H 12 44.32 -0.72 -16.30
CA VAL H 12 43.38 -0.93 -17.38
C VAL H 12 43.23 0.38 -18.15
N LYS H 13 43.06 0.26 -19.46
CA LYS H 13 42.88 1.41 -20.35
C LYS H 13 41.41 1.81 -20.38
N PRO H 14 41.10 3.07 -20.72
CA PRO H 14 39.71 3.51 -20.74
C PRO H 14 38.88 2.74 -21.76
N SER H 15 37.56 2.87 -21.62
CA SER H 15 36.59 2.30 -22.54
C SER H 15 36.69 0.77 -22.60
N GLU H 16 36.94 0.15 -21.46
CA GLU H 16 37.04 -1.30 -21.37
C GLU H 16 36.37 -1.79 -20.10
N THR H 17 35.68 -2.92 -20.22
CA THR H 17 34.99 -3.51 -19.07
C THR H 17 36.02 -4.05 -18.07
N LEU H 18 35.87 -3.66 -16.82
CA LEU H 18 36.78 -4.13 -15.77
C LEU H 18 36.52 -5.61 -15.48
N SER H 19 37.42 -6.20 -14.68
CA SER H 19 37.32 -7.62 -14.34
C SER H 19 37.93 -7.83 -12.97
N LEU H 20 37.08 -7.88 -11.95
CA LEU H 20 37.50 -8.22 -10.60
C LEU H 20 36.74 -9.45 -10.13
N THR H 21 37.40 -10.26 -9.30
CA THR H 21 36.82 -11.50 -8.80
C THR H 21 37.36 -11.77 -7.41
N CYS H 22 36.46 -12.06 -6.47
CA CYS H 22 36.82 -12.20 -5.05
C CYS H 22 36.48 -13.61 -4.59
N ALA H 23 37.49 -14.35 -4.15
CA ALA H 23 37.31 -15.70 -3.63
C ALA H 23 37.11 -15.64 -2.12
N VAL H 24 36.03 -16.26 -1.65
CA VAL H 24 35.70 -16.27 -0.23
C VAL H 24 36.39 -17.47 0.40
N SER H 25 37.45 -17.21 1.16
CA SER H 25 38.23 -18.26 1.82
C SER H 25 37.84 -18.29 3.29
N GLY H 26 36.86 -19.14 3.61
CA GLY H 26 36.50 -19.34 5.00
C GLY H 26 35.01 -19.26 5.30
N TYR H 27 34.18 -19.18 4.27
CA TYR H 27 32.74 -19.13 4.47
C TYR H 27 32.04 -19.48 3.17
N SER H 28 30.88 -20.14 3.30
CA SER H 28 30.07 -20.53 2.16
C SER H 28 29.09 -19.42 1.81
N ILE H 29 29.02 -19.07 0.52
CA ILE H 29 28.16 -17.97 0.09
C ILE H 29 26.69 -18.36 0.15
N SER H 30 26.37 -19.62 -0.13
CA SER H 30 24.98 -20.03 -0.26
C SER H 30 24.32 -20.22 1.10
N SER H 31 24.46 -19.22 1.97
CA SER H 31 23.70 -19.18 3.22
C SER H 31 23.10 -17.81 3.54
N GLY H 32 23.49 -16.74 2.84
CA GLY H 32 23.06 -15.38 3.15
C GLY H 32 24.22 -14.42 3.03
N TYR H 33 24.29 -13.39 3.88
CA TYR H 33 25.48 -12.56 4.02
C TYR H 33 25.86 -11.88 2.70
N TYR H 34 25.02 -10.93 2.30
CA TYR H 34 25.23 -10.12 1.10
C TYR H 34 26.70 -9.76 0.90
N TRP H 35 27.15 -9.88 -0.34
CA TRP H 35 28.55 -9.65 -0.72
C TRP H 35 28.61 -8.42 -1.62
N GLY H 36 29.42 -7.43 -1.21
CA GLY H 36 29.42 -6.14 -1.87
C GLY H 36 30.82 -5.72 -2.32
N TRP H 37 30.83 -4.66 -3.12
CA TRP H 37 32.05 -4.04 -3.62
C TRP H 37 32.04 -2.56 -3.25
N ILE H 38 33.17 -2.07 -2.73
CA ILE H 38 33.29 -0.67 -2.33
C ILE H 38 34.68 -0.19 -2.74
N ARG H 39 34.73 0.88 -3.52
CA ARG H 39 35.99 1.44 -3.98
C ARG H 39 36.33 2.70 -3.19
N GLN H 40 37.51 3.26 -3.47
CA GLN H 40 37.98 4.46 -2.78
C GLN H 40 38.96 5.23 -3.66
N PRO H 41 38.62 6.45 -4.08
CA PRO H 41 39.57 7.28 -4.83
C PRO H 41 40.81 7.56 -3.99
N PRO H 42 41.99 7.56 -4.61
CA PRO H 42 43.23 7.75 -3.84
C PRO H 42 43.27 9.13 -3.20
N GLY H 43 43.41 9.15 -1.88
CA GLY H 43 43.49 10.37 -1.11
C GLY H 43 42.17 10.94 -0.67
N LYS H 44 41.06 10.50 -1.25
CA LYS H 44 39.73 11.00 -0.91
C LYS H 44 38.95 9.92 -0.15
N GLY H 45 37.68 10.22 0.12
CA GLY H 45 36.84 9.34 0.92
C GLY H 45 36.41 8.06 0.22
N LEU H 46 35.36 7.43 0.72
CA LEU H 46 34.88 6.16 0.21
C LEU H 46 33.65 6.37 -0.67
N GLU H 47 33.48 5.47 -1.63
CA GLU H 47 32.30 5.49 -2.50
C GLU H 47 31.95 4.04 -2.81
N TYR H 48 30.80 3.59 -2.32
CA TYR H 48 30.41 2.20 -2.50
C TYR H 48 29.95 1.95 -3.93
N ILE H 49 30.02 0.68 -4.33
CA ILE H 49 29.66 0.27 -5.68
C ILE H 49 28.35 -0.51 -5.70
N GLY H 50 28.17 -1.42 -4.76
CA GLY H 50 26.94 -2.20 -4.71
C GLY H 50 27.13 -3.47 -3.89
N TYR H 51 26.20 -4.40 -4.08
CA TYR H 51 26.24 -5.69 -3.40
C TYR H 51 25.28 -6.65 -4.08
N ILE H 52 25.51 -7.94 -3.86
CA ILE H 52 24.68 -9.01 -4.40
C ILE H 52 24.28 -9.93 -3.26
N SER H 53 23.06 -10.45 -3.31
CA SER H 53 22.58 -11.32 -2.25
C SER H 53 23.27 -12.67 -2.31
N GLY H 54 23.48 -13.27 -1.14
CA GLY H 54 24.15 -14.56 -1.06
C GLY H 54 23.26 -15.76 -1.26
N SER H 55 21.94 -15.57 -1.29
CA SER H 55 21.00 -16.67 -1.47
C SER H 55 20.20 -16.55 -2.75
N SER H 56 19.59 -15.40 -3.01
CA SER H 56 18.74 -15.23 -4.20
C SER H 56 19.50 -14.69 -5.40
N GLY H 57 20.51 -13.85 -5.19
CA GLY H 57 21.27 -13.27 -6.27
C GLY H 57 20.87 -11.88 -6.69
N SER H 58 20.06 -11.19 -5.89
CA SER H 58 19.63 -9.84 -6.25
C SER H 58 20.77 -8.85 -6.08
N THR H 59 21.04 -8.06 -7.12
CA THR H 59 22.10 -7.07 -7.11
C THR H 59 21.50 -5.67 -7.00
N TYR H 60 22.18 -4.81 -6.24
CA TYR H 60 21.75 -3.43 -6.05
C TYR H 60 22.99 -2.55 -6.02
N TYR H 61 22.91 -1.39 -6.68
CA TYR H 61 24.10 -0.60 -6.92
C TYR H 61 23.93 0.85 -6.45
N ASN H 62 24.92 1.71 -6.79
CA ASN H 62 25.06 3.14 -6.53
C ASN H 62 24.29 3.95 -7.56
N PRO H 63 23.69 5.07 -7.14
CA PRO H 63 22.96 5.91 -8.09
C PRO H 63 23.81 6.45 -9.22
N SER H 64 25.06 6.85 -8.94
CA SER H 64 25.92 7.38 -9.99
C SER H 64 26.37 6.29 -10.95
N LEU H 65 26.69 5.11 -10.43
CA LEU H 65 27.08 3.97 -11.26
C LEU H 65 25.82 3.21 -11.68
N LYS H 66 25.05 3.84 -12.57
CA LYS H 66 23.73 3.33 -12.92
C LYS H 66 23.82 2.03 -13.71
N SER H 67 24.45 2.07 -14.88
CA SER H 67 24.50 0.93 -15.78
C SER H 67 25.91 0.44 -16.10
N ARG H 68 26.94 1.02 -15.47
CA ARG H 68 28.32 0.66 -15.77
C ARG H 68 28.82 -0.52 -14.96
N VAL H 69 28.07 -0.99 -13.97
CA VAL H 69 28.51 -2.05 -13.07
C VAL H 69 27.65 -3.28 -13.28
N THR H 70 28.28 -4.45 -13.17
CA THR H 70 27.57 -5.73 -13.26
C THR H 70 28.26 -6.71 -12.33
N ILE H 71 27.55 -7.21 -11.32
CA ILE H 71 28.09 -8.12 -10.33
C ILE H 71 27.59 -9.53 -10.63
N SER H 72 28.52 -10.48 -10.69
CA SER H 72 28.21 -11.89 -10.89
C SER H 72 28.76 -12.70 -9.71
N LYS H 73 28.54 -14.01 -9.76
CA LYS H 73 28.99 -14.89 -8.68
C LYS H 73 29.04 -16.32 -9.19
N ASP H 74 29.77 -17.15 -8.46
CA ASP H 74 29.85 -18.58 -8.77
C ASP H 74 30.26 -19.30 -7.49
N THR H 75 29.35 -20.10 -6.93
CA THR H 75 29.61 -20.78 -5.67
C THR H 75 30.43 -22.06 -5.85
N SER H 76 30.60 -22.53 -7.08
CA SER H 76 31.44 -23.71 -7.31
C SER H 76 32.87 -23.45 -6.87
N LYS H 77 33.42 -22.29 -7.21
CA LYS H 77 34.72 -21.86 -6.74
C LYS H 77 34.63 -20.89 -5.57
N ASN H 78 33.41 -20.62 -5.07
CA ASN H 78 33.16 -19.73 -3.94
C ASN H 78 33.74 -18.33 -4.23
N GLN H 79 33.29 -17.75 -5.34
CA GLN H 79 33.76 -16.45 -5.79
C GLN H 79 32.58 -15.61 -6.25
N PHE H 80 32.81 -14.30 -6.32
CA PHE H 80 31.86 -13.37 -6.91
C PHE H 80 32.63 -12.26 -7.60
N SER H 81 32.14 -11.83 -8.75
CA SER H 81 32.90 -10.96 -9.64
C SER H 81 32.21 -9.62 -9.85
N LEU H 82 32.99 -8.65 -10.32
CA LEU H 82 32.49 -7.32 -10.66
C LEU H 82 33.04 -6.92 -12.02
N LYS H 83 32.18 -6.33 -12.85
CA LYS H 83 32.56 -5.88 -14.18
C LYS H 83 32.12 -4.42 -14.33
N LEU H 84 33.09 -3.54 -14.59
CA LEU H 84 32.84 -2.11 -14.76
C LEU H 84 33.00 -1.77 -16.24
N SER H 85 31.89 -1.78 -16.96
CA SER H 85 31.92 -1.55 -18.39
C SER H 85 32.13 -0.08 -18.72
N SER H 86 33.01 0.18 -19.70
CA SER H 86 33.28 1.51 -20.22
C SER H 86 33.75 2.45 -19.12
N VAL H 87 34.93 2.12 -18.58
CA VAL H 87 35.52 2.93 -17.52
C VAL H 87 35.93 4.30 -18.08
N THR H 88 36.08 5.25 -17.17
CA THR H 88 36.48 6.62 -17.49
C THR H 88 37.74 6.97 -16.72
N ALA H 89 38.21 8.21 -16.91
CA ALA H 89 39.45 8.65 -16.27
C ALA H 89 39.27 8.85 -14.77
N ALA H 90 38.07 9.21 -14.33
CA ALA H 90 37.80 9.44 -12.91
C ALA H 90 37.67 8.15 -12.12
N ASP H 91 37.79 6.99 -12.76
CA ASP H 91 37.60 5.71 -12.11
C ASP H 91 38.88 5.15 -11.48
N THR H 92 39.98 5.89 -11.56
CA THR H 92 41.22 5.47 -10.92
C THR H 92 41.03 5.48 -9.41
N ALA H 93 41.04 4.30 -8.80
CA ALA H 93 40.76 4.18 -7.38
C ALA H 93 41.26 2.83 -6.89
N VAL H 94 41.26 2.66 -5.56
CA VAL H 94 41.61 1.41 -4.92
C VAL H 94 40.31 0.68 -4.56
N TYR H 95 40.12 -0.51 -5.14
CA TYR H 95 38.88 -1.25 -4.97
C TYR H 95 39.00 -2.23 -3.81
N TYR H 96 37.91 -2.35 -3.05
CA TYR H 96 37.87 -3.23 -1.88
C TYR H 96 36.65 -4.13 -1.96
N CYS H 97 36.85 -5.41 -1.65
CA CYS H 97 35.76 -6.36 -1.56
C CYS H 97 35.28 -6.44 -0.11
N ALA H 98 33.98 -6.31 0.09
CA ALA H 98 33.40 -6.27 1.42
C ALA H 98 32.26 -7.27 1.52
N ARG H 99 31.88 -7.58 2.76
CA ARG H 99 30.78 -8.49 3.07
C ARG H 99 29.95 -7.89 4.19
N ARG H 100 28.65 -8.21 4.19
CA ARG H 100 27.75 -7.67 5.18
C ARG H 100 26.61 -8.65 5.43
N ASP H 101 26.02 -8.57 6.62
CA ASP H 101 24.92 -9.46 6.98
C ASP H 101 23.59 -8.96 6.42
N ARG H 102 23.15 -7.79 6.88
CA ARG H 102 21.98 -7.09 6.36
C ARG H 102 20.67 -7.88 6.48
N VAL H 103 20.72 -9.07 7.07
CA VAL H 103 19.53 -9.91 7.22
C VAL H 103 19.41 -10.31 8.69
N GLY H 104 18.19 -10.37 9.19
CA GLY H 104 17.97 -10.76 10.57
C GLY H 104 18.26 -9.63 11.54
N SER H 105 18.56 -10.02 12.77
CA SER H 105 18.73 -9.09 13.88
C SER H 105 20.20 -8.68 13.99
N TYR H 106 20.57 -8.10 15.15
CA TYR H 106 21.92 -7.67 15.49
C TYR H 106 22.38 -6.60 14.51
N PRO H 107 21.84 -5.38 14.61
CA PRO H 107 22.11 -4.34 13.60
C PRO H 107 23.59 -4.00 13.43
N TYR H 108 24.44 -4.35 14.40
CA TYR H 108 25.87 -4.08 14.22
C TYR H 108 26.44 -4.83 13.02
N TYR H 109 25.95 -6.05 12.78
CA TYR H 109 26.45 -6.85 11.66
C TYR H 109 26.00 -6.31 10.31
N TYR H 110 25.10 -5.33 10.28
CA TYR H 110 24.74 -4.70 9.01
C TYR H 110 25.93 -3.98 8.39
N GLY H 111 26.74 -3.32 9.21
CA GLY H 111 27.93 -2.68 8.71
C GLY H 111 28.92 -3.69 8.14
N LEU H 112 29.79 -3.21 7.26
CA LEU H 112 30.74 -4.09 6.58
C LEU H 112 31.80 -4.55 7.57
N ASP H 113 31.64 -5.78 8.07
CA ASP H 113 32.56 -6.28 9.08
C ASP H 113 33.80 -6.89 8.44
N SER H 114 33.63 -7.62 7.35
CA SER H 114 34.72 -8.29 6.65
C SER H 114 35.05 -7.51 5.39
N TRP H 115 36.29 -7.05 5.28
CA TRP H 115 36.77 -6.27 4.14
C TRP H 115 37.79 -7.09 3.36
N GLY H 116 38.37 -6.44 2.34
CA GLY H 116 39.38 -7.04 1.50
C GLY H 116 40.70 -6.28 1.60
N GLN H 117 41.73 -6.88 1.00
CA GLN H 117 43.06 -6.26 1.04
C GLN H 117 43.12 -5.03 0.16
N GLY H 118 42.47 -5.06 -0.98
CA GLY H 118 42.44 -3.90 -1.87
C GLY H 118 43.31 -4.11 -3.10
N VAL H 119 42.78 -3.71 -4.25
CA VAL H 119 43.49 -3.79 -5.53
C VAL H 119 43.49 -2.40 -6.15
N LEU H 120 44.69 -1.88 -6.42
CA LEU H 120 44.82 -0.56 -7.03
C LEU H 120 44.53 -0.64 -8.52
N VAL H 121 43.58 0.18 -8.98
CA VAL H 121 43.16 0.21 -10.37
C VAL H 121 43.42 1.61 -10.91
N THR H 122 44.24 1.70 -11.95
CA THR H 122 44.56 2.96 -12.60
C THR H 122 44.06 2.92 -14.04
N VAL H 123 43.61 4.07 -14.54
CA VAL H 123 43.03 4.18 -15.87
C VAL H 123 43.91 5.11 -16.71
N SER H 124 44.41 4.59 -17.81
CA SER H 124 45.23 5.37 -18.74
C SER H 124 45.31 4.69 -20.11
N SER I 2 5.06 64.39 24.16
CA SER I 2 5.52 64.01 25.50
C SER I 2 7.03 63.91 25.55
N VAL I 3 7.64 64.61 26.50
CA VAL I 3 9.10 64.62 26.64
C VAL I 3 9.44 64.92 28.09
N LEU I 4 10.61 64.44 28.51
CA LEU I 4 11.11 64.66 29.87
C LEU I 4 12.30 65.61 29.81
N THR I 5 12.31 66.58 30.71
CA THR I 5 13.33 67.63 30.73
C THR I 5 14.28 67.42 31.90
N GLN I 6 15.58 67.42 31.60
CA GLN I 6 16.63 67.33 32.59
C GLN I 6 17.55 68.55 32.49
N PRO I 7 18.09 69.03 33.61
CA PRO I 7 19.06 70.13 33.54
C PRO I 7 20.36 69.65 32.95
N PRO I 8 20.99 70.46 32.10
CA PRO I 8 22.24 70.04 31.46
C PRO I 8 23.38 69.85 32.44
N SER I 9 23.62 70.85 33.28
CA SER I 9 24.74 70.84 34.22
C SER I 9 24.25 70.66 35.64
N LEU I 10 25.10 70.02 36.46
CA LEU I 10 24.83 69.83 37.88
C LEU I 10 26.13 69.45 38.59
N SER I 11 26.50 70.18 39.65
CA SER I 11 27.76 69.96 40.32
C SER I 11 27.60 70.04 41.82
N ALA I 12 28.49 69.37 42.53
CA ALA I 12 28.52 69.39 43.98
C ALA I 12 29.89 68.95 44.46
N SER I 13 30.24 69.36 45.68
CA SER I 13 31.56 69.04 46.22
C SER I 13 31.67 67.55 46.54
N PRO I 14 32.87 66.99 46.47
CA PRO I 14 33.06 65.57 46.82
C PRO I 14 32.69 65.33 48.27
N GLY I 15 31.71 64.43 48.48
CA GLY I 15 31.20 64.10 49.79
C GLY I 15 29.79 64.58 50.05
N ALA I 16 29.28 65.50 49.24
CA ALA I 16 27.94 66.00 49.39
C ALA I 16 26.95 65.13 48.62
N SER I 17 25.66 65.37 48.85
CA SER I 17 24.58 64.63 48.20
C SER I 17 24.09 65.42 46.99
N ALA I 18 24.04 64.75 45.84
CA ALA I 18 23.63 65.38 44.60
C ALA I 18 22.21 64.94 44.25
N ARG I 19 21.37 65.91 43.91
CA ARG I 19 19.98 65.67 43.53
C ARG I 19 19.83 65.97 42.04
N LEU I 20 19.51 64.94 41.26
CA LEU I 20 19.38 65.07 39.81
C LEU I 20 17.90 65.01 39.42
N PRO I 21 17.29 66.12 39.02
CA PRO I 21 15.86 66.12 38.73
C PRO I 21 15.55 65.61 37.33
N CYS I 22 14.28 65.28 37.13
CA CYS I 22 13.77 64.80 35.84
C CYS I 22 12.28 65.16 35.79
N THR I 23 11.96 66.24 35.08
CA THR I 23 10.61 66.77 35.06
C THR I 23 9.83 66.17 33.89
N LEU I 24 8.68 65.58 34.20
CA LEU I 24 7.82 64.98 33.20
C LEU I 24 6.77 65.99 32.73
N SER I 25 6.22 65.73 31.54
CA SER I 25 5.18 66.58 30.99
C SER I 25 3.87 66.39 31.76
N SER I 26 2.90 67.26 31.47
CA SER I 26 1.64 67.24 32.20
C SER I 26 0.81 66.00 31.88
N ASP I 27 0.97 65.44 30.67
CA ASP I 27 0.17 64.29 30.28
C ASP I 27 0.54 63.02 31.03
N LEU I 28 1.59 63.04 31.84
CA LEU I 28 2.04 61.88 32.59
C LEU I 28 1.97 62.17 34.08
N SER I 29 1.69 61.13 34.86
CA SER I 29 1.64 61.21 36.32
C SER I 29 2.82 60.43 36.87
N VAL I 30 3.90 61.14 37.20
CA VAL I 30 5.13 60.49 37.63
C VAL I 30 4.95 59.69 38.92
N GLY I 31 3.93 60.02 39.72
CA GLY I 31 3.69 59.27 40.94
C GLY I 31 3.35 57.82 40.72
N SER I 32 2.88 57.47 39.52
CA SER I 32 2.50 56.10 39.21
C SER I 32 3.31 55.50 38.06
N LYS I 33 4.41 56.15 37.66
CA LYS I 33 5.24 55.68 36.57
C LYS I 33 6.53 55.05 37.10
N ASN I 34 7.11 54.17 36.29
CA ASN I 34 8.35 53.49 36.61
C ASN I 34 9.52 54.26 35.99
N MET I 35 10.39 54.79 36.84
CA MET I 35 11.51 55.60 36.40
C MET I 35 12.74 54.72 36.19
N TYR I 36 13.41 54.91 35.06
CA TYR I 36 14.61 54.16 34.71
C TYR I 36 15.75 55.15 34.51
N TRP I 37 16.81 55.00 35.30
CA TRP I 37 17.95 55.91 35.29
C TRP I 37 19.17 55.20 34.75
N TYR I 38 19.72 55.72 33.66
CA TYR I 38 20.93 55.19 33.04
C TYR I 38 22.11 56.11 33.31
N GLN I 39 23.32 55.55 33.22
CA GLN I 39 24.55 56.29 33.44
C GLN I 39 25.50 56.02 32.28
N GLN I 40 26.06 57.08 31.71
CA GLN I 40 26.93 56.97 30.54
C GLN I 40 28.20 57.77 30.73
N LYS I 41 29.33 57.12 30.49
CA LYS I 41 30.64 57.76 30.42
C LYS I 41 31.07 57.91 28.97
N PRO I 42 31.96 58.86 28.68
CA PRO I 42 32.39 59.05 27.28
C PRO I 42 33.02 57.79 26.70
N GLY I 43 32.66 57.50 25.46
CA GLY I 43 33.20 56.36 24.75
C GLY I 43 32.76 55.01 25.27
N SER I 44 31.72 54.95 26.09
CA SER I 44 31.23 53.71 26.66
C SER I 44 29.71 53.63 26.50
N ALA I 45 29.15 52.50 26.91
CA ALA I 45 27.72 52.25 26.78
C ALA I 45 26.98 52.73 28.03
N PRO I 46 25.79 53.31 27.85
CA PRO I 46 24.97 53.77 29.00
C PRO I 46 24.18 52.65 29.66
N ARG I 47 24.84 51.91 30.55
CA ARG I 47 24.19 50.79 31.21
C ARG I 47 23.22 51.29 32.27
N LEU I 48 22.22 50.45 32.58
CA LEU I 48 21.16 50.85 33.50
C LEU I 48 21.70 50.99 34.90
N PHE I 49 21.30 52.07 35.58
CA PHE I 49 21.85 52.44 36.88
C PHE I 49 20.88 52.26 38.03
N LEU I 50 19.65 52.78 37.91
CA LEU I 50 18.68 52.67 38.99
C LEU I 50 17.27 52.74 38.44
N TYR I 51 16.44 51.78 38.83
CA TYR I 51 15.00 51.82 38.60
C TYR I 51 14.31 52.18 39.90
N TYR I 52 13.30 53.06 39.81
CA TYR I 52 12.58 53.50 41.00
C TYR I 52 11.11 53.68 40.69
N TYR I 53 10.27 53.18 41.59
CA TYR I 53 8.83 53.44 41.59
C TYR I 53 8.35 53.99 42.93
N SER I 54 8.88 53.48 44.04
CA SER I 54 8.52 53.96 45.37
C SER I 54 9.63 53.54 46.33
N ASP I 55 9.54 54.02 47.57
CA ASP I 55 10.55 53.71 48.56
C ASP I 55 10.57 52.24 48.96
N SER I 56 9.56 51.47 48.57
CA SER I 56 9.55 50.02 48.78
C SER I 56 9.59 49.24 47.49
N ASP I 57 9.59 49.92 46.33
CA ASP I 57 9.68 49.29 45.03
C ASP I 57 10.81 49.99 44.26
N LYS I 58 12.03 49.54 44.48
CA LYS I 58 13.21 50.12 43.83
C LYS I 58 14.22 49.01 43.57
N GLN I 59 15.03 49.19 42.53
CA GLN I 59 16.01 48.19 42.15
C GLN I 59 17.14 48.88 41.40
N LEU I 60 18.33 48.89 42.01
CA LEU I 60 19.51 49.47 41.40
C LEU I 60 20.26 48.44 40.57
N GLY I 61 21.24 48.91 39.81
CA GLY I 61 22.02 48.04 38.96
C GLY I 61 23.10 47.31 39.72
N PRO I 62 23.82 46.44 39.01
CA PRO I 62 24.90 45.66 39.64
C PRO I 62 26.06 46.56 40.02
N GLY I 63 26.34 46.62 41.32
CA GLY I 63 27.42 47.45 41.81
C GLY I 63 27.06 48.90 42.09
N VAL I 64 25.79 49.18 42.36
CA VAL I 64 25.33 50.53 42.68
C VAL I 64 25.22 50.63 44.20
N PRO I 65 26.00 51.49 44.85
CA PRO I 65 25.92 51.60 46.32
C PRO I 65 24.57 52.14 46.76
N ASN I 66 24.16 51.75 47.96
CA ASN I 66 22.86 52.15 48.50
C ASN I 66 22.79 53.63 48.85
N ARG I 67 23.91 54.36 48.72
CA ARG I 67 23.85 55.81 48.81
C ARG I 67 23.14 56.43 47.61
N VAL I 68 22.79 55.63 46.61
CA VAL I 68 22.05 56.08 45.44
C VAL I 68 20.61 55.63 45.60
N SER I 69 19.72 56.58 45.85
CA SER I 69 18.30 56.30 46.05
C SER I 69 17.47 57.14 45.09
N GLY I 70 16.16 56.91 45.10
CA GLY I 70 15.25 57.64 44.26
C GLY I 70 14.12 58.25 45.07
N SER I 71 13.45 59.22 44.46
CA SER I 71 12.33 59.90 45.11
C SER I 71 11.49 60.57 44.05
N LYS I 72 10.22 60.80 44.39
CA LYS I 72 9.26 61.42 43.49
C LYS I 72 8.57 62.57 44.20
N GLU I 73 8.43 63.69 43.49
CA GLU I 73 7.73 64.87 44.00
C GLU I 73 6.51 65.09 43.12
N THR I 74 5.36 64.59 43.57
CA THR I 74 4.12 64.71 42.80
C THR I 74 3.60 66.14 42.76
N SER I 75 4.13 67.05 43.59
CA SER I 75 3.70 68.43 43.56
C SER I 75 4.05 69.08 42.23
N SER I 76 5.33 69.03 41.85
CA SER I 76 5.78 69.53 40.56
C SER I 76 5.87 68.43 39.52
N ASN I 77 5.49 67.20 39.87
CA ASN I 77 5.52 66.05 38.96
C ASN I 77 6.94 65.84 38.40
N THR I 78 7.88 65.66 39.32
CA THR I 78 9.29 65.58 38.97
C THR I 78 9.94 64.43 39.74
N ALA I 79 10.65 63.57 39.03
CA ALA I 79 11.41 62.50 39.64
C ALA I 79 12.83 62.98 39.96
N PHE I 80 13.49 62.26 40.86
CA PHE I 80 14.82 62.66 41.33
C PHE I 80 15.73 61.45 41.43
N LEU I 81 17.03 61.73 41.33
CA LEU I 81 18.08 60.72 41.50
C LEU I 81 19.04 61.25 42.55
N LEU I 82 19.03 60.63 43.73
CA LEU I 82 19.83 61.08 44.87
C LEU I 82 21.10 60.25 44.95
N ILE I 83 22.24 60.93 45.01
CA ILE I 83 23.55 60.28 45.11
C ILE I 83 24.28 60.95 46.28
N SER I 84 24.26 60.32 47.45
CA SER I 84 24.85 60.87 48.66
C SER I 84 26.33 60.52 48.69
N GLY I 85 27.17 61.51 48.41
CA GLY I 85 28.61 61.30 48.41
C GLY I 85 29.16 61.13 47.00
N LEU I 86 29.74 62.19 46.45
CA LEU I 86 30.21 62.20 45.07
C LEU I 86 31.70 61.89 45.04
N GLN I 87 32.03 60.62 44.79
CA GLN I 87 33.41 60.25 44.54
C GLN I 87 33.81 60.68 43.13
N PRO I 88 35.11 60.78 42.85
CA PRO I 88 35.55 61.11 41.49
C PRO I 88 35.08 60.10 40.43
N GLU I 89 34.60 58.93 40.83
CA GLU I 89 34.10 57.93 39.90
C GLU I 89 32.65 58.18 39.49
N ASP I 90 31.99 59.19 40.04
CA ASP I 90 30.59 59.46 39.79
C ASP I 90 30.37 60.49 38.68
N GLU I 91 31.42 60.91 37.99
CA GLU I 91 31.29 61.87 36.89
C GLU I 91 30.84 61.13 35.65
N ALA I 92 29.62 61.40 35.19
CA ALA I 92 29.06 60.78 34.01
C ALA I 92 27.82 61.57 33.60
N ASP I 93 27.11 61.07 32.59
CA ASP I 93 25.89 61.69 32.09
C ASP I 93 24.71 60.78 32.42
N TYR I 94 23.74 61.31 33.17
CA TYR I 94 22.63 60.52 33.66
C TYR I 94 21.36 60.82 32.87
N TYR I 95 20.54 59.79 32.68
CA TYR I 95 19.33 59.87 31.89
C TYR I 95 18.17 59.25 32.66
N CYS I 96 16.97 59.78 32.43
CA CYS I 96 15.74 59.19 32.93
C CYS I 96 14.86 58.78 31.76
N GLN I 97 14.00 57.78 31.99
CA GLN I 97 13.22 57.18 30.92
C GLN I 97 11.94 56.59 31.49
N VAL I 98 10.85 56.72 30.73
CA VAL I 98 9.54 56.20 31.08
C VAL I 98 8.94 55.51 29.87
N TYR I 99 7.71 55.04 30.01
CA TYR I 99 6.98 54.39 28.93
C TYR I 99 5.53 54.89 28.93
N ASP I 100 4.93 54.91 27.74
CA ASP I 100 3.59 55.44 27.59
C ASP I 100 2.88 54.74 26.44
N GLY I 101 1.55 54.76 26.48
CA GLY I 101 0.74 54.27 25.39
C GLY I 101 1.00 52.83 25.02
N SER I 102 1.67 52.64 23.87
CA SER I 102 2.05 51.31 23.39
C SER I 102 3.53 51.03 23.66
N ALA I 103 4.01 51.47 24.83
CA ALA I 103 5.40 51.23 25.26
C ALA I 103 6.40 51.93 24.33
N ASN I 104 6.25 53.24 24.21
CA ASN I 104 7.18 54.07 23.45
C ASN I 104 8.22 54.65 24.40
N ASP I 105 9.49 54.49 24.05
CA ASP I 105 10.56 54.99 24.89
C ASP I 105 10.60 56.52 24.87
N VAL I 106 10.67 57.11 26.05
CA VAL I 106 10.77 58.56 26.21
C VAL I 106 11.95 58.85 27.13
N PHE I 107 13.01 59.42 26.58
CA PHE I 107 14.22 59.74 27.33
C PHE I 107 14.21 61.21 27.73
N GLY I 108 15.31 61.67 28.32
CA GLY I 108 15.45 63.06 28.71
C GLY I 108 16.61 63.74 28.02
N SER I 109 16.97 64.94 28.47
CA SER I 109 18.07 65.67 27.86
C SER I 109 19.42 65.09 28.27
N GLY I 110 19.55 64.65 29.52
CA GLY I 110 20.80 64.13 30.01
C GLY I 110 21.55 65.10 30.89
N THR I 111 21.71 64.76 32.17
CA THR I 111 22.37 65.63 33.13
C THR I 111 23.85 65.26 33.21
N LYS I 112 24.72 66.19 32.81
CA LYS I 112 26.16 65.98 32.88
C LYS I 112 26.64 66.34 34.28
N LEU I 113 26.72 65.32 35.15
CA LEU I 113 27.13 65.52 36.52
C LEU I 113 28.65 65.75 36.58
N THR I 114 29.06 66.81 37.26
CA THR I 114 30.45 67.20 37.36
C THR I 114 30.86 67.29 38.82
N VAL I 115 31.96 66.63 39.16
CA VAL I 115 32.54 66.73 40.50
C VAL I 115 33.56 67.86 40.50
N LEU I 116 33.44 68.76 41.48
CA LEU I 116 34.29 69.94 41.53
C LEU I 116 35.75 69.55 41.73
N GLY I 117 36.63 70.48 41.37
CA GLY I 117 38.06 70.27 41.50
C GLY I 117 38.87 71.55 41.42
N SER J 2 22.47 13.27 -0.82
CA SER J 2 22.69 12.85 0.56
C SER J 2 24.16 12.52 0.81
N VAL J 3 24.78 13.25 1.74
CA VAL J 3 26.20 13.07 2.03
C VAL J 3 26.44 13.48 3.48
N LEU J 4 27.46 12.90 4.09
CA LEU J 4 27.84 13.18 5.46
C LEU J 4 29.15 13.97 5.48
N THR J 5 29.25 14.93 6.39
CA THR J 5 30.38 15.84 6.45
C THR J 5 31.21 15.56 7.71
N GLN J 6 32.53 15.56 7.54
CA GLN J 6 33.47 15.36 8.64
C GLN J 6 34.59 16.37 8.54
N PRO J 7 35.13 16.82 9.67
CA PRO J 7 36.26 17.75 9.62
C PRO J 7 37.53 17.04 9.20
N PRO J 8 38.41 17.72 8.48
CA PRO J 8 39.65 17.06 8.03
C PRO J 8 40.61 16.74 9.16
N SER J 9 40.90 17.72 10.01
CA SER J 9 41.91 17.59 11.05
C SER J 9 41.28 17.52 12.44
N LEU J 10 41.98 16.84 13.34
CA LEU J 10 41.56 16.72 14.73
C LEU J 10 42.76 16.25 15.55
N SER J 11 43.04 16.94 16.64
CA SER J 11 44.18 16.59 17.47
C SER J 11 43.86 16.87 18.94
N ALA J 12 44.45 16.06 19.82
CA ALA J 12 44.28 16.23 21.25
C ALA J 12 45.43 15.55 21.97
N SER J 13 45.66 15.96 23.21
CA SER J 13 46.71 15.35 24.01
C SER J 13 46.31 13.92 24.39
N PRO J 14 47.29 13.05 24.63
CA PRO J 14 46.97 11.71 25.14
C PRO J 14 46.16 11.81 26.42
N GLY J 15 45.25 10.85 26.60
CA GLY J 15 44.30 10.99 27.68
C GLY J 15 42.97 11.56 27.25
N ALA J 16 42.85 12.89 27.34
CA ALA J 16 41.56 13.58 27.22
C ALA J 16 40.77 13.11 25.99
N SER J 17 39.45 13.22 26.11
CA SER J 17 38.54 12.66 25.13
C SER J 17 38.71 13.33 23.77
N ALA J 18 38.43 12.57 22.71
CA ALA J 18 38.47 13.05 21.33
C ALA J 18 37.09 12.81 20.72
N ARG J 19 36.38 13.89 20.42
CA ARG J 19 35.03 13.82 19.87
C ARG J 19 35.10 14.02 18.37
N LEU J 20 34.65 13.03 17.61
CA LEU J 20 34.74 13.05 16.16
C LEU J 20 33.35 13.23 15.56
N PRO J 21 33.04 14.38 14.97
CA PRO J 21 31.69 14.62 14.47
C PRO J 21 31.47 14.07 13.07
N CYS J 22 30.18 13.90 12.74
CA CYS J 22 29.75 13.46 11.42
C CYS J 22 28.36 14.03 11.20
N THR J 23 28.28 15.13 10.46
CA THR J 23 27.02 15.84 10.27
C THR J 23 26.25 15.22 9.11
N LEU J 24 25.02 14.79 9.40
CA LEU J 24 24.16 14.23 8.36
C LEU J 24 23.45 15.34 7.60
N SER J 25 23.03 15.01 6.37
CA SER J 25 22.37 15.99 5.52
C SER J 25 20.99 16.32 6.07
N SER J 26 20.36 17.33 5.45
CA SER J 26 19.06 17.80 5.92
C SER J 26 17.94 16.80 5.68
N ASP J 27 18.09 15.91 4.70
CA ASP J 27 17.05 14.93 4.39
C ASP J 27 17.10 13.71 5.30
N LEU J 28 18.02 13.67 6.26
CA LEU J 28 18.19 12.52 7.15
C LEU J 28 18.10 12.97 8.60
N SER J 29 17.51 12.12 9.44
CA SER J 29 17.40 12.36 10.88
C SER J 29 18.38 11.44 11.58
N VAL J 30 19.41 12.03 12.19
CA VAL J 30 20.48 11.24 12.81
C VAL J 30 19.97 10.46 14.02
N GLY J 31 18.92 10.97 14.68
CA GLY J 31 18.40 10.30 15.86
C GLY J 31 17.77 8.95 15.60
N SER J 32 17.41 8.66 14.34
CA SER J 32 16.77 7.42 13.99
C SER J 32 17.56 6.63 12.95
N LYS J 33 18.87 6.86 12.86
CA LYS J 33 19.72 6.17 11.90
C LYS J 33 20.78 5.36 12.63
N ASN J 34 21.09 4.18 12.08
CA ASN J 34 22.15 3.33 12.60
C ASN J 34 23.49 3.88 12.12
N MET J 35 24.26 4.46 13.04
CA MET J 35 25.56 5.01 12.68
C MET J 35 26.62 3.92 12.70
N TYR J 36 27.50 3.94 11.70
CA TYR J 36 28.60 3.00 11.60
C TYR J 36 29.90 3.78 11.47
N TRP J 37 30.90 3.40 12.26
CA TRP J 37 32.19 4.08 12.27
C TRP J 37 33.28 3.07 11.93
N TYR J 38 34.12 3.43 10.95
CA TYR J 38 35.21 2.57 10.50
C TYR J 38 36.55 3.24 10.82
N GLN J 39 37.55 2.42 11.17
CA GLN J 39 38.88 2.90 11.49
C GLN J 39 39.85 2.39 10.43
N GLN J 40 40.60 3.31 9.82
CA GLN J 40 41.48 2.98 8.70
C GLN J 40 42.87 3.54 8.98
N LYS J 41 43.86 2.65 9.13
CA LYS J 41 45.25 3.06 9.22
C LYS J 41 45.92 3.00 7.85
N PRO J 42 46.96 3.80 7.62
CA PRO J 42 47.57 3.85 6.28
C PRO J 42 48.08 2.49 5.82
N GLY J 43 47.86 2.21 4.54
CA GLY J 43 48.33 0.97 3.95
C GLY J 43 47.63 -0.27 4.44
N SER J 44 46.45 -0.14 5.04
CA SER J 44 45.72 -1.28 5.56
C SER J 44 44.25 -1.15 5.21
N ALA J 45 43.51 -2.23 5.43
CA ALA J 45 42.08 -2.26 5.11
C ALA J 45 41.29 -1.56 6.22
N PRO J 46 40.23 -0.83 5.87
CA PRO J 46 39.40 -0.16 6.89
C PRO J 46 38.62 -1.18 7.69
N ARG J 47 38.82 -1.19 9.00
CA ARG J 47 38.13 -2.11 9.90
C ARG J 47 36.92 -1.42 10.53
N LEU J 48 35.86 -2.21 10.74
CA LEU J 48 34.66 -1.69 11.38
C LEU J 48 34.92 -1.47 12.86
N PHE J 49 34.64 -0.26 13.34
CA PHE J 49 35.00 0.15 14.69
C PHE J 49 33.82 0.20 15.65
N LEU J 50 32.75 0.92 15.31
CA LEU J 50 31.66 1.10 16.25
C LEU J 50 30.34 1.29 15.50
N TYR J 51 29.34 0.50 15.88
CA TYR J 51 27.96 0.74 15.50
C TYR J 51 27.24 1.41 16.68
N TYR J 52 26.52 2.48 16.39
CA TYR J 52 25.89 3.27 17.45
C TYR J 52 24.53 3.77 16.96
N TYR J 53 23.49 3.46 17.73
CA TYR J 53 22.17 4.06 17.57
C TYR J 53 21.76 4.88 18.79
N SER J 54 22.21 4.49 19.98
CA SER J 54 21.97 5.21 21.22
C SER J 54 22.88 4.58 22.27
N ASP J 55 22.93 5.20 23.45
CA ASP J 55 23.78 4.65 24.50
C ASP J 55 23.26 3.33 25.06
N SER J 56 22.06 2.90 24.66
CA SER J 56 21.54 1.59 25.00
C SER J 56 21.42 0.68 23.79
N ASP J 57 21.91 1.11 22.63
CA ASP J 57 21.96 0.28 21.41
C ASP J 57 23.31 0.58 20.76
N LYS J 58 24.33 -0.20 21.12
CA LYS J 58 25.69 0.08 20.69
C LYS J 58 26.51 -1.20 20.72
N GLN J 59 27.43 -1.32 19.76
CA GLN J 59 28.36 -2.45 19.76
C GLN J 59 29.68 -1.98 19.16
N LEU J 60 30.76 -2.12 19.93
CA LEU J 60 32.08 -1.73 19.49
C LEU J 60 32.67 -2.81 18.57
N GLY J 61 33.88 -2.58 18.10
CA GLY J 61 34.56 -3.54 17.26
C GLY J 61 35.17 -4.66 18.06
N PRO J 62 35.67 -5.67 17.36
CA PRO J 62 36.30 -6.81 18.04
C PRO J 62 37.63 -6.40 18.66
N GLY J 63 37.74 -6.59 19.97
CA GLY J 63 38.96 -6.23 20.67
C GLY J 63 39.16 -4.76 20.89
N VAL J 64 38.09 -3.98 20.93
CA VAL J 64 38.15 -2.54 21.14
C VAL J 64 37.80 -2.25 22.60
N PRO J 65 38.61 -1.48 23.33
CA PRO J 65 38.29 -1.19 24.73
C PRO J 65 37.04 -0.33 24.86
N ASN J 66 36.39 -0.46 26.02
CA ASN J 66 35.15 0.26 26.30
C ASN J 66 35.34 1.76 26.42
N ARG J 67 36.57 2.28 26.30
CA ARG J 67 36.80 3.71 26.37
C ARG J 67 36.33 4.44 25.11
N VAL J 68 35.76 3.73 24.14
CA VAL J 68 35.19 4.34 22.95
C VAL J 68 33.67 4.29 23.08
N SER J 69 33.03 5.44 22.99
CA SER J 69 31.59 5.56 23.11
C SER J 69 31.03 6.35 21.93
N GLY J 70 29.71 6.50 21.89
CA GLY J 70 29.06 7.28 20.88
C GLY J 70 28.00 8.17 21.49
N SER J 71 27.56 9.15 20.71
CA SER J 71 26.53 10.08 21.14
C SER J 71 25.97 10.80 19.92
N LYS J 72 24.68 11.11 19.98
CA LYS J 72 23.98 11.79 18.90
C LYS J 72 23.48 13.14 19.39
N GLU J 73 23.56 14.14 18.51
CA GLU J 73 23.09 15.49 18.80
C GLU J 73 22.06 15.85 17.71
N THR J 74 20.78 15.71 18.04
CA THR J 74 19.73 16.04 17.09
C THR J 74 19.47 17.53 16.97
N SER J 75 20.11 18.36 17.82
CA SER J 75 19.99 19.80 17.68
C SER J 75 20.66 20.28 16.40
N SER J 76 21.90 19.85 16.17
CA SER J 76 22.63 20.17 14.94
C SER J 76 22.63 19.02 13.94
N ASN J 77 21.93 17.92 14.24
CA ASN J 77 21.81 16.77 13.34
C ASN J 77 23.20 16.20 13.03
N THR J 78 23.91 15.82 14.08
CA THR J 78 25.28 15.34 13.97
C THR J 78 25.48 14.13 14.87
N ALA J 79 26.25 13.16 14.39
CA ALA J 79 26.65 12.00 15.18
C ALA J 79 28.10 12.17 15.62
N PHE J 80 28.44 11.50 16.73
CA PHE J 80 29.74 11.65 17.36
C PHE J 80 30.39 10.29 17.58
N LEU J 81 31.73 10.30 17.60
CA LEU J 81 32.54 9.15 17.95
C LEU J 81 33.50 9.58 19.05
N LEU J 82 33.21 9.20 20.29
CA LEU J 82 33.99 9.63 21.45
C LEU J 82 35.04 8.58 21.76
N ILE J 83 36.28 9.04 21.99
CA ILE J 83 37.41 8.17 22.33
C ILE J 83 38.13 8.81 23.50
N SER J 84 37.87 8.31 24.71
CA SER J 84 38.59 8.76 25.90
C SER J 84 39.80 7.86 26.12
N GLY J 85 40.91 8.48 26.50
CA GLY J 85 42.12 7.71 26.71
C GLY J 85 42.90 7.50 25.43
N LEU J 86 43.29 8.59 24.77
CA LEU J 86 43.97 8.52 23.48
C LEU J 86 45.33 7.86 23.65
N GLN J 87 45.45 6.63 23.18
CA GLN J 87 46.73 5.93 23.12
C GLN J 87 47.38 6.13 21.76
N PRO J 88 48.68 5.87 21.64
CA PRO J 88 49.33 6.02 20.32
C PRO J 88 48.76 5.11 19.25
N GLU J 89 48.04 4.05 19.61
CA GLU J 89 47.49 3.13 18.62
C GLU J 89 46.14 3.58 18.06
N ASP J 90 45.55 4.64 18.61
CA ASP J 90 44.27 5.14 18.14
C ASP J 90 44.39 6.12 16.98
N GLU J 91 45.60 6.42 16.54
CA GLU J 91 45.82 7.39 15.47
C GLU J 91 45.49 6.73 14.13
N ALA J 92 44.35 7.09 13.55
CA ALA J 92 43.92 6.49 12.29
C ALA J 92 42.88 7.41 11.65
N ASP J 93 42.30 6.95 10.54
CA ASP J 93 41.33 7.71 9.76
C ASP J 93 39.95 7.10 9.98
N TYR J 94 39.03 7.90 10.51
CA TYR J 94 37.71 7.43 10.93
C TYR J 94 36.65 7.94 9.96
N TYR J 95 35.78 7.03 9.51
CA TYR J 95 34.69 7.33 8.60
C TYR J 95 33.37 6.95 9.23
N CYS J 96 32.30 7.62 8.81
CA CYS J 96 30.94 7.28 9.20
C CYS J 96 30.17 6.75 8.00
N GLN J 97 29.16 5.94 8.27
CA GLN J 97 28.40 5.28 7.21
C GLN J 97 27.02 4.90 7.73
N VAL J 98 26.00 5.08 6.89
CA VAL J 98 24.60 4.83 7.24
C VAL J 98 23.87 4.26 6.03
N TYR J 99 22.60 3.93 6.23
CA TYR J 99 21.70 3.53 5.17
C TYR J 99 21.00 4.77 4.60
N ASP J 100 19.98 4.55 3.76
CA ASP J 100 19.12 5.61 3.28
C ASP J 100 17.81 4.97 2.82
N GLY J 101 17.00 5.72 2.05
CA GLY J 101 15.73 5.19 1.60
C GLY J 101 15.89 3.95 0.74
N SER J 102 16.78 3.99 -0.24
CA SER J 102 17.00 2.88 -1.16
C SER J 102 18.20 2.02 -0.75
N ALA J 103 18.54 2.00 0.54
CA ALA J 103 19.57 1.12 1.09
C ALA J 103 20.95 1.41 0.48
N ASN J 104 21.22 2.68 0.18
CA ASN J 104 22.53 3.10 -0.30
C ASN J 104 23.39 3.53 0.87
N ASP J 105 24.59 2.96 0.96
CA ASP J 105 25.51 3.25 2.05
C ASP J 105 26.16 4.61 1.80
N VAL J 106 25.83 5.58 2.64
CA VAL J 106 26.38 6.94 2.54
C VAL J 106 27.58 7.04 3.48
N PHE J 107 28.71 7.47 2.95
CA PHE J 107 29.94 7.59 3.72
C PHE J 107 30.23 9.05 4.03
N GLY J 108 31.08 9.25 5.04
CA GLY J 108 31.47 10.59 5.46
C GLY J 108 32.75 11.06 4.80
N SER J 109 33.11 12.30 5.12
CA SER J 109 34.34 12.88 4.58
C SER J 109 35.57 12.15 5.10
N GLY J 110 35.54 11.75 6.37
CA GLY J 110 36.66 11.05 6.96
C GLY J 110 37.52 11.94 7.84
N THR J 111 37.33 11.84 9.16
CA THR J 111 38.11 12.63 10.10
C THR J 111 39.46 11.97 10.33
N LYS J 112 40.53 12.71 10.02
CA LYS J 112 41.90 12.21 10.19
C LYS J 112 42.38 12.59 11.58
N LEU J 113 42.45 11.62 12.48
CA LEU J 113 42.82 11.87 13.87
C LEU J 113 44.32 11.78 14.03
N THR J 114 44.95 12.89 14.42
CA THR J 114 46.37 12.95 14.73
C THR J 114 46.55 13.09 16.24
N VAL J 115 47.35 12.20 16.81
CA VAL J 115 47.63 12.24 18.25
C VAL J 115 49.03 12.81 18.45
N LEU J 116 49.21 13.48 19.58
CA LEU J 116 50.49 14.13 19.87
C LEU J 116 51.40 13.23 20.70
N VAL K 2 -23.28 25.99 -22.81
CA VAL K 2 -21.95 25.59 -22.35
C VAL K 2 -20.88 26.01 -23.35
N GLN K 3 -21.03 27.22 -23.88
CA GLN K 3 -20.12 27.72 -24.90
C GLN K 3 -18.70 27.82 -24.36
N LEU K 4 -17.74 27.41 -25.19
CA LEU K 4 -16.31 27.54 -24.90
C LEU K 4 -15.70 28.44 -25.98
N GLN K 5 -15.08 29.52 -25.56
CA GLN K 5 -14.56 30.54 -26.46
C GLN K 5 -13.05 30.64 -26.29
N GLU K 6 -12.30 30.11 -27.26
CA GLU K 6 -10.85 30.14 -27.23
C GLU K 6 -10.32 31.23 -28.16
N SER K 7 -9.25 31.89 -27.74
CA SER K 7 -8.66 32.98 -28.50
C SER K 7 -7.25 33.24 -28.00
N GLY K 8 -6.41 33.76 -28.88
CA GLY K 8 -5.04 34.05 -28.53
C GLY K 8 -4.22 34.56 -29.70
N PRO K 9 -2.94 34.84 -29.45
CA PRO K 9 -2.07 35.34 -30.52
C PRO K 9 -1.85 34.29 -31.60
N GLY K 10 -1.44 34.78 -32.77
CA GLY K 10 -1.27 33.93 -33.92
C GLY K 10 0.14 33.37 -34.10
N LEU K 11 1.15 34.13 -33.68
CA LEU K 11 2.53 33.73 -33.89
C LEU K 11 3.33 33.96 -32.61
N VAL K 12 4.02 32.92 -32.16
CA VAL K 12 4.95 32.99 -31.04
C VAL K 12 6.33 32.60 -31.53
N LYS K 13 7.34 33.38 -31.16
CA LYS K 13 8.69 33.20 -31.68
C LYS K 13 9.38 32.04 -30.98
N PRO K 14 10.42 31.46 -31.61
CA PRO K 14 11.12 30.33 -30.99
C PRO K 14 11.77 30.71 -29.67
N SER K 15 11.90 29.72 -28.80
CA SER K 15 12.52 29.89 -27.47
C SER K 15 11.81 30.98 -26.67
N GLU K 16 10.50 31.08 -26.82
CA GLU K 16 9.69 32.06 -26.13
C GLU K 16 8.48 31.38 -25.51
N THR K 17 8.02 31.94 -24.39
CA THR K 17 6.86 31.38 -23.70
C THR K 17 5.58 31.70 -24.47
N LEU K 18 4.90 30.67 -24.93
CA LEU K 18 3.65 30.80 -25.67
C LEU K 18 2.48 30.63 -24.73
N SER K 19 1.41 31.40 -24.96
CA SER K 19 0.25 31.36 -24.08
C SER K 19 -1.04 31.53 -24.89
N LEU K 20 -2.04 30.75 -24.51
CA LEU K 20 -3.39 30.85 -25.07
C LEU K 20 -4.39 30.74 -23.92
N THR K 21 -5.62 31.20 -24.18
CA THR K 21 -6.64 31.28 -23.14
C THR K 21 -8.02 31.08 -23.77
N CYS K 22 -8.91 30.41 -23.03
CA CYS K 22 -10.31 30.33 -23.41
C CYS K 22 -11.22 30.64 -22.23
N ALA K 23 -12.31 31.33 -22.52
CA ALA K 23 -13.33 31.67 -21.54
C ALA K 23 -14.51 30.70 -21.67
N VAL K 24 -15.04 30.26 -20.53
CA VAL K 24 -16.20 29.38 -20.51
C VAL K 24 -17.44 30.27 -20.52
N SER K 25 -17.97 30.52 -21.71
CA SER K 25 -19.08 31.45 -21.90
C SER K 25 -20.40 30.71 -21.68
N GLY K 26 -20.75 30.55 -20.41
CA GLY K 26 -22.03 29.93 -20.09
C GLY K 26 -22.01 28.85 -19.02
N TYR K 27 -20.88 28.71 -18.31
CA TYR K 27 -20.80 27.76 -17.22
C TYR K 27 -19.69 28.19 -16.27
N SER K 28 -19.99 28.20 -14.98
CA SER K 28 -19.00 28.60 -13.99
C SER K 28 -17.91 27.56 -13.85
N ILE K 29 -16.67 28.03 -13.70
CA ILE K 29 -15.54 27.11 -13.59
C ILE K 29 -15.55 26.41 -12.23
N SER K 30 -15.87 27.14 -11.17
CA SER K 30 -15.85 26.58 -9.81
C SER K 30 -17.08 25.69 -9.58
N SER K 31 -17.15 24.63 -10.38
CA SER K 31 -18.20 23.63 -10.22
C SER K 31 -17.72 22.19 -10.31
N GLY K 32 -16.50 21.92 -10.79
CA GLY K 32 -15.96 20.58 -10.77
C GLY K 32 -15.38 20.08 -12.07
N TYR K 33 -15.89 20.58 -13.19
CA TYR K 33 -15.47 20.07 -14.50
C TYR K 33 -14.00 20.37 -14.77
N TYR K 34 -13.39 19.52 -15.60
CA TYR K 34 -11.99 19.66 -15.99
C TYR K 34 -11.90 20.36 -17.33
N TRP K 35 -11.03 21.36 -17.41
CA TRP K 35 -10.89 22.22 -18.58
C TRP K 35 -9.45 22.10 -19.08
N GLY K 36 -9.29 21.74 -20.35
CA GLY K 36 -7.96 21.40 -20.83
C GLY K 36 -7.70 21.82 -22.26
N TRP K 37 -6.46 21.59 -22.68
CA TRP K 37 -5.98 21.93 -24.01
C TRP K 37 -5.51 20.68 -24.73
N ILE K 38 -5.82 20.58 -26.02
CA ILE K 38 -5.41 19.46 -26.86
C ILE K 38 -5.00 20.02 -28.21
N ARG K 39 -3.77 19.73 -28.62
CA ARG K 39 -3.22 20.27 -29.85
C ARG K 39 -2.96 19.15 -30.86
N GLN K 40 -2.92 19.54 -32.14
CA GLN K 40 -2.59 18.61 -33.22
C GLN K 40 -2.24 19.40 -34.48
N PRO K 41 -1.14 19.06 -35.15
CA PRO K 41 -0.87 19.67 -36.45
C PRO K 41 -1.87 19.17 -37.48
N PRO K 42 -2.15 19.97 -38.53
CA PRO K 42 -3.08 19.53 -39.56
C PRO K 42 -2.59 18.27 -40.25
N GLY K 43 -3.40 17.22 -40.20
CA GLY K 43 -3.04 15.93 -40.76
C GLY K 43 -2.42 14.96 -39.77
N LYS K 44 -2.01 15.42 -38.60
CA LYS K 44 -1.44 14.57 -37.57
C LYS K 44 -2.47 14.27 -36.50
N GLY K 45 -2.25 13.17 -35.78
CA GLY K 45 -3.19 12.72 -34.78
C GLY K 45 -3.32 13.68 -33.61
N LEU K 46 -4.34 13.44 -32.80
CA LEU K 46 -4.61 14.27 -31.64
C LEU K 46 -3.62 13.97 -30.52
N GLU K 47 -3.20 15.03 -29.82
CA GLU K 47 -2.32 14.90 -28.67
C GLU K 47 -2.77 15.88 -27.60
N TYR K 48 -3.07 15.36 -26.41
CA TYR K 48 -3.55 16.20 -25.32
C TYR K 48 -2.38 16.93 -24.67
N ILE K 49 -2.67 18.12 -24.14
CA ILE K 49 -1.70 18.90 -23.39
C ILE K 49 -1.94 18.80 -21.89
N GLY K 50 -3.19 18.75 -21.47
CA GLY K 50 -3.50 18.66 -20.06
C GLY K 50 -4.92 19.15 -19.80
N TYR K 51 -5.19 19.41 -18.52
CA TYR K 51 -6.48 19.93 -18.08
C TYR K 51 -6.33 20.46 -16.66
N ILE K 52 -7.13 21.47 -16.33
CA ILE K 52 -7.09 22.11 -15.03
C ILE K 52 -8.45 21.97 -14.36
N SER K 53 -8.44 21.83 -13.03
CA SER K 53 -9.67 21.62 -12.27
C SER K 53 -10.35 22.95 -11.97
N GLY K 54 -11.68 22.93 -12.00
CA GLY K 54 -12.44 24.08 -11.58
C GLY K 54 -12.62 24.19 -10.08
N SER K 55 -12.35 23.12 -9.34
CA SER K 55 -12.54 23.10 -7.90
C SER K 55 -11.24 23.32 -7.12
N SER K 56 -10.21 22.53 -7.41
CA SER K 56 -8.98 22.56 -6.61
C SER K 56 -7.83 23.28 -7.29
N GLY K 57 -7.81 23.34 -8.62
CA GLY K 57 -6.67 23.92 -9.32
C GLY K 57 -5.60 22.94 -9.72
N SER K 58 -5.86 21.64 -9.61
CA SER K 58 -4.86 20.63 -9.91
C SER K 58 -4.59 20.56 -11.41
N THR K 59 -3.35 20.24 -11.76
CA THR K 59 -2.90 20.24 -13.15
C THR K 59 -2.02 19.02 -13.41
N TYR K 60 -2.28 18.33 -14.51
CA TYR K 60 -1.50 17.17 -14.92
C TYR K 60 -1.42 17.14 -16.43
N TYR K 61 -0.20 17.07 -16.97
CA TYR K 61 0.06 17.36 -18.37
C TYR K 61 0.62 16.13 -19.10
N ASN K 62 1.02 16.37 -20.35
CA ASN K 62 1.68 15.36 -21.15
C ASN K 62 3.01 14.97 -20.52
N PRO K 63 3.38 13.69 -20.52
CA PRO K 63 4.70 13.30 -19.99
C PRO K 63 5.86 13.85 -20.81
N SER K 64 5.67 14.06 -22.12
CA SER K 64 6.75 14.60 -22.93
C SER K 64 7.08 16.03 -22.54
N LEU K 65 6.07 16.84 -22.25
CA LEU K 65 6.25 18.24 -21.86
C LEU K 65 6.35 18.29 -20.33
N LYS K 66 7.51 17.87 -19.82
CA LYS K 66 7.70 17.75 -18.38
C LYS K 66 7.60 19.10 -17.69
N SER K 67 8.46 20.04 -18.07
CA SER K 67 8.42 21.40 -17.52
C SER K 67 8.13 22.43 -18.58
N ARG K 68 7.68 22.02 -19.76
CA ARG K 68 7.46 22.94 -20.87
C ARG K 68 6.14 23.70 -20.73
N VAL K 69 5.07 23.00 -20.34
CA VAL K 69 3.74 23.60 -20.24
C VAL K 69 3.44 23.97 -18.80
N THR K 70 2.55 24.94 -18.62
CA THR K 70 2.04 25.32 -17.31
C THR K 70 0.67 25.95 -17.54
N ILE K 71 -0.38 25.19 -17.27
CA ILE K 71 -1.75 25.65 -17.51
C ILE K 71 -2.13 26.65 -16.43
N SER K 72 -2.46 27.87 -16.83
CA SER K 72 -2.84 28.92 -15.92
C SER K 72 -4.36 28.94 -15.74
N LYS K 73 -4.84 29.83 -14.87
CA LYS K 73 -6.25 29.87 -14.55
C LYS K 73 -6.62 31.26 -14.05
N ASP K 74 -7.90 31.62 -14.21
CA ASP K 74 -8.48 32.82 -13.61
C ASP K 74 -9.96 32.51 -13.36
N THR K 75 -10.24 32.07 -12.12
CA THR K 75 -11.58 31.58 -11.81
C THR K 75 -12.60 32.72 -11.72
N SER K 76 -12.21 33.84 -11.13
CA SER K 76 -13.15 34.95 -10.94
C SER K 76 -13.70 35.44 -12.27
N LYS K 77 -12.82 35.78 -13.21
CA LYS K 77 -13.24 36.22 -14.54
C LYS K 77 -13.80 35.07 -15.37
N ASN K 78 -13.68 33.83 -14.89
CA ASN K 78 -14.14 32.63 -15.59
C ASN K 78 -13.37 32.41 -16.89
N GLN K 79 -12.04 32.32 -16.80
CA GLN K 79 -11.21 31.93 -17.93
C GLN K 79 -10.12 31.01 -17.42
N PHE K 80 -9.56 30.20 -18.33
CA PHE K 80 -8.41 29.38 -18.00
C PHE K 80 -7.43 29.40 -19.17
N SER K 81 -6.15 29.45 -18.86
CA SER K 81 -5.10 29.70 -19.84
C SER K 81 -4.15 28.51 -19.92
N LEU K 82 -3.12 28.67 -20.75
CA LEU K 82 -2.08 27.67 -20.92
C LEU K 82 -0.80 28.38 -21.32
N LYS K 83 0.30 28.09 -20.62
CA LYS K 83 1.58 28.78 -20.85
C LYS K 83 2.66 27.74 -21.13
N LEU K 84 2.83 27.40 -22.41
CA LEU K 84 3.90 26.51 -22.84
C LEU K 84 5.20 27.30 -22.88
N SER K 85 6.07 27.07 -21.89
CA SER K 85 7.30 27.85 -21.77
C SER K 85 8.40 27.25 -22.63
N SER K 86 9.19 28.12 -23.26
CA SER K 86 10.34 27.74 -24.07
C SER K 86 9.93 26.78 -25.20
N VAL K 87 9.10 27.30 -26.10
CA VAL K 87 8.60 26.49 -27.21
C VAL K 87 9.74 26.14 -28.17
N THR K 88 9.51 25.12 -28.97
CA THR K 88 10.43 24.68 -30.00
C THR K 88 9.84 24.97 -31.38
N ALA K 89 10.65 24.73 -32.41
CA ALA K 89 10.22 25.02 -33.77
C ALA K 89 9.20 23.99 -34.27
N ALA K 90 9.27 22.76 -33.77
CA ALA K 90 8.38 21.70 -34.23
C ALA K 90 7.02 21.72 -33.56
N ASP K 91 6.76 22.64 -32.64
CA ASP K 91 5.49 22.71 -31.94
C ASP K 91 4.39 23.37 -32.77
N THR K 92 4.63 23.62 -34.05
CA THR K 92 3.61 24.19 -34.92
C THR K 92 2.43 23.24 -35.06
N ALA K 93 1.25 23.70 -34.64
CA ALA K 93 0.05 22.87 -34.65
C ALA K 93 -1.16 23.75 -34.45
N VAL K 94 -2.34 23.14 -34.59
CA VAL K 94 -3.61 23.79 -34.30
C VAL K 94 -4.08 23.33 -32.94
N TYR K 95 -4.38 24.28 -32.05
CA TYR K 95 -4.71 23.99 -30.66
C TYR K 95 -6.22 24.06 -30.45
N TYR K 96 -6.70 23.26 -29.51
CA TYR K 96 -8.14 23.18 -29.24
C TYR K 96 -8.39 23.30 -27.74
N CYS K 97 -9.46 24.03 -27.40
CA CYS K 97 -9.91 24.19 -26.03
C CYS K 97 -11.04 23.19 -25.76
N ALA K 98 -11.02 22.57 -24.59
CA ALA K 98 -11.96 21.49 -24.33
C ALA K 98 -12.33 21.43 -22.85
N ARG K 99 -13.45 20.78 -22.57
CA ARG K 99 -13.94 20.55 -21.22
C ARG K 99 -14.30 19.08 -21.06
N ARG K 100 -13.80 18.46 -19.99
CA ARG K 100 -14.13 17.08 -19.66
C ARG K 100 -14.41 16.98 -18.17
N ASP K 101 -14.75 15.78 -17.72
CA ASP K 101 -14.97 15.50 -16.30
C ASP K 101 -14.25 14.22 -15.91
N ARG K 102 -13.75 14.19 -14.68
CA ARG K 102 -13.07 13.01 -14.16
C ARG K 102 -13.60 12.56 -12.82
N VAL K 103 -14.64 13.20 -12.30
CA VAL K 103 -15.10 12.97 -10.93
C VAL K 103 -16.30 12.02 -10.89
N GLY K 104 -16.46 11.19 -11.93
CA GLY K 104 -17.44 10.13 -11.89
C GLY K 104 -18.80 10.44 -12.48
N SER K 105 -18.93 11.52 -13.24
CA SER K 105 -20.23 11.90 -13.78
C SER K 105 -20.51 11.09 -15.06
N TYR K 106 -20.94 9.83 -14.87
CA TYR K 106 -21.53 9.05 -15.95
C TYR K 106 -20.58 8.89 -17.12
N PRO K 107 -19.65 7.92 -17.02
CA PRO K 107 -18.35 7.95 -17.73
C PRO K 107 -18.28 8.59 -19.11
N TYR K 108 -19.37 8.59 -19.89
CA TYR K 108 -19.35 9.28 -21.18
C TYR K 108 -18.72 10.68 -21.06
N TYR K 109 -19.06 11.40 -19.99
CA TYR K 109 -18.51 12.74 -19.80
C TYR K 109 -17.01 12.75 -19.51
N TYR K 110 -16.39 11.59 -19.31
CA TYR K 110 -14.94 11.58 -19.09
C TYR K 110 -14.20 12.06 -20.33
N GLY K 111 -14.62 11.59 -21.51
CA GLY K 111 -14.09 12.14 -22.74
C GLY K 111 -14.51 13.57 -22.95
N LEU K 112 -13.68 14.31 -23.68
CA LEU K 112 -13.92 15.72 -23.92
C LEU K 112 -15.15 15.88 -24.80
N ASP K 113 -16.27 16.29 -24.20
CA ASP K 113 -17.53 16.40 -24.92
C ASP K 113 -17.72 17.76 -25.58
N SER K 114 -17.23 18.82 -24.96
CA SER K 114 -17.35 20.17 -25.49
C SER K 114 -15.98 20.68 -25.88
N TRP K 115 -15.84 21.12 -27.13
CA TRP K 115 -14.58 21.60 -27.68
C TRP K 115 -14.68 23.08 -28.01
N GLY K 116 -13.57 23.62 -28.50
CA GLY K 116 -13.49 25.00 -28.95
C GLY K 116 -13.57 25.11 -30.46
N GLN K 117 -12.95 26.16 -31.00
CA GLN K 117 -12.93 26.36 -32.44
C GLN K 117 -11.57 26.10 -33.08
N GLY K 118 -10.48 26.31 -32.36
CA GLY K 118 -9.16 26.05 -32.90
C GLY K 118 -8.39 27.33 -33.16
N VAL K 119 -7.09 27.29 -32.86
CA VAL K 119 -6.18 28.40 -33.11
C VAL K 119 -4.92 27.85 -33.76
N LEU K 120 -4.62 28.33 -34.96
CA LEU K 120 -3.44 27.89 -35.69
C LEU K 120 -2.22 28.65 -35.18
N VAL K 121 -1.21 27.93 -34.71
CA VAL K 121 0.02 28.52 -34.19
C VAL K 121 1.20 27.92 -34.92
N THR K 122 2.15 28.78 -35.30
CA THR K 122 3.35 28.37 -36.00
C THR K 122 4.57 28.98 -35.31
N VAL K 123 5.70 28.28 -35.40
CA VAL K 123 6.96 28.74 -34.83
C VAL K 123 7.94 28.92 -35.99
N SER K 124 8.22 30.18 -36.33
CA SER K 124 9.11 30.50 -37.44
C SER K 124 9.93 31.74 -37.07
N SER K 125 10.86 32.10 -37.96
CA SER K 125 11.75 33.23 -37.74
C SER K 125 11.62 34.31 -38.79
N ALA K 126 11.50 33.94 -40.06
CA ALA K 126 11.43 34.92 -41.15
C ALA K 126 10.17 35.77 -41.06
N SER L 2 2.61 3.61 -24.32
CA SER L 2 1.22 3.25 -24.59
C SER L 2 0.66 4.06 -25.75
N VAL L 3 0.13 3.36 -26.76
CA VAL L 3 -0.42 4.00 -27.95
C VAL L 3 -1.44 3.05 -28.57
N LEU L 4 -2.38 3.61 -29.31
CA LEU L 4 -3.45 2.84 -29.93
C LEU L 4 -3.31 2.90 -31.45
N THR L 5 -3.39 1.73 -32.09
CA THR L 5 -3.26 1.63 -33.53
C THR L 5 -4.62 1.79 -34.21
N GLN L 6 -4.59 2.36 -35.41
CA GLN L 6 -5.80 2.64 -36.17
C GLN L 6 -5.57 2.39 -37.65
N PRO L 7 -6.60 2.03 -38.40
CA PRO L 7 -6.44 1.81 -39.85
C PRO L 7 -6.54 3.12 -40.61
N PRO L 8 -5.67 3.34 -41.59
CA PRO L 8 -5.71 4.60 -42.34
C PRO L 8 -6.79 4.65 -43.41
N SER L 9 -7.06 3.51 -44.06
CA SER L 9 -7.93 3.47 -45.22
C SER L 9 -9.16 2.60 -44.94
N LEU L 10 -10.33 3.10 -45.35
CA LEU L 10 -11.57 2.35 -45.23
C LEU L 10 -12.49 2.73 -46.37
N SER L 11 -13.13 1.71 -46.97
CA SER L 11 -14.08 1.91 -48.05
C SER L 11 -15.21 0.90 -47.91
N ALA L 12 -16.44 1.35 -48.15
CA ALA L 12 -17.60 0.48 -48.02
C ALA L 12 -18.74 1.05 -48.85
N SER L 13 -19.66 0.17 -49.22
CA SER L 13 -20.80 0.55 -50.04
C SER L 13 -21.88 1.22 -49.18
N PRO L 14 -22.59 2.19 -49.74
CA PRO L 14 -23.70 2.82 -49.00
C PRO L 14 -24.77 1.80 -48.65
N GLY L 15 -25.10 1.71 -47.37
CA GLY L 15 -26.06 0.75 -46.88
C GLY L 15 -25.44 -0.44 -46.17
N ALA L 16 -24.12 -0.61 -46.25
CA ALA L 16 -23.44 -1.70 -45.58
C ALA L 16 -23.06 -1.30 -44.16
N SER L 17 -22.45 -2.24 -43.44
CA SER L 17 -22.02 -2.02 -42.06
C SER L 17 -20.52 -1.76 -42.06
N ALA L 18 -20.13 -0.54 -41.72
CA ALA L 18 -18.73 -0.14 -41.68
C ALA L 18 -18.12 -0.53 -40.33
N ARG L 19 -17.03 -1.27 -40.36
CA ARG L 19 -16.33 -1.71 -39.16
C ARG L 19 -15.05 -0.90 -39.01
N LEU L 20 -14.95 -0.16 -37.91
CA LEU L 20 -13.78 0.68 -37.64
C LEU L 20 -13.02 0.12 -36.45
N PRO L 21 -11.88 -0.53 -36.67
CA PRO L 21 -11.13 -1.10 -35.54
C PRO L 21 -10.24 -0.07 -34.85
N CYS L 22 -9.88 -0.40 -33.61
CA CYS L 22 -8.98 0.43 -32.80
C CYS L 22 -8.24 -0.52 -31.86
N THR L 23 -7.02 -0.88 -32.22
CA THR L 23 -6.27 -1.90 -31.51
C THR L 23 -5.41 -1.25 -30.42
N LEU L 24 -5.70 -1.59 -29.16
CA LEU L 24 -4.90 -1.10 -28.05
C LEU L 24 -3.55 -1.83 -28.02
N SER L 25 -2.57 -1.19 -27.36
CA SER L 25 -1.25 -1.76 -27.28
C SER L 25 -1.24 -3.01 -26.38
N SER L 26 -0.09 -3.69 -26.35
CA SER L 26 0.03 -4.94 -25.61
C SER L 26 -0.06 -4.73 -24.09
N ASP L 27 0.16 -3.51 -23.61
CA ASP L 27 0.12 -3.23 -22.18
C ASP L 27 -1.29 -2.93 -21.67
N LEU L 28 -2.29 -2.93 -22.55
CA LEU L 28 -3.66 -2.60 -22.18
C LEU L 28 -4.60 -3.73 -22.59
N SER L 29 -5.64 -3.93 -21.78
CA SER L 29 -6.69 -4.91 -22.06
C SER L 29 -7.93 -4.14 -22.50
N VAL L 30 -8.38 -4.41 -23.73
CA VAL L 30 -9.47 -3.63 -24.32
C VAL L 30 -10.77 -3.86 -23.56
N GLY L 31 -10.92 -5.01 -22.89
CA GLY L 31 -12.16 -5.33 -22.22
C GLY L 31 -12.44 -4.46 -21.00
N SER L 32 -11.41 -3.89 -20.39
CA SER L 32 -11.55 -3.13 -19.16
C SER L 32 -11.31 -1.63 -19.34
N LYS L 33 -11.28 -1.15 -20.57
CA LYS L 33 -11.04 0.26 -20.85
C LYS L 33 -12.31 0.90 -21.41
N ASN L 34 -12.57 2.13 -20.97
CA ASN L 34 -13.70 2.91 -21.47
C ASN L 34 -13.31 3.53 -22.80
N MET L 35 -13.92 3.06 -23.88
CA MET L 35 -13.59 3.56 -25.22
C MET L 35 -14.39 4.82 -25.52
N TYR L 36 -13.72 5.77 -26.17
CA TYR L 36 -14.35 7.01 -26.60
C TYR L 36 -14.05 7.22 -28.07
N TRP L 37 -15.07 7.64 -28.83
CA TRP L 37 -14.96 7.81 -30.28
C TRP L 37 -15.33 9.24 -30.64
N TYR L 38 -14.42 9.93 -31.31
CA TYR L 38 -14.63 11.29 -31.77
C TYR L 38 -14.68 11.31 -33.30
N GLN L 39 -15.46 12.23 -33.84
CA GLN L 39 -15.57 12.42 -35.29
C GLN L 39 -15.11 13.82 -35.64
N GLN L 40 -14.30 13.92 -36.69
CA GLN L 40 -13.70 15.20 -37.07
C GLN L 40 -13.68 15.33 -38.59
N LYS L 41 -14.18 16.46 -39.08
CA LYS L 41 -13.99 16.84 -40.47
C LYS L 41 -13.14 18.11 -40.54
N PRO L 42 -12.31 18.25 -41.57
CA PRO L 42 -11.41 19.41 -41.63
C PRO L 42 -12.17 20.73 -41.56
N GLY L 43 -11.71 21.61 -40.68
CA GLY L 43 -12.40 22.86 -40.42
C GLY L 43 -13.33 22.84 -39.23
N SER L 44 -13.46 21.71 -38.54
CA SER L 44 -14.33 21.58 -37.39
C SER L 44 -13.62 20.82 -36.28
N ALA L 45 -13.76 21.31 -35.06
CA ALA L 45 -13.20 20.62 -33.91
C ALA L 45 -13.86 19.25 -33.77
N PRO L 46 -13.12 18.24 -33.30
CA PRO L 46 -13.67 16.88 -33.25
C PRO L 46 -14.80 16.77 -32.23
N ARG L 47 -15.99 16.44 -32.72
CA ARG L 47 -17.13 16.24 -31.85
C ARG L 47 -17.11 14.83 -31.27
N LEU L 48 -17.56 14.72 -30.03
CA LEU L 48 -17.63 13.42 -29.36
C LEU L 48 -18.77 12.61 -29.96
N PHE L 49 -18.44 11.45 -30.55
CA PHE L 49 -19.38 10.69 -31.36
C PHE L 49 -20.04 9.56 -30.57
N LEU L 50 -19.25 8.66 -29.99
CA LEU L 50 -19.81 7.52 -29.29
C LEU L 50 -18.87 7.05 -28.20
N TYR L 51 -19.42 6.81 -27.01
CA TYR L 51 -18.70 6.16 -25.93
C TYR L 51 -19.19 4.72 -25.80
N TYR L 52 -18.25 3.79 -25.65
CA TYR L 52 -18.60 2.37 -25.55
C TYR L 52 -17.65 1.67 -24.59
N TYR L 53 -18.21 0.89 -23.69
CA TYR L 53 -17.47 -0.02 -22.83
C TYR L 53 -18.00 -1.44 -22.93
N SER L 54 -19.31 -1.61 -23.06
CA SER L 54 -19.94 -2.92 -23.27
C SER L 54 -21.32 -2.66 -23.84
N ASP L 55 -21.99 -3.76 -24.24
CA ASP L 55 -23.35 -3.63 -24.74
C ASP L 55 -24.34 -3.25 -23.65
N SER L 56 -23.95 -3.29 -22.39
CA SER L 56 -24.75 -2.78 -21.28
C SER L 56 -24.16 -1.53 -20.65
N ASP L 57 -23.04 -1.04 -21.17
CA ASP L 57 -22.40 0.19 -20.69
C ASP L 57 -21.93 0.96 -21.93
N LYS L 58 -22.80 1.81 -22.45
CA LYS L 58 -22.51 2.52 -23.70
C LYS L 58 -23.41 3.74 -23.79
N GLN L 59 -22.87 4.83 -24.35
CA GLN L 59 -23.59 6.08 -24.47
C GLN L 59 -23.25 6.72 -25.81
N LEU L 60 -24.26 7.01 -26.61
CA LEU L 60 -24.06 7.64 -27.91
C LEU L 60 -23.90 9.15 -27.76
N GLY L 61 -23.65 9.82 -28.87
CA GLY L 61 -23.47 11.25 -28.88
C GLY L 61 -24.77 12.00 -29.11
N PRO L 62 -24.72 13.32 -29.02
CA PRO L 62 -25.94 14.13 -29.21
C PRO L 62 -26.34 14.14 -30.69
N GLY L 63 -27.53 13.62 -30.97
CA GLY L 63 -28.02 13.58 -32.34
C GLY L 63 -27.33 12.56 -33.22
N VAL L 64 -26.95 11.43 -32.67
CA VAL L 64 -26.30 10.35 -33.41
C VAL L 64 -27.30 9.21 -33.57
N PRO L 65 -27.57 8.75 -34.79
CA PRO L 65 -28.56 7.68 -34.96
C PRO L 65 -28.13 6.38 -34.30
N ASN L 66 -29.12 5.55 -34.00
CA ASN L 66 -28.88 4.28 -33.32
C ASN L 66 -28.17 3.25 -34.19
N ARG L 67 -27.87 3.58 -35.45
CA ARG L 67 -27.10 2.70 -36.32
C ARG L 67 -25.60 2.74 -36.03
N VAL L 68 -25.19 3.46 -34.99
CA VAL L 68 -23.79 3.54 -34.59
C VAL L 68 -23.64 2.72 -33.31
N SER L 69 -22.97 1.59 -33.41
CA SER L 69 -22.81 0.65 -32.30
C SER L 69 -21.33 0.45 -32.00
N GLY L 70 -21.06 -0.34 -30.97
CA GLY L 70 -19.71 -0.64 -30.58
C GLY L 70 -19.57 -2.09 -30.15
N SER L 71 -18.33 -2.59 -30.22
CA SER L 71 -18.05 -3.98 -29.88
C SER L 71 -16.56 -4.11 -29.55
N LYS L 72 -16.22 -5.19 -28.87
CA LYS L 72 -14.85 -5.47 -28.48
C LYS L 72 -14.52 -6.93 -28.75
N GLU L 73 -13.28 -7.18 -29.19
CA GLU L 73 -12.75 -8.52 -29.36
C GLU L 73 -11.50 -8.63 -28.49
N THR L 74 -11.65 -9.22 -27.30
CA THR L 74 -10.53 -9.35 -26.38
C THR L 74 -9.53 -10.40 -26.81
N SER L 75 -9.86 -11.24 -27.80
CA SER L 75 -8.89 -12.20 -28.33
C SER L 75 -7.75 -11.48 -29.04
N SER L 76 -8.09 -10.53 -29.91
CA SER L 76 -7.11 -9.70 -30.60
C SER L 76 -6.92 -8.36 -29.93
N ASN L 77 -7.65 -8.07 -28.85
CA ASN L 77 -7.52 -6.84 -28.07
C ASN L 77 -7.75 -5.61 -28.96
N THR L 78 -8.96 -5.52 -29.50
CA THR L 78 -9.33 -4.44 -30.40
C THR L 78 -10.77 -4.02 -30.15
N ALA L 79 -10.99 -2.71 -30.09
CA ALA L 79 -12.33 -2.13 -29.96
C ALA L 79 -12.86 -1.75 -31.33
N PHE L 80 -14.18 -1.78 -31.47
CA PHE L 80 -14.83 -1.60 -32.76
C PHE L 80 -15.77 -0.40 -32.73
N LEU L 81 -16.02 0.14 -33.93
CA LEU L 81 -17.01 1.20 -34.15
C LEU L 81 -17.80 0.80 -35.40
N LEU L 82 -19.02 0.32 -35.20
CA LEU L 82 -19.85 -0.20 -36.28
C LEU L 82 -20.91 0.82 -36.67
N ILE L 83 -21.02 1.10 -37.97
CA ILE L 83 -22.00 2.04 -38.50
C ILE L 83 -22.74 1.32 -39.63
N SER L 84 -23.95 0.87 -39.35
CA SER L 84 -24.80 0.24 -40.35
C SER L 84 -25.60 1.30 -41.09
N GLY L 85 -25.96 0.99 -42.34
CA GLY L 85 -26.72 1.91 -43.15
C GLY L 85 -25.98 3.22 -43.40
N LEU L 86 -24.90 3.14 -44.18
CA LEU L 86 -24.03 4.30 -44.38
C LEU L 86 -24.77 5.38 -45.17
N GLN L 87 -24.94 6.55 -44.53
CA GLN L 87 -25.46 7.75 -45.15
C GLN L 87 -24.30 8.71 -45.46
N PRO L 88 -24.45 9.59 -46.46
CA PRO L 88 -23.32 10.42 -46.88
C PRO L 88 -22.88 11.44 -45.85
N GLU L 89 -23.74 11.81 -44.89
CA GLU L 89 -23.39 12.85 -43.93
C GLU L 89 -22.32 12.40 -42.95
N ASP L 90 -22.04 11.10 -42.84
CA ASP L 90 -21.15 10.58 -41.82
C ASP L 90 -19.70 10.48 -42.27
N GLU L 91 -19.40 10.77 -43.54
CA GLU L 91 -18.04 10.65 -44.05
C GLU L 91 -17.14 11.67 -43.38
N ALA L 92 -16.19 11.19 -42.58
CA ALA L 92 -15.24 12.05 -41.86
C ALA L 92 -14.12 11.14 -41.35
N ASP L 93 -13.25 11.71 -40.52
CA ASP L 93 -12.17 10.96 -39.89
C ASP L 93 -12.50 10.74 -38.42
N TYR L 94 -12.37 9.49 -37.97
CA TYR L 94 -12.75 9.10 -36.62
C TYR L 94 -11.51 8.79 -35.78
N TYR L 95 -11.64 8.99 -34.47
CA TYR L 95 -10.57 8.74 -33.52
C TYR L 95 -11.10 7.94 -32.34
N CYS L 96 -10.22 7.16 -31.73
CA CYS L 96 -10.53 6.46 -30.49
C CYS L 96 -9.59 6.93 -29.39
N GLN L 97 -10.07 6.85 -28.14
CA GLN L 97 -9.34 7.42 -27.02
C GLN L 97 -9.70 6.69 -25.74
N VAL L 98 -8.70 6.52 -24.87
CA VAL L 98 -8.87 5.97 -23.53
C VAL L 98 -8.01 6.79 -22.57
N TYR L 99 -8.03 6.39 -21.30
CA TYR L 99 -7.15 6.97 -20.29
C TYR L 99 -6.45 5.84 -19.55
N ASP L 100 -5.13 5.94 -19.45
CA ASP L 100 -4.30 4.87 -18.90
C ASP L 100 -4.14 5.06 -17.39
N GLY L 101 -3.17 4.36 -16.80
CA GLY L 101 -3.02 4.36 -15.34
C GLY L 101 -2.98 5.75 -14.73
N SER L 102 -2.13 6.62 -15.27
CA SER L 102 -1.98 7.98 -14.74
C SER L 102 -2.93 8.97 -15.41
N ALA L 103 -4.05 8.49 -15.96
CA ALA L 103 -5.10 9.35 -16.52
C ALA L 103 -4.57 10.19 -17.68
N ASN L 104 -3.73 9.60 -18.52
CA ASN L 104 -3.23 10.25 -19.72
C ASN L 104 -4.05 9.80 -20.92
N ASP L 105 -4.57 10.76 -21.67
CA ASP L 105 -5.38 10.46 -22.85
C ASP L 105 -4.47 10.05 -24.00
N VAL L 106 -4.82 8.93 -24.64
CA VAL L 106 -4.08 8.41 -25.79
C VAL L 106 -5.05 8.31 -26.96
N PHE L 107 -4.74 9.01 -28.05
CA PHE L 107 -5.56 9.01 -29.24
C PHE L 107 -4.98 8.06 -30.28
N GLY L 108 -5.64 8.00 -31.43
CA GLY L 108 -5.25 7.12 -32.52
C GLY L 108 -4.61 7.86 -33.68
N SER L 109 -4.52 7.15 -34.80
CA SER L 109 -3.88 7.69 -35.99
C SER L 109 -4.85 8.44 -36.90
N GLY L 110 -6.16 8.18 -36.79
CA GLY L 110 -7.13 8.84 -37.63
C GLY L 110 -7.65 7.96 -38.74
N THR L 111 -8.85 7.43 -38.58
CA THR L 111 -9.46 6.54 -39.57
C THR L 111 -10.18 7.37 -40.62
N LYS L 112 -9.67 7.36 -41.85
CA LYS L 112 -10.28 8.11 -42.94
C LYS L 112 -11.42 7.29 -43.52
N LEU L 113 -12.65 7.59 -43.08
CA LEU L 113 -13.83 6.88 -43.56
C LEU L 113 -14.29 7.45 -44.90
N THR L 114 -14.49 6.57 -45.87
CA THR L 114 -14.90 6.98 -47.22
C THR L 114 -16.00 6.03 -47.69
N VAL L 115 -17.21 6.54 -47.81
CA VAL L 115 -18.34 5.78 -48.32
C VAL L 115 -18.38 5.93 -49.83
N LEU L 116 -18.42 4.81 -50.54
CA LEU L 116 -18.42 4.80 -52.00
C LEU L 116 -19.66 5.47 -52.57
#